data_9BT6
#
_entry.id   9BT6
#
_cell.length_a   58.453
_cell.length_b   120.339
_cell.length_c   143.403
_cell.angle_alpha   90.00
_cell.angle_beta   95.32
_cell.angle_gamma   90.00
#
_symmetry.space_group_name_H-M   'P 1 21 1'
#
loop_
_entity.id
_entity.type
_entity.pdbx_description
1 polymer 'Secreted chorismate mutase'
2 polymer 'Peptide L2.1'
3 non-polymer 'SULFATE ION'
4 water water
#
loop_
_entity_poly.entity_id
_entity_poly.type
_entity_poly.pdbx_seq_one_letter_code
_entity_poly.pdbx_strand_id
1 'polypeptide(L)'
;DGTSQLAELVDAAAERLEVADPVAAFKWRAQLPIEDSGRVEQQLAKLGEDARSQHIDPDYVTRVFDDQIRATEAIEYSRF
SDWKLNPASAPPEPPDLSASRSAIDSLNNRMLSQIWSHWSLLSAPSCAAQLDRAKRDIVRSRHLDSLYQRALTTATQSYC
QALPPAGLNDIFEAQKIEWHESSGLVPRGSAAGHHHHHHHHHHEL
;
A,B,C,D,E,F,G,H
2 'polypeptide(L)' (ACE)YLWTYYELIFKPC a,b,c,d,e,f,g,h
#
# COMPACT_ATOMS: atom_id res chain seq x y z
N THR A 3 28.62 -6.88 -10.18
CA THR A 3 27.97 -6.37 -11.37
C THR A 3 28.87 -6.44 -12.58
N SER A 4 28.24 -6.49 -13.75
CA SER A 4 28.97 -6.55 -15.01
C SER A 4 29.29 -5.13 -15.48
N GLN A 5 30.38 -5.02 -16.24
CA GLN A 5 30.76 -3.76 -16.86
C GLN A 5 29.88 -3.42 -18.04
N LEU A 6 29.14 -4.39 -18.56
CA LEU A 6 28.23 -4.15 -19.66
C LEU A 6 26.86 -3.75 -19.16
N ALA A 7 26.69 -3.62 -17.85
CA ALA A 7 25.38 -3.37 -17.28
C ALA A 7 24.77 -2.10 -17.85
N GLU A 8 25.54 -1.03 -17.94
CA GLU A 8 24.96 0.22 -18.44
C GLU A 8 24.71 0.14 -19.94
N LEU A 9 25.61 -0.51 -20.69
CA LEU A 9 25.36 -0.68 -22.12
C LEU A 9 24.10 -1.49 -22.36
N VAL A 10 23.91 -2.57 -21.59
CA VAL A 10 22.69 -3.38 -21.75
C VAL A 10 21.48 -2.61 -21.26
N ASP A 11 21.63 -1.83 -20.18
CA ASP A 11 20.51 -1.03 -19.70
C ASP A 11 20.12 0.02 -20.74
N ALA A 12 21.09 0.63 -21.39
CA ALA A 12 20.76 1.57 -22.45
C ALA A 12 20.02 0.86 -23.58
N ALA A 13 20.48 -0.33 -23.95
CA ALA A 13 19.82 -1.07 -25.02
C ALA A 13 18.41 -1.48 -24.64
N ALA A 14 18.21 -1.97 -23.40
CA ALA A 14 16.88 -2.37 -22.98
C ALA A 14 15.94 -1.18 -22.95
N GLU A 15 16.40 -0.04 -22.43
CA GLU A 15 15.58 1.16 -22.46
C GLU A 15 15.25 1.58 -23.87
N ARG A 16 16.21 1.43 -24.80
CA ARG A 16 15.95 1.81 -26.18
C ARG A 16 14.88 0.93 -26.81
N LEU A 17 14.80 -0.34 -26.40
CA LEU A 17 13.80 -1.22 -26.97
C LEU A 17 12.39 -0.71 -26.71
N GLU A 18 12.20 0.01 -25.60
CA GLU A 18 10.89 0.50 -25.22
C GLU A 18 10.35 1.57 -26.14
N VAL A 19 11.17 2.12 -27.05
CA VAL A 19 10.65 3.01 -28.07
C VAL A 19 9.65 2.27 -28.95
N ALA A 20 9.68 0.93 -28.93
CA ALA A 20 8.76 0.14 -29.75
C ALA A 20 7.32 0.42 -29.35
N ASP A 21 7.05 0.62 -28.06
CA ASP A 21 5.67 0.83 -27.64
C ASP A 21 5.10 2.12 -28.22
N PRO A 22 5.73 3.28 -28.08
CA PRO A 22 5.19 4.47 -28.77
C PRO A 22 5.11 4.32 -30.28
N VAL A 23 6.10 3.68 -30.91
CA VAL A 23 6.11 3.59 -32.36
C VAL A 23 4.98 2.70 -32.85
N ALA A 24 4.78 1.54 -32.21
CA ALA A 24 3.65 0.70 -32.59
C ALA A 24 2.34 1.45 -32.36
N ALA A 25 2.22 2.14 -31.23
CA ALA A 25 0.99 2.87 -30.95
C ALA A 25 0.72 3.90 -32.04
N PHE A 26 1.75 4.60 -32.50
CA PHE A 26 1.56 5.55 -33.58
C PHE A 26 1.32 4.86 -34.92
N LYS A 27 2.15 3.86 -35.25
CA LYS A 27 2.00 3.21 -36.55
C LYS A 27 0.67 2.50 -36.66
N TRP A 28 0.15 1.99 -35.55
CA TRP A 28 -1.17 1.36 -35.57
C TRP A 28 -2.24 2.35 -36.03
N ARG A 29 -2.30 3.53 -35.40
CA ARG A 29 -3.33 4.51 -35.72
C ARG A 29 -3.11 5.10 -37.11
N ALA A 30 -1.86 5.30 -37.50
CA ALA A 30 -1.54 5.95 -38.77
C ALA A 30 -1.44 4.97 -39.92
N GLN A 31 -1.62 3.67 -39.67
CA GLN A 31 -1.51 2.63 -40.68
C GLN A 31 -0.19 2.72 -41.43
N LEU A 32 0.92 2.88 -40.66
CA LEU A 32 2.24 2.90 -41.28
C LEU A 32 2.85 1.52 -41.23
N PRO A 33 3.65 1.15 -42.24
CA PRO A 33 4.32 -0.15 -42.21
C PRO A 33 5.35 -0.21 -41.10
N ILE A 34 5.34 -1.32 -40.37
CA ILE A 34 6.37 -1.56 -39.37
C ILE A 34 7.72 -1.73 -40.05
N GLU A 35 7.73 -2.26 -41.26
CA GLU A 35 9.01 -2.54 -41.92
C GLU A 35 9.75 -1.28 -42.29
N ASP A 36 9.03 -0.18 -42.59
CA ASP A 36 9.67 1.08 -42.96
C ASP A 36 10.21 1.72 -41.68
N SER A 37 11.41 1.29 -41.31
CA SER A 37 11.96 1.58 -40.00
C SER A 37 13.24 2.41 -40.02
N GLY A 38 13.80 2.71 -41.19
CA GLY A 38 14.86 3.69 -41.29
C GLY A 38 16.22 3.16 -41.68
N ARG A 39 16.35 1.87 -41.94
CA ARG A 39 17.66 1.35 -42.35
C ARG A 39 17.88 1.73 -43.82
N VAL A 40 18.15 3.02 -44.02
CA VAL A 40 18.39 3.59 -45.34
C VAL A 40 19.82 4.11 -45.36
N GLU A 41 20.31 4.42 -46.57
CA GLU A 41 21.72 4.75 -46.72
C GLU A 41 22.12 5.96 -45.89
N GLN A 42 21.27 7.00 -45.85
CA GLN A 42 21.62 8.19 -45.08
C GLN A 42 21.78 7.89 -43.60
N GLN A 43 20.92 7.05 -43.05
CA GLN A 43 21.04 6.69 -41.63
C GLN A 43 22.26 5.80 -41.40
N LEU A 44 22.52 4.86 -42.32
CA LEU A 44 23.70 4.00 -42.17
C LEU A 44 24.98 4.83 -42.21
N ALA A 45 25.07 5.76 -43.15
CA ALA A 45 26.26 6.61 -43.25
C ALA A 45 26.41 7.47 -42.00
N LYS A 46 25.31 8.07 -41.54
CA LYS A 46 25.40 8.87 -40.33
C LYS A 46 25.84 8.02 -39.15
N LEU A 47 25.30 6.81 -39.05
CA LEU A 47 25.72 5.91 -37.97
C LEU A 47 27.20 5.61 -38.04
N GLY A 48 27.71 5.33 -39.25
CA GLY A 48 29.13 5.03 -39.39
C GLY A 48 30.01 6.23 -39.09
N GLU A 49 29.59 7.41 -39.54
CA GLU A 49 30.35 8.62 -39.25
C GLU A 49 30.31 8.93 -37.76
N ASP A 50 29.18 8.67 -37.11
CA ASP A 50 29.14 8.82 -35.66
C ASP A 50 29.99 7.78 -34.96
N ALA A 51 30.08 6.57 -35.52
CA ALA A 51 30.92 5.53 -34.94
C ALA A 51 32.40 5.88 -35.06
N ARG A 52 32.82 6.29 -36.25
CA ARG A 52 34.22 6.68 -36.42
C ARG A 52 34.57 7.85 -35.51
N SER A 53 33.61 8.75 -35.26
CA SER A 53 33.85 9.86 -34.35
C SER A 53 34.06 9.38 -32.92
N GLN A 54 33.48 8.23 -32.57
CA GLN A 54 33.67 7.62 -31.26
C GLN A 54 34.80 6.60 -31.25
N HIS A 55 35.47 6.42 -32.39
CA HIS A 55 36.62 5.52 -32.49
C HIS A 55 36.25 4.07 -32.17
N ILE A 56 35.13 3.63 -32.76
CA ILE A 56 34.69 2.25 -32.72
C ILE A 56 34.39 1.81 -34.15
N ASP A 57 34.48 0.52 -34.39
CA ASP A 57 34.35 -0.02 -35.73
C ASP A 57 32.96 0.22 -36.29
N PRO A 58 32.83 0.89 -37.45
CA PRO A 58 31.48 1.10 -38.01
C PRO A 58 30.75 -0.19 -38.30
N ASP A 59 31.45 -1.23 -38.76
CA ASP A 59 30.78 -2.49 -39.04
C ASP A 59 30.25 -3.11 -37.76
N TYR A 60 31.00 -3.00 -36.66
CA TYR A 60 30.52 -3.50 -35.39
C TYR A 60 29.28 -2.73 -34.94
N VAL A 61 29.36 -1.40 -34.95
CA VAL A 61 28.22 -0.59 -34.52
C VAL A 61 27.01 -0.86 -35.41
N THR A 62 27.24 -0.94 -36.72
CA THR A 62 26.15 -1.25 -37.64
C THR A 62 25.55 -2.61 -37.32
N ARG A 63 26.38 -3.59 -36.99
CA ARG A 63 25.87 -4.90 -36.60
C ARG A 63 25.02 -4.81 -35.34
N VAL A 64 25.45 -3.98 -34.39
CA VAL A 64 24.68 -3.82 -33.16
C VAL A 64 23.31 -3.25 -33.47
N PHE A 65 23.26 -2.19 -34.27
CA PHE A 65 21.99 -1.55 -34.55
C PHE A 65 21.13 -2.36 -35.50
N ASP A 66 21.74 -3.22 -36.33
CA ASP A 66 20.95 -4.18 -37.10
C ASP A 66 20.26 -5.19 -36.18
N ASP A 67 20.95 -5.63 -35.13
CA ASP A 67 20.29 -6.45 -34.12
C ASP A 67 19.23 -5.65 -33.36
N GLN A 68 19.53 -4.37 -33.05
CA GLN A 68 18.58 -3.57 -32.27
C GLN A 68 17.28 -3.35 -33.04
N ILE A 69 17.37 -3.04 -34.33
CA ILE A 69 16.16 -2.72 -35.09
C ILE A 69 15.29 -3.95 -35.23
N ARG A 70 15.92 -5.11 -35.42
CA ARG A 70 15.16 -6.36 -35.50
C ARG A 70 14.43 -6.64 -34.20
N ALA A 71 15.07 -6.37 -33.07
CA ALA A 71 14.39 -6.52 -31.79
C ALA A 71 13.25 -5.52 -31.65
N THR A 72 13.46 -4.29 -32.11
CA THR A 72 12.42 -3.27 -31.96
C THR A 72 11.19 -3.62 -32.80
N GLU A 73 11.41 -3.98 -34.06
CA GLU A 73 10.29 -4.37 -34.92
C GLU A 73 9.56 -5.57 -34.35
N ALA A 74 10.28 -6.51 -33.73
CA ALA A 74 9.65 -7.69 -33.17
C ALA A 74 8.66 -7.32 -32.09
N ILE A 75 9.00 -6.32 -31.25
CA ILE A 75 8.07 -5.85 -30.23
C ILE A 75 6.84 -5.22 -30.90
N GLU A 76 7.08 -4.39 -31.91
CA GLU A 76 5.96 -3.72 -32.58
C GLU A 76 5.01 -4.75 -33.20
N TYR A 77 5.56 -5.82 -33.77
CA TYR A 77 4.74 -6.88 -34.33
C TYR A 77 3.94 -7.60 -33.25
N SER A 78 4.54 -7.85 -32.09
CA SER A 78 3.82 -8.50 -31.01
C SER A 78 2.70 -7.60 -30.47
N ARG A 79 2.96 -6.29 -30.39
CA ARG A 79 1.91 -5.36 -29.99
C ARG A 79 0.76 -5.38 -31.00
N PHE A 80 1.08 -5.39 -32.29
CA PHE A 80 0.02 -5.47 -33.29
C PHE A 80 -0.76 -6.77 -33.13
N SER A 81 -0.06 -7.86 -32.81
CA SER A 81 -0.74 -9.12 -32.56
C SER A 81 -1.71 -9.00 -31.40
N ASP A 82 -1.26 -8.37 -30.30
CA ASP A 82 -2.13 -8.21 -29.14
C ASP A 82 -3.31 -7.31 -29.44
N TRP A 83 -3.09 -6.20 -30.14
CA TRP A 83 -4.17 -5.26 -30.40
C TRP A 83 -5.16 -5.79 -31.42
N LYS A 84 -4.72 -6.70 -32.29
CA LYS A 84 -5.65 -7.36 -33.19
C LYS A 84 -6.56 -8.30 -32.42
N LEU A 85 -6.00 -9.05 -31.48
CA LEU A 85 -6.81 -9.99 -30.71
C LEU A 85 -7.77 -9.24 -29.79
N ASN A 86 -7.28 -8.24 -29.08
CA ASN A 86 -8.09 -7.44 -28.17
C ASN A 86 -7.80 -5.97 -28.41
N PRO A 87 -8.58 -5.30 -29.26
CA PRO A 87 -8.31 -3.88 -29.56
C PRO A 87 -8.36 -2.99 -28.33
N ALA A 88 -9.22 -3.29 -27.36
CA ALA A 88 -9.38 -2.41 -26.21
C ALA A 88 -8.09 -2.28 -25.40
N SER A 89 -7.20 -3.27 -25.49
CA SER A 89 -5.94 -3.23 -24.74
C SER A 89 -4.94 -2.24 -25.35
N ALA A 90 -5.25 -1.65 -26.50
CA ALA A 90 -4.37 -0.67 -27.12
C ALA A 90 -4.23 0.56 -26.23
N PRO A 91 -3.06 1.21 -26.23
CA PRO A 91 -2.86 2.40 -25.41
C PRO A 91 -3.89 3.46 -25.74
N PRO A 92 -4.45 4.11 -24.76
CA PRO A 92 -5.42 5.17 -25.06
C PRO A 92 -4.68 6.46 -25.41
N GLU A 93 -3.56 6.66 -24.74
CA GLU A 93 -2.84 7.92 -24.84
C GLU A 93 -2.01 7.98 -26.12
N PRO A 94 -1.93 9.13 -26.78
CA PRO A 94 -1.04 9.26 -27.94
C PRO A 94 0.42 9.24 -27.49
N PRO A 95 1.32 8.68 -28.29
CA PRO A 95 2.73 8.72 -27.93
C PRO A 95 3.33 10.11 -28.12
N ASP A 96 4.33 10.44 -27.28
CA ASP A 96 5.03 11.72 -27.37
C ASP A 96 6.33 11.47 -28.14
N LEU A 97 6.26 11.68 -29.46
CA LEU A 97 7.39 11.34 -30.32
C LEU A 97 8.47 12.42 -30.34
N SER A 98 8.11 13.68 -30.07
CA SER A 98 9.16 14.68 -29.89
C SER A 98 10.00 14.35 -28.66
N ALA A 99 9.34 13.94 -27.57
CA ALA A 99 10.07 13.46 -26.40
C ALA A 99 10.90 12.24 -26.74
N SER A 100 10.32 11.31 -27.47
CA SER A 100 11.04 10.08 -27.80
C SER A 100 12.27 10.38 -28.65
N ARG A 101 12.18 11.38 -29.53
CA ARG A 101 13.32 11.69 -30.39
C ARG A 101 14.55 12.06 -29.57
N SER A 102 14.38 12.86 -28.54
CA SER A 102 15.52 13.25 -27.72
C SER A 102 16.03 12.10 -26.87
N ALA A 103 15.13 11.23 -26.41
CA ALA A 103 15.57 10.05 -25.67
C ALA A 103 16.42 9.14 -26.54
N ILE A 104 16.00 8.92 -27.79
CA ILE A 104 16.76 8.05 -28.68
C ILE A 104 18.14 8.65 -28.92
N ASP A 105 18.22 9.96 -29.09
CA ASP A 105 19.52 10.59 -29.31
C ASP A 105 20.44 10.37 -28.11
N SER A 106 19.91 10.53 -26.90
CA SER A 106 20.71 10.27 -25.70
C SER A 106 21.06 8.79 -25.58
N LEU A 107 20.11 7.90 -25.86
CA LEU A 107 20.41 6.47 -25.76
C LEU A 107 21.45 6.07 -26.79
N ASN A 108 21.35 6.58 -28.01
CA ASN A 108 22.36 6.29 -29.02
C ASN A 108 23.75 6.67 -28.54
N ASN A 109 23.89 7.91 -28.05
CA ASN A 109 25.21 8.36 -27.60
C ASN A 109 25.71 7.51 -26.44
N ARG A 110 24.86 7.20 -25.48
CA ARG A 110 25.30 6.39 -24.36
C ARG A 110 25.78 5.02 -24.83
N MET A 111 25.05 4.42 -25.77
CA MET A 111 25.46 3.13 -26.30
C MET A 111 26.81 3.21 -26.98
N LEU A 112 27.01 4.21 -27.85
CA LEU A 112 28.27 4.30 -28.57
C LEU A 112 29.43 4.57 -27.62
N SER A 113 29.27 5.51 -26.69
CA SER A 113 30.37 5.78 -25.78
C SER A 113 30.63 4.58 -24.86
N GLN A 114 29.58 3.82 -24.52
CA GLN A 114 29.78 2.61 -23.75
C GLN A 114 30.55 1.55 -24.54
N ILE A 115 30.26 1.42 -25.84
CA ILE A 115 30.97 0.44 -26.65
C ILE A 115 32.45 0.79 -26.73
N TRP A 116 32.77 2.08 -26.86
CA TRP A 116 34.16 2.48 -26.78
C TRP A 116 34.71 2.27 -25.37
N SER A 117 33.96 2.69 -24.35
CA SER A 117 34.46 2.62 -22.98
C SER A 117 34.72 1.19 -22.52
N HIS A 118 34.14 0.19 -23.17
CA HIS A 118 34.32 -1.20 -22.80
C HIS A 118 34.81 -2.04 -23.99
N TRP A 119 35.45 -1.41 -24.96
CA TRP A 119 35.90 -2.14 -26.15
C TRP A 119 36.82 -3.28 -25.77
N SER A 120 37.67 -3.07 -24.77
CA SER A 120 38.60 -4.11 -24.36
C SER A 120 37.87 -5.34 -23.86
N LEU A 121 36.81 -5.15 -23.06
CA LEU A 121 36.06 -6.29 -22.55
C LEU A 121 35.24 -6.95 -23.64
N LEU A 122 34.66 -6.16 -24.55
CA LEU A 122 33.84 -6.72 -25.62
C LEU A 122 34.64 -7.63 -26.53
N SER A 123 35.95 -7.40 -26.63
CA SER A 123 36.84 -8.25 -27.41
C SER A 123 37.41 -9.40 -26.60
N ALA A 124 37.12 -9.47 -25.32
CA ALA A 124 37.78 -10.43 -24.45
C ALA A 124 36.99 -11.71 -24.33
N PRO A 125 37.65 -12.81 -23.94
CA PRO A 125 36.92 -14.07 -23.75
C PRO A 125 35.85 -13.99 -22.67
N SER A 126 35.99 -13.10 -21.70
CA SER A 126 35.03 -12.98 -20.62
C SER A 126 33.78 -12.19 -21.01
N CYS A 127 33.70 -11.72 -22.26
CA CYS A 127 32.55 -10.96 -22.70
C CYS A 127 31.27 -11.76 -22.52
N ALA A 128 31.28 -13.04 -22.91
CA ALA A 128 30.05 -13.84 -22.88
C ALA A 128 29.49 -13.93 -21.47
N ALA A 129 30.35 -14.23 -20.50
CA ALA A 129 29.90 -14.29 -19.11
C ALA A 129 29.45 -12.92 -18.62
N GLN A 130 30.21 -11.87 -18.96
CA GLN A 130 29.84 -10.52 -18.55
C GLN A 130 28.51 -10.11 -19.15
N LEU A 131 28.26 -10.46 -20.41
CA LEU A 131 26.99 -10.11 -21.03
C LEU A 131 25.83 -10.86 -20.38
N ASP A 132 26.02 -12.14 -20.10
CA ASP A 132 24.95 -12.92 -19.47
C ASP A 132 24.58 -12.35 -18.10
N ARG A 133 25.58 -12.03 -17.28
CA ARG A 133 25.30 -11.39 -15.99
C ARG A 133 24.61 -10.04 -16.18
N ALA A 134 25.06 -9.24 -17.14
CA ALA A 134 24.44 -7.94 -17.37
C ALA A 134 22.96 -8.09 -17.72
N LYS A 135 22.63 -9.00 -18.63
CA LYS A 135 21.25 -9.17 -19.04
C LYS A 135 20.35 -9.53 -17.86
N ARG A 136 20.80 -10.45 -17.02
CA ARG A 136 19.98 -10.85 -15.88
C ARG A 136 19.78 -9.69 -14.92
N ASP A 137 20.82 -8.90 -14.68
CA ASP A 137 20.67 -7.72 -13.84
C ASP A 137 19.66 -6.76 -14.43
N ILE A 138 19.77 -6.51 -15.74
CA ILE A 138 18.87 -5.56 -16.39
C ILE A 138 17.46 -6.13 -16.45
N VAL A 139 17.34 -7.43 -16.72
CA VAL A 139 16.02 -8.06 -16.74
C VAL A 139 15.38 -8.01 -15.36
N ARG A 140 16.18 -8.22 -14.30
CA ARG A 140 15.62 -8.09 -12.96
C ARG A 140 15.29 -6.63 -12.65
N SER A 141 16.26 -5.73 -12.86
CA SER A 141 16.09 -4.34 -12.40
C SER A 141 15.07 -3.60 -13.26
N ARG A 142 14.95 -3.92 -14.54
CA ARG A 142 13.96 -3.29 -15.39
C ARG A 142 12.62 -4.04 -15.41
N HIS A 143 12.52 -5.17 -14.71
CA HIS A 143 11.28 -5.95 -14.67
C HIS A 143 10.77 -6.20 -16.08
N LEU A 144 11.65 -6.81 -16.88
CA LEU A 144 11.35 -7.08 -18.28
C LEU A 144 10.54 -8.36 -18.41
N ASP A 145 9.50 -8.30 -19.26
CA ASP A 145 8.64 -9.44 -19.51
C ASP A 145 9.29 -10.36 -20.55
N SER A 146 8.62 -11.48 -20.85
CA SER A 146 9.23 -12.47 -21.74
C SER A 146 9.57 -11.86 -23.09
N LEU A 147 8.68 -11.02 -23.63
CA LEU A 147 8.91 -10.41 -24.93
C LEU A 147 10.17 -9.54 -24.90
N TYR A 148 10.28 -8.66 -23.88
CA TYR A 148 11.44 -7.78 -23.84
C TYR A 148 12.72 -8.54 -23.53
N GLN A 149 12.65 -9.59 -22.72
CA GLN A 149 13.84 -10.40 -22.47
C GLN A 149 14.38 -10.98 -23.77
N ARG A 150 13.51 -11.59 -24.56
CA ARG A 150 13.96 -12.18 -25.81
C ARG A 150 14.46 -11.10 -26.77
N ALA A 151 13.77 -9.96 -26.79
CA ALA A 151 14.21 -8.87 -27.64
C ALA A 151 15.56 -8.33 -27.19
N LEU A 152 15.81 -8.31 -25.88
CA LEU A 152 17.10 -7.88 -25.38
C LEU A 152 18.19 -8.86 -25.80
N THR A 153 17.88 -10.16 -25.79
CA THR A 153 18.82 -11.16 -26.28
C THR A 153 19.16 -10.92 -27.75
N THR A 154 18.14 -10.67 -28.57
CA THR A 154 18.38 -10.42 -29.99
C THR A 154 19.22 -9.16 -30.17
N ALA A 155 18.95 -8.13 -29.38
CA ALA A 155 19.62 -6.85 -29.59
C ALA A 155 21.08 -6.88 -29.17
N THR A 156 21.47 -7.81 -28.29
CA THR A 156 22.81 -7.86 -27.73
C THR A 156 23.62 -9.04 -28.24
N GLN A 157 23.12 -9.76 -29.23
CA GLN A 157 23.73 -11.02 -29.61
C GLN A 157 25.05 -10.85 -30.36
N SER A 158 25.39 -9.64 -30.80
CA SER A 158 26.66 -9.38 -31.46
C SER A 158 27.61 -8.54 -30.62
N TYR A 159 27.29 -8.31 -29.34
CA TYR A 159 28.17 -7.50 -28.51
C TYR A 159 29.56 -8.12 -28.41
N CYS A 160 29.63 -9.44 -28.30
CA CYS A 160 30.89 -10.14 -28.10
C CYS A 160 31.55 -10.57 -29.41
N GLN A 161 31.13 -10.00 -30.54
CA GLN A 161 31.79 -10.25 -31.82
C GLN A 161 32.88 -9.22 -32.13
N ALA A 162 33.46 -8.59 -31.11
CA ALA A 162 34.52 -7.61 -31.25
C ALA A 162 35.90 -8.26 -31.24
N LEU A 163 36.88 -7.51 -31.74
CA LEU A 163 38.23 -8.03 -31.94
C LEU A 163 39.26 -7.12 -31.24
N THR B 3 -19.57 -33.91 -25.65
CA THR B 3 -19.14 -32.99 -26.71
C THR B 3 -20.22 -31.92 -26.97
N SER B 4 -19.79 -30.73 -27.41
CA SER B 4 -20.71 -29.63 -27.62
C SER B 4 -21.31 -29.62 -29.01
N GLN B 5 -22.50 -29.02 -29.11
CA GLN B 5 -23.22 -28.91 -30.37
C GLN B 5 -22.57 -27.90 -31.31
N LEU B 6 -21.72 -27.03 -30.79
CA LEU B 6 -20.96 -26.10 -31.60
C LEU B 6 -19.56 -26.63 -31.94
N ALA B 7 -19.25 -27.86 -31.55
CA ALA B 7 -17.89 -28.37 -31.73
C ALA B 7 -17.45 -28.30 -33.18
N GLU B 8 -18.32 -28.67 -34.12
CA GLU B 8 -17.91 -28.71 -35.51
C GLU B 8 -17.73 -27.29 -36.07
N LEU B 9 -18.58 -26.36 -35.66
CA LEU B 9 -18.41 -24.97 -36.10
C LEU B 9 -17.10 -24.37 -35.57
N VAL B 10 -16.77 -24.64 -34.30
CA VAL B 10 -15.53 -24.11 -33.75
C VAL B 10 -14.33 -24.77 -34.38
N ASP B 11 -14.41 -26.08 -34.64
CA ASP B 11 -13.30 -26.79 -35.28
C ASP B 11 -13.06 -26.25 -36.69
N ALA B 12 -14.13 -25.93 -37.42
CA ALA B 12 -13.96 -25.35 -38.74
C ALA B 12 -13.22 -24.02 -38.66
N ALA B 13 -13.58 -23.18 -37.68
CA ALA B 13 -12.87 -21.91 -37.50
C ALA B 13 -11.44 -22.15 -37.04
N ALA B 14 -11.24 -23.11 -36.14
CA ALA B 14 -9.89 -23.39 -35.65
C ALA B 14 -8.97 -23.88 -36.76
N GLU B 15 -9.48 -24.77 -37.62
CA GLU B 15 -8.70 -25.20 -38.77
C GLU B 15 -8.40 -24.03 -39.71
N ARG B 16 -9.37 -23.16 -39.93
CA ARG B 16 -9.15 -22.02 -40.83
C ARG B 16 -8.11 -21.04 -40.28
N LEU B 17 -7.99 -20.95 -38.94
CA LEU B 17 -6.98 -20.07 -38.37
C LEU B 17 -5.58 -20.50 -38.80
N GLU B 18 -5.38 -21.80 -39.04
CA GLU B 18 -4.06 -22.31 -39.38
C GLU B 18 -3.59 -21.84 -40.75
N VAL B 19 -4.47 -21.24 -41.56
CA VAL B 19 -4.03 -20.63 -42.81
C VAL B 19 -3.04 -19.51 -42.54
N ALA B 20 -3.03 -18.99 -41.31
CA ALA B 20 -2.13 -17.88 -40.98
C ALA B 20 -0.68 -18.27 -41.21
N ASP B 21 -0.32 -19.53 -40.93
CA ASP B 21 1.08 -19.94 -41.05
C ASP B 21 1.58 -19.86 -42.48
N PRO B 22 0.96 -20.50 -43.47
CA PRO B 22 1.42 -20.32 -44.86
C PRO B 22 1.35 -18.87 -45.31
N VAL B 23 0.32 -18.13 -44.91
CA VAL B 23 0.16 -16.76 -45.39
C VAL B 23 1.24 -15.87 -44.82
N ALA B 24 1.52 -16.01 -43.52
CA ALA B 24 2.64 -15.28 -42.94
C ALA B 24 3.95 -15.69 -43.59
N ALA B 25 4.12 -16.99 -43.81
CA ALA B 25 5.35 -17.47 -44.43
C ALA B 25 5.55 -16.85 -45.81
N PHE B 26 4.48 -16.77 -46.61
CA PHE B 26 4.63 -16.19 -47.93
C PHE B 26 4.86 -14.68 -47.85
N LYS B 27 4.02 -13.99 -47.06
CA LYS B 27 4.13 -12.53 -47.01
C LYS B 27 5.48 -12.11 -46.48
N TRP B 28 6.07 -12.90 -45.59
CA TRP B 28 7.41 -12.61 -45.10
C TRP B 28 8.42 -12.58 -46.24
N ARG B 29 8.49 -13.64 -47.04
CA ARG B 29 9.48 -13.68 -48.12
C ARG B 29 9.15 -12.65 -49.20
N ALA B 30 7.88 -12.41 -49.46
CA ALA B 30 7.46 -11.51 -50.53
C ALA B 30 7.33 -10.07 -50.06
N GLN B 31 7.53 -9.84 -48.78
CA GLN B 31 7.40 -8.51 -48.18
C GLN B 31 6.04 -7.90 -48.52
N LEU B 32 4.99 -8.70 -48.34
CA LEU B 32 3.64 -8.19 -48.52
C LEU B 32 3.09 -7.73 -47.17
N PRO B 33 2.29 -6.66 -47.15
CA PRO B 33 1.71 -6.22 -45.88
C PRO B 33 0.70 -7.22 -45.35
N ILE B 34 0.77 -7.47 -44.04
CA ILE B 34 -0.23 -8.31 -43.40
C ILE B 34 -1.60 -7.63 -43.46
N GLU B 35 -1.63 -6.29 -43.45
CA GLU B 35 -2.90 -5.59 -43.38
C GLU B 35 -3.72 -5.75 -44.66
N ASP B 36 -3.07 -5.95 -45.80
CA ASP B 36 -3.77 -6.13 -47.07
C ASP B 36 -4.31 -7.56 -47.11
N SER B 37 -5.48 -7.76 -46.51
CA SER B 37 -5.98 -9.08 -46.21
C SER B 37 -7.27 -9.46 -46.92
N GLY B 38 -7.90 -8.54 -47.64
CA GLY B 38 -9.00 -8.90 -48.52
C GLY B 38 -10.36 -8.37 -48.12
N ARG B 39 -10.45 -7.59 -47.04
CA ARG B 39 -11.74 -7.04 -46.66
C ARG B 39 -12.10 -5.95 -47.66
N VAL B 40 -12.46 -6.35 -48.87
CA VAL B 40 -12.79 -5.42 -49.94
C VAL B 40 -14.24 -5.61 -50.32
N GLU B 41 -14.76 -4.62 -51.07
CA GLU B 41 -16.18 -4.59 -51.35
C GLU B 41 -16.62 -5.82 -52.12
N GLN B 42 -15.83 -6.25 -53.10
CA GLN B 42 -16.21 -7.44 -53.85
C GLN B 42 -16.27 -8.66 -52.95
N GLN B 43 -15.32 -8.81 -52.04
CA GLN B 43 -15.34 -9.96 -51.14
C GLN B 43 -16.47 -9.87 -50.13
N LEU B 44 -16.73 -8.67 -49.60
CA LEU B 44 -17.84 -8.52 -48.66
C LEU B 44 -19.16 -8.85 -49.32
N ALA B 45 -19.38 -8.33 -50.52
CA ALA B 45 -20.62 -8.63 -51.24
C ALA B 45 -20.72 -10.11 -51.53
N LYS B 46 -19.63 -10.75 -51.96
CA LYS B 46 -19.66 -12.18 -52.19
C LYS B 46 -20.03 -12.93 -50.92
N LEU B 47 -19.45 -12.53 -49.78
CA LEU B 47 -19.78 -13.19 -48.52
C LEU B 47 -21.28 -13.04 -48.24
N GLY B 48 -21.82 -11.85 -48.44
CA GLY B 48 -23.22 -11.62 -48.17
C GLY B 48 -24.15 -12.42 -49.07
N GLU B 49 -23.80 -12.50 -50.35
CA GLU B 49 -24.60 -13.31 -51.26
C GLU B 49 -24.50 -14.79 -50.89
N ASP B 50 -23.32 -15.24 -50.49
CA ASP B 50 -23.19 -16.63 -50.06
C ASP B 50 -23.93 -16.88 -48.76
N ALA B 51 -24.03 -15.86 -47.89
CA ALA B 51 -24.83 -16.01 -46.69
C ALA B 51 -26.32 -16.06 -47.02
N ARG B 52 -26.78 -15.13 -47.84
CA ARG B 52 -28.19 -15.11 -48.23
C ARG B 52 -28.59 -16.41 -48.93
N SER B 53 -27.68 -17.00 -49.71
CA SER B 53 -27.99 -18.28 -50.34
C SER B 53 -28.12 -19.39 -49.31
N GLN B 54 -27.50 -19.24 -48.15
CA GLN B 54 -27.61 -20.18 -47.03
C GLN B 54 -28.68 -19.76 -46.03
N HIS B 55 -29.38 -18.65 -46.29
CA HIS B 55 -30.48 -18.18 -45.44
C HIS B 55 -30.02 -17.89 -44.02
N ILE B 56 -28.91 -17.17 -43.92
CA ILE B 56 -28.43 -16.63 -42.65
C ILE B 56 -28.12 -15.16 -42.86
N ASP B 57 -28.20 -14.39 -41.78
CA ASP B 57 -28.08 -12.93 -41.87
C ASP B 57 -26.70 -12.52 -42.36
N PRO B 58 -26.60 -11.75 -43.44
CA PRO B 58 -25.27 -11.33 -43.90
C PRO B 58 -24.50 -10.51 -42.87
N ASP B 59 -25.16 -9.65 -42.10
CA ASP B 59 -24.44 -8.86 -41.11
C ASP B 59 -23.83 -9.75 -40.04
N TYR B 60 -24.57 -10.78 -39.61
CA TYR B 60 -24.02 -11.72 -38.64
C TYR B 60 -22.80 -12.43 -39.21
N VAL B 61 -22.92 -12.99 -40.41
CA VAL B 61 -21.82 -13.73 -41.02
C VAL B 61 -20.64 -12.81 -41.27
N THR B 62 -20.91 -11.59 -41.75
CA THR B 62 -19.84 -10.63 -41.96
C THR B 62 -19.14 -10.28 -40.64
N ARG B 63 -19.90 -10.16 -39.56
CA ARG B 63 -19.28 -9.94 -38.25
C ARG B 63 -18.43 -11.14 -37.84
N VAL B 64 -18.87 -12.35 -38.19
CA VAL B 64 -18.09 -13.54 -37.86
C VAL B 64 -16.74 -13.51 -38.58
N PHE B 65 -16.75 -13.18 -39.88
CA PHE B 65 -15.51 -13.19 -40.65
C PHE B 65 -14.64 -11.98 -40.35
N ASP B 66 -15.22 -10.89 -39.88
CA ASP B 66 -14.42 -9.79 -39.37
C ASP B 66 -13.66 -10.23 -38.11
N ASP B 67 -14.30 -11.02 -37.26
CA ASP B 67 -13.58 -11.58 -36.13
C ASP B 67 -12.49 -12.54 -36.62
N GLN B 68 -12.80 -13.34 -37.63
CA GLN B 68 -11.85 -14.33 -38.11
C GLN B 68 -10.62 -13.67 -38.72
N ILE B 69 -10.81 -12.59 -39.49
CA ILE B 69 -9.69 -11.95 -40.15
C ILE B 69 -8.75 -11.28 -39.14
N ARG B 70 -9.32 -10.68 -38.09
CA ARG B 70 -8.48 -10.11 -37.05
C ARG B 70 -7.67 -11.17 -36.34
N ALA B 71 -8.29 -12.33 -36.06
CA ALA B 71 -7.55 -13.43 -35.45
C ALA B 71 -6.49 -13.96 -36.39
N THR B 72 -6.80 -14.05 -37.68
CA THR B 72 -5.82 -14.58 -38.62
C THR B 72 -4.64 -13.62 -38.74
N GLU B 73 -4.92 -12.32 -38.90
CA GLU B 73 -3.85 -11.33 -38.94
C GLU B 73 -3.04 -11.34 -37.65
N ALA B 74 -3.72 -11.55 -36.51
CA ALA B 74 -3.03 -11.55 -35.24
C ALA B 74 -1.98 -12.65 -35.18
N ILE B 75 -2.31 -13.83 -35.72
CA ILE B 75 -1.33 -14.91 -35.75
C ILE B 75 -0.15 -14.54 -36.65
N GLU B 76 -0.44 -13.97 -37.82
CA GLU B 76 0.63 -13.58 -38.73
C GLU B 76 1.59 -12.59 -38.07
N TYR B 77 1.06 -11.61 -37.33
CA TYR B 77 1.92 -10.64 -36.66
C TYR B 77 2.80 -11.34 -35.63
N SER B 78 2.24 -12.32 -34.90
CA SER B 78 3.03 -13.02 -33.91
C SER B 78 4.12 -13.85 -34.57
N ARG B 79 3.83 -14.45 -35.73
CA ARG B 79 4.86 -15.17 -36.47
C ARG B 79 5.97 -14.22 -36.90
N PHE B 80 5.61 -13.04 -37.40
CA PHE B 80 6.62 -12.06 -37.76
C PHE B 80 7.45 -11.66 -36.56
N SER B 81 6.82 -11.52 -35.40
CA SER B 81 7.58 -11.16 -34.20
C SER B 81 8.61 -12.23 -33.88
N ASP B 82 8.21 -13.50 -33.93
CA ASP B 82 9.13 -14.59 -33.65
C ASP B 82 10.24 -14.67 -34.69
N TRP B 83 9.91 -14.46 -35.97
CA TRP B 83 10.92 -14.58 -37.02
C TRP B 83 11.88 -13.40 -36.99
N LYS B 84 11.47 -12.25 -36.47
CA LYS B 84 12.41 -11.15 -36.26
C LYS B 84 13.40 -11.44 -35.15
N LEU B 85 12.92 -12.01 -34.03
CA LEU B 85 13.81 -12.31 -32.92
C LEU B 85 14.75 -13.45 -33.26
N ASN B 86 14.23 -14.53 -33.86
CA ASN B 86 15.02 -15.70 -34.22
C ASN B 86 14.69 -16.07 -35.65
N PRO B 87 15.44 -15.55 -36.63
CA PRO B 87 15.11 -15.85 -38.03
C PRO B 87 15.14 -17.33 -38.36
N ALA B 88 16.04 -18.09 -37.73
CA ALA B 88 16.19 -19.49 -38.08
C ALA B 88 14.92 -20.31 -37.84
N SER B 89 14.06 -19.87 -36.93
CA SER B 89 12.85 -20.62 -36.63
C SER B 89 11.80 -20.50 -37.74
N ALA B 90 12.01 -19.63 -38.72
CA ALA B 90 11.06 -19.50 -39.81
C ALA B 90 10.97 -20.82 -40.58
N PRO B 91 9.79 -21.16 -41.09
CA PRO B 91 9.65 -22.42 -41.83
C PRO B 91 10.62 -22.45 -43.00
N PRO B 92 11.28 -23.57 -43.22
CA PRO B 92 12.18 -23.65 -44.38
C PRO B 92 11.40 -23.92 -45.67
N GLU B 93 10.31 -24.68 -45.57
CA GLU B 93 9.59 -25.08 -46.77
C GLU B 93 8.63 -23.98 -47.22
N PRO B 94 8.48 -23.79 -48.54
CA PRO B 94 7.53 -22.77 -49.03
C PRO B 94 6.10 -23.18 -48.78
N PRO B 95 5.20 -22.23 -48.54
CA PRO B 95 3.79 -22.58 -48.30
C PRO B 95 3.08 -23.02 -49.56
N ASP B 96 2.10 -23.90 -49.39
CA ASP B 96 1.29 -24.40 -50.50
C ASP B 96 -0.03 -23.61 -50.54
N LEU B 97 -0.06 -22.56 -51.36
CA LEU B 97 -1.24 -21.72 -51.40
C LEU B 97 -2.31 -22.27 -52.31
N SER B 98 -1.96 -23.07 -53.32
CA SER B 98 -3.00 -23.72 -54.11
C SER B 98 -3.78 -24.70 -53.24
N ALA B 99 -3.06 -25.47 -52.41
CA ALA B 99 -3.74 -26.34 -51.46
C ALA B 99 -4.61 -25.55 -50.49
N SER B 100 -4.08 -24.43 -49.97
CA SER B 100 -4.84 -23.62 -49.03
C SER B 100 -6.07 -23.02 -49.69
N ARG B 101 -5.98 -22.70 -50.99
CA ARG B 101 -7.11 -22.05 -51.66
C ARG B 101 -8.35 -22.93 -51.56
N SER B 102 -8.18 -24.22 -51.85
CA SER B 102 -9.28 -25.17 -51.77
C SER B 102 -9.67 -25.48 -50.33
N ALA B 103 -8.70 -25.48 -49.42
CA ALA B 103 -9.02 -25.70 -48.01
C ALA B 103 -9.93 -24.59 -47.47
N ILE B 104 -9.62 -23.33 -47.77
CA ILE B 104 -10.44 -22.23 -47.30
C ILE B 104 -11.86 -22.36 -47.87
N ASP B 105 -11.96 -22.74 -49.14
CA ASP B 105 -13.27 -22.84 -49.76
C ASP B 105 -14.14 -23.87 -49.04
N SER B 106 -13.57 -25.03 -48.72
CA SER B 106 -14.30 -26.01 -47.94
C SER B 106 -14.62 -25.50 -46.54
N LEU B 107 -13.64 -24.85 -45.90
CA LEU B 107 -13.85 -24.34 -44.55
C LEU B 107 -14.90 -23.24 -44.53
N ASN B 108 -14.87 -22.34 -45.52
CA ASN B 108 -15.92 -21.35 -45.60
C ASN B 108 -17.27 -22.03 -45.70
N ASN B 109 -17.39 -22.99 -46.62
CA ASN B 109 -18.65 -23.66 -46.82
C ASN B 109 -19.09 -24.38 -45.56
N ARG B 110 -18.15 -25.08 -44.90
CA ARG B 110 -18.51 -25.78 -43.67
C ARG B 110 -19.00 -24.80 -42.61
N MET B 111 -18.34 -23.65 -42.50
CA MET B 111 -18.76 -22.66 -41.51
C MET B 111 -20.17 -22.15 -41.79
N LEU B 112 -20.46 -21.79 -43.04
CA LEU B 112 -21.76 -21.18 -43.34
C LEU B 112 -22.91 -22.16 -43.08
N SER B 113 -22.77 -23.42 -43.50
CA SER B 113 -23.85 -24.37 -43.30
C SER B 113 -24.03 -24.69 -41.83
N GLN B 114 -22.95 -24.67 -41.04
CA GLN B 114 -23.06 -24.89 -39.61
C GLN B 114 -23.82 -23.75 -38.93
N ILE B 115 -23.58 -22.51 -39.36
CA ILE B 115 -24.29 -21.38 -38.77
C ILE B 115 -25.78 -21.52 -39.00
N TRP B 116 -26.17 -21.98 -40.19
CA TRP B 116 -27.58 -22.27 -40.42
C TRP B 116 -28.08 -23.42 -39.55
N SER B 117 -27.33 -24.53 -39.50
CA SER B 117 -27.76 -25.72 -38.79
C SER B 117 -27.84 -25.52 -37.28
N HIS B 118 -27.19 -24.49 -36.74
CA HIS B 118 -27.22 -24.22 -35.32
C HIS B 118 -27.71 -22.81 -35.03
N TRP B 119 -28.48 -22.24 -35.96
CA TRP B 119 -28.96 -20.88 -35.77
C TRP B 119 -29.80 -20.80 -34.51
N SER B 120 -30.63 -21.82 -34.27
CA SER B 120 -31.48 -21.83 -33.10
C SER B 120 -30.65 -21.80 -31.82
N LEU B 121 -29.59 -22.60 -31.78
CA LEU B 121 -28.72 -22.61 -30.60
C LEU B 121 -27.91 -21.33 -30.50
N LEU B 122 -27.43 -20.83 -31.64
CA LEU B 122 -26.63 -19.60 -31.63
C LEU B 122 -27.45 -18.39 -31.18
N SER B 123 -28.77 -18.44 -31.33
CA SER B 123 -29.64 -17.36 -30.88
C SER B 123 -30.11 -17.52 -29.45
N ALA B 124 -29.81 -18.65 -28.82
CA ALA B 124 -30.38 -18.97 -27.52
C ALA B 124 -29.46 -18.55 -26.38
N PRO B 125 -30.00 -18.39 -25.18
CA PRO B 125 -29.16 -18.04 -24.02
C PRO B 125 -28.09 -19.09 -23.71
N SER B 126 -28.31 -20.35 -24.07
CA SER B 126 -27.33 -21.39 -23.80
C SER B 126 -26.18 -21.39 -24.78
N CYS B 127 -26.20 -20.49 -25.76
CA CYS B 127 -25.13 -20.41 -26.75
C CYS B 127 -23.78 -20.21 -26.08
N ALA B 128 -23.70 -19.26 -25.14
CA ALA B 128 -22.41 -18.91 -24.55
C ALA B 128 -21.77 -20.10 -23.88
N ALA B 129 -22.55 -20.84 -23.08
CA ALA B 129 -22.02 -22.02 -22.41
C ALA B 129 -21.59 -23.08 -23.41
N GLN B 130 -22.41 -23.33 -24.43
CA GLN B 130 -22.10 -24.34 -25.43
C GLN B 130 -20.86 -23.96 -26.22
N LEU B 131 -20.68 -22.66 -26.49
CA LEU B 131 -19.46 -22.23 -27.18
C LEU B 131 -18.23 -22.47 -26.33
N ASP B 132 -18.30 -22.16 -25.04
CA ASP B 132 -17.16 -22.40 -24.16
C ASP B 132 -16.80 -23.88 -24.11
N ARG B 133 -17.81 -24.74 -24.01
CA ARG B 133 -17.54 -26.18 -24.09
C ARG B 133 -16.85 -26.53 -25.39
N ALA B 134 -17.34 -25.99 -26.51
CA ALA B 134 -16.73 -26.27 -27.80
C ALA B 134 -15.27 -25.80 -27.81
N LYS B 135 -15.01 -24.59 -27.33
CA LYS B 135 -13.64 -24.10 -27.29
C LYS B 135 -12.76 -25.02 -26.44
N ARG B 136 -13.26 -25.47 -25.29
CA ARG B 136 -12.50 -26.43 -24.49
C ARG B 136 -12.30 -27.73 -25.26
N ASP B 137 -13.33 -28.19 -25.99
CA ASP B 137 -13.18 -29.40 -26.79
C ASP B 137 -12.14 -29.24 -27.89
N ILE B 138 -12.24 -28.15 -28.67
CA ILE B 138 -11.35 -27.98 -29.81
C ILE B 138 -9.93 -27.65 -29.36
N VAL B 139 -9.79 -26.85 -28.31
CA VAL B 139 -8.46 -26.52 -27.80
C VAL B 139 -7.74 -27.81 -27.39
N ARG B 140 -8.46 -28.74 -26.77
CA ARG B 140 -7.86 -30.01 -26.40
C ARG B 140 -7.57 -30.86 -27.63
N SER B 141 -8.58 -31.09 -28.48
CA SER B 141 -8.44 -32.07 -29.55
C SER B 141 -7.49 -31.59 -30.65
N ARG B 142 -7.42 -30.28 -30.91
CA ARG B 142 -6.51 -29.75 -31.91
C ARG B 142 -5.14 -29.41 -31.34
N HIS B 143 -4.93 -29.67 -30.05
CA HIS B 143 -3.65 -29.40 -29.39
C HIS B 143 -3.22 -27.96 -29.66
N LEU B 144 -4.12 -27.03 -29.32
CA LEU B 144 -3.89 -25.62 -29.60
C LEU B 144 -3.02 -24.98 -28.54
N ASP B 145 -2.05 -24.18 -29.00
CA ASP B 145 -1.14 -23.47 -28.12
C ASP B 145 -1.77 -22.16 -27.66
N SER B 146 -1.02 -21.42 -26.83
CA SER B 146 -1.55 -20.20 -26.20
C SER B 146 -2.00 -19.18 -27.24
N LEU B 147 -1.21 -19.02 -28.31
CA LEU B 147 -1.57 -18.05 -29.34
C LEU B 147 -2.87 -18.45 -30.05
N TYR B 148 -2.99 -19.71 -30.45
CA TYR B 148 -4.18 -20.11 -31.20
C TYR B 148 -5.42 -20.09 -30.33
N GLN B 149 -5.28 -20.38 -29.03
CA GLN B 149 -6.42 -20.28 -28.13
C GLN B 149 -6.96 -18.86 -28.09
N ARG B 150 -6.08 -17.87 -27.94
CA ARG B 150 -6.53 -16.49 -27.90
C ARG B 150 -7.16 -16.07 -29.22
N ALA B 151 -6.59 -16.54 -30.35
CA ALA B 151 -7.16 -16.22 -31.65
C ALA B 151 -8.52 -16.87 -31.82
N LEU B 152 -8.68 -18.09 -31.29
CA LEU B 152 -9.98 -18.78 -31.36
C LEU B 152 -11.03 -18.03 -30.54
N THR B 153 -10.62 -17.47 -29.41
CA THR B 153 -11.53 -16.62 -28.65
C THR B 153 -11.93 -15.38 -29.45
N THR B 154 -10.95 -14.73 -30.08
CA THR B 154 -11.24 -13.55 -30.89
C THR B 154 -12.12 -13.89 -32.08
N ALA B 155 -11.88 -15.05 -32.70
CA ALA B 155 -12.59 -15.42 -33.92
C ALA B 155 -14.05 -15.80 -33.67
N THR B 156 -14.39 -16.22 -32.45
CA THR B 156 -15.72 -16.72 -32.15
C THR B 156 -16.51 -15.78 -31.24
N GLN B 157 -16.00 -14.58 -30.98
CA GLN B 157 -16.61 -13.74 -29.95
C GLN B 157 -17.95 -13.16 -30.37
N SER B 158 -18.33 -13.28 -31.65
CA SER B 158 -19.62 -12.80 -32.12
C SER B 158 -20.58 -13.93 -32.49
N TYR B 159 -20.22 -15.18 -32.19
CA TYR B 159 -21.10 -16.30 -32.52
C TYR B 159 -22.46 -16.18 -31.86
N CYS B 160 -22.48 -15.77 -30.58
CA CYS B 160 -23.72 -15.72 -29.82
C CYS B 160 -24.42 -14.37 -29.91
N GLN B 161 -24.06 -13.53 -30.89
CA GLN B 161 -24.74 -12.26 -31.11
C GLN B 161 -25.89 -12.41 -32.10
N ALA B 162 -26.44 -13.62 -32.26
CA ALA B 162 -27.55 -13.88 -33.16
C ALA B 162 -28.88 -13.69 -32.43
N LEU B 163 -29.94 -13.48 -33.21
CA LEU B 163 -31.24 -13.11 -32.67
C LEU B 163 -32.37 -14.03 -33.14
N THR C 3 -28.29 -26.28 62.31
CA THR C 3 -27.14 -26.22 61.42
C THR C 3 -26.47 -27.60 61.33
N SER C 4 -25.92 -27.91 60.18
CA SER C 4 -25.35 -29.23 59.92
C SER C 4 -23.97 -29.34 60.55
N GLN C 5 -23.61 -30.57 60.93
CA GLN C 5 -22.32 -30.81 61.58
C GLN C 5 -21.16 -30.69 60.61
N LEU C 6 -21.40 -30.85 59.30
CA LEU C 6 -20.36 -30.68 58.30
C LEU C 6 -20.30 -29.26 57.75
N ALA C 7 -21.11 -28.35 58.30
CA ALA C 7 -21.16 -26.99 57.76
C ALA C 7 -19.80 -26.32 57.82
N GLU C 8 -19.06 -26.52 58.92
CA GLU C 8 -17.74 -25.90 59.04
C GLU C 8 -16.79 -26.46 57.99
N LEU C 9 -16.83 -27.78 57.75
CA LEU C 9 -15.98 -28.37 56.72
C LEU C 9 -16.32 -27.83 55.34
N VAL C 10 -17.60 -27.78 54.99
CA VAL C 10 -18.00 -27.28 53.67
C VAL C 10 -17.68 -25.80 53.57
N ASP C 11 -17.82 -25.05 54.68
CA ASP C 11 -17.46 -23.64 54.68
C ASP C 11 -15.97 -23.44 54.42
N ALA C 12 -15.14 -24.32 54.97
CA ALA C 12 -13.70 -24.24 54.72
C ALA C 12 -13.40 -24.44 53.24
N ALA C 13 -13.97 -25.49 52.64
CA ALA C 13 -13.72 -25.76 51.23
C ALA C 13 -14.26 -24.64 50.35
N ALA C 14 -15.42 -24.08 50.70
CA ALA C 14 -15.99 -23.00 49.91
C ALA C 14 -15.10 -21.76 49.96
N GLU C 15 -14.60 -21.41 51.14
CA GLU C 15 -13.67 -20.30 51.23
C GLU C 15 -12.40 -20.60 50.45
N ARG C 16 -11.91 -21.84 50.53
CA ARG C 16 -10.71 -22.20 49.79
C ARG C 16 -10.93 -22.11 48.29
N LEU C 17 -12.10 -22.51 47.81
CA LEU C 17 -12.34 -22.40 46.37
C LEU C 17 -12.20 -20.96 45.88
N GLU C 18 -12.41 -19.99 46.77
CA GLU C 18 -12.35 -18.58 46.38
C GLU C 18 -10.94 -18.11 46.09
N VAL C 19 -9.92 -18.92 46.37
CA VAL C 19 -8.57 -18.62 45.92
C VAL C 19 -8.51 -18.65 44.40
N ALA C 20 -9.51 -19.28 43.77
CA ALA C 20 -9.53 -19.37 42.31
C ALA C 20 -9.48 -17.98 41.69
N ASP C 21 -10.18 -17.01 42.29
CA ASP C 21 -10.23 -15.67 41.71
C ASP C 21 -8.87 -14.99 41.66
N PRO C 22 -8.11 -14.88 42.75
CA PRO C 22 -6.77 -14.28 42.63
C PRO C 22 -5.87 -15.04 41.68
N VAL C 23 -5.85 -16.37 41.73
CA VAL C 23 -4.97 -17.14 40.86
C VAL C 23 -5.35 -16.94 39.40
N ALA C 24 -6.65 -16.95 39.11
CA ALA C 24 -7.11 -16.64 37.75
C ALA C 24 -6.69 -15.23 37.37
N ALA C 25 -6.77 -14.29 38.33
CA ALA C 25 -6.38 -12.91 38.05
C ALA C 25 -4.91 -12.83 37.68
N PHE C 26 -4.04 -13.55 38.40
CA PHE C 26 -2.63 -13.50 38.08
C PHE C 26 -2.35 -14.21 36.76
N LYS C 27 -2.91 -15.42 36.59
CA LYS C 27 -2.68 -16.15 35.35
C LYS C 27 -3.25 -15.38 34.17
N TRP C 28 -4.27 -14.56 34.38
CA TRP C 28 -4.81 -13.74 33.30
C TRP C 28 -3.82 -12.66 32.87
N ARG C 29 -3.23 -11.95 33.82
CA ARG C 29 -2.33 -10.85 33.49
C ARG C 29 -1.04 -11.34 32.84
N ALA C 30 -0.59 -12.54 33.20
CA ALA C 30 0.57 -13.17 32.58
C ALA C 30 0.20 -14.19 31.50
N GLN C 31 -1.09 -14.49 31.33
CA GLN C 31 -1.58 -15.48 30.38
C GLN C 31 -0.84 -16.82 30.55
N LEU C 32 -0.99 -17.40 31.75
CA LEU C 32 -0.37 -18.68 31.98
C LEU C 32 -1.37 -19.83 31.81
N PRO C 33 -0.93 -21.00 31.36
CA PRO C 33 -1.85 -22.13 31.25
C PRO C 33 -2.48 -22.45 32.60
N ILE C 34 -3.76 -22.77 32.56
CA ILE C 34 -4.53 -23.01 33.78
C ILE C 34 -4.29 -24.40 34.37
N GLU C 35 -3.94 -25.39 33.55
CA GLU C 35 -3.88 -26.76 34.05
C GLU C 35 -2.70 -26.99 35.01
N ASP C 36 -1.58 -26.27 34.84
CA ASP C 36 -0.44 -26.52 35.71
C ASP C 36 -0.68 -25.95 37.10
N SER C 37 -1.27 -26.76 37.98
CA SER C 37 -1.78 -26.27 39.24
C SER C 37 -1.11 -26.90 40.46
N GLY C 38 -0.23 -27.87 40.28
CA GLY C 38 0.59 -28.31 41.41
C GLY C 38 0.45 -29.75 41.87
N ARG C 39 -0.31 -30.56 41.16
CA ARG C 39 -0.44 -31.98 41.51
C ARG C 39 0.82 -32.71 41.08
N VAL C 40 1.85 -32.65 41.93
CA VAL C 40 3.14 -33.27 41.67
C VAL C 40 3.49 -34.18 42.83
N GLU C 41 4.53 -35.01 42.63
CA GLU C 41 4.90 -36.01 43.63
C GLU C 41 5.19 -35.37 44.98
N GLN C 42 5.89 -34.24 44.98
CA GLN C 42 6.26 -33.60 46.25
C GLN C 42 5.01 -33.14 47.00
N GLN C 43 4.02 -32.59 46.28
CA GLN C 43 2.81 -32.13 46.94
C GLN C 43 1.92 -33.29 47.38
N LEU C 44 1.76 -34.31 46.54
CA LEU C 44 0.97 -35.47 46.92
C LEU C 44 1.60 -36.22 48.10
N ALA C 45 2.91 -36.36 48.09
CA ALA C 45 3.57 -37.05 49.19
C ALA C 45 3.41 -36.28 50.49
N LYS C 46 3.62 -34.95 50.44
CA LYS C 46 3.45 -34.12 51.62
C LYS C 46 1.99 -34.13 52.08
N LEU C 47 1.05 -34.15 51.13
CA LEU C 47 -0.37 -34.22 51.48
C LEU C 47 -0.66 -35.47 52.30
N GLY C 48 -0.15 -36.63 51.85
CA GLY C 48 -0.36 -37.85 52.60
C GLY C 48 0.34 -37.84 53.95
N GLU C 49 1.50 -37.18 54.01
CA GLU C 49 2.22 -37.05 55.28
C GLU C 49 1.44 -36.23 56.29
N ASP C 50 0.83 -35.13 55.85
CA ASP C 50 0.02 -34.30 56.75
C ASP C 50 -1.26 -35.01 57.18
N ALA C 51 -1.84 -35.83 56.30
CA ALA C 51 -3.00 -36.63 56.70
C ALA C 51 -2.61 -37.62 57.78
N ARG C 52 -1.48 -38.31 57.58
CA ARG C 52 -1.03 -39.29 58.57
C ARG C 52 -0.76 -38.63 59.91
N SER C 53 -0.20 -37.41 59.91
CA SER C 53 0.04 -36.73 61.17
C SER C 53 -1.25 -36.47 61.93
N GLN C 54 -2.36 -36.31 61.23
CA GLN C 54 -3.65 -36.05 61.85
C GLN C 54 -4.54 -37.28 61.89
N HIS C 55 -3.99 -38.45 61.58
CA HIS C 55 -4.69 -39.73 61.69
C HIS C 55 -5.95 -39.79 60.82
N ILE C 56 -5.83 -39.32 59.59
CA ILE C 56 -6.89 -39.46 58.60
C ILE C 56 -6.30 -40.16 57.38
N ASP C 57 -7.15 -40.86 56.64
CA ASP C 57 -6.67 -41.70 55.53
C ASP C 57 -6.08 -40.84 54.41
N PRO C 58 -4.83 -41.07 54.02
CA PRO C 58 -4.25 -40.24 52.95
C PRO C 58 -4.97 -40.36 51.61
N ASP C 59 -5.42 -41.57 51.24
CA ASP C 59 -6.10 -41.73 49.96
C ASP C 59 -7.42 -40.97 49.94
N TYR C 60 -8.11 -40.91 51.08
CA TYR C 60 -9.32 -40.10 51.18
C TYR C 60 -9.02 -38.62 51.01
N VAL C 61 -7.98 -38.13 51.68
CA VAL C 61 -7.65 -36.71 51.63
C VAL C 61 -7.17 -36.32 50.24
N THR C 62 -6.41 -37.20 49.58
CA THR C 62 -6.00 -36.92 48.20
C THR C 62 -7.21 -36.82 47.29
N ARG C 63 -8.19 -37.69 47.49
CA ARG C 63 -9.42 -37.63 46.68
C ARG C 63 -10.15 -36.31 46.93
N VAL C 64 -10.17 -35.84 48.17
CA VAL C 64 -10.84 -34.58 48.47
C VAL C 64 -10.17 -33.42 47.74
N PHE C 65 -8.83 -33.34 47.83
CA PHE C 65 -8.10 -32.28 47.17
C PHE C 65 -8.01 -32.45 45.66
N ASP C 66 -8.24 -33.67 45.16
CA ASP C 66 -8.42 -33.84 43.72
C ASP C 66 -9.74 -33.20 43.27
N ASP C 67 -10.82 -33.39 44.02
CA ASP C 67 -12.05 -32.69 43.67
C ASP C 67 -11.89 -31.18 43.79
N GLN C 68 -11.18 -30.74 44.84
CA GLN C 68 -11.00 -29.32 45.10
C GLN C 68 -10.24 -28.65 43.97
N ILE C 69 -9.17 -29.27 43.50
CA ILE C 69 -8.36 -28.66 42.46
C ILE C 69 -9.14 -28.59 41.15
N ARG C 70 -9.97 -29.59 40.88
CA ARG C 70 -10.79 -29.57 39.67
C ARG C 70 -11.83 -28.46 39.73
N ALA C 71 -12.47 -28.28 40.90
CA ALA C 71 -13.41 -27.18 41.06
C ALA C 71 -12.71 -25.85 40.90
N THR C 72 -11.49 -25.73 41.44
CA THR C 72 -10.75 -24.48 41.33
C THR C 72 -10.43 -24.17 39.86
N GLU C 73 -9.97 -25.19 39.12
CA GLU C 73 -9.64 -24.99 37.71
C GLU C 73 -10.87 -24.61 36.89
N ALA C 74 -12.02 -25.22 37.20
CA ALA C 74 -13.25 -24.89 36.48
C ALA C 74 -13.60 -23.42 36.66
N ILE C 75 -13.44 -22.90 37.87
CA ILE C 75 -13.68 -21.48 38.12
C ILE C 75 -12.74 -20.62 37.29
N GLU C 76 -11.45 -20.99 37.27
CA GLU C 76 -10.48 -20.24 36.48
C GLU C 76 -10.83 -20.24 35.00
N TYR C 77 -11.25 -21.40 34.47
CA TYR C 77 -11.64 -21.47 33.07
C TYR C 77 -12.84 -20.58 32.79
N SER C 78 -13.81 -20.55 33.72
CA SER C 78 -14.99 -19.71 33.54
C SER C 78 -14.59 -18.23 33.52
N ARG C 79 -13.70 -17.82 34.44
CA ARG C 79 -13.25 -16.43 34.45
C ARG C 79 -12.54 -16.07 33.15
N PHE C 80 -11.67 -16.96 32.66
CA PHE C 80 -10.98 -16.69 31.40
C PHE C 80 -11.99 -16.51 30.26
N SER C 81 -13.04 -17.32 30.23
CA SER C 81 -14.05 -17.17 29.19
C SER C 81 -14.77 -15.84 29.31
N ASP C 82 -15.14 -15.46 30.53
CA ASP C 82 -15.81 -14.17 30.71
C ASP C 82 -14.91 -13.03 30.28
N TRP C 83 -13.64 -13.08 30.68
CA TRP C 83 -12.72 -11.97 30.45
C TRP C 83 -12.30 -11.87 28.99
N LYS C 84 -12.23 -13.01 28.29
CA LYS C 84 -11.97 -12.93 26.86
C LYS C 84 -13.13 -12.24 26.15
N LEU C 85 -14.35 -12.44 26.63
CA LEU C 85 -15.51 -11.82 25.99
C LEU C 85 -15.67 -10.37 26.40
N ASN C 86 -15.33 -10.04 27.65
CA ASN C 86 -15.34 -8.66 28.11
C ASN C 86 -14.15 -8.42 29.03
N PRO C 87 -12.99 -8.06 28.48
CA PRO C 87 -11.81 -7.88 29.33
C PRO C 87 -11.98 -6.76 30.34
N ALA C 88 -12.91 -5.82 30.12
CA ALA C 88 -13.08 -4.72 31.06
C ALA C 88 -13.38 -5.24 32.46
N SER C 89 -14.10 -6.36 32.57
CA SER C 89 -14.44 -6.94 33.86
C SER C 89 -13.25 -7.66 34.51
N ALA C 90 -12.17 -7.88 33.76
CA ALA C 90 -11.00 -8.53 34.32
C ALA C 90 -10.34 -7.64 35.37
N PRO C 91 -9.70 -8.23 36.38
CA PRO C 91 -8.95 -7.43 37.36
C PRO C 91 -7.84 -6.65 36.66
N PRO C 92 -7.60 -5.41 37.07
CA PRO C 92 -6.60 -4.59 36.35
C PRO C 92 -5.16 -4.82 36.76
N GLU C 93 -4.92 -5.33 37.97
CA GLU C 93 -3.58 -5.57 38.48
C GLU C 93 -3.43 -7.04 38.86
N PRO C 94 -2.22 -7.59 38.75
CA PRO C 94 -1.99 -8.94 39.27
C PRO C 94 -2.08 -8.93 40.78
N PRO C 95 -2.74 -9.91 41.38
CA PRO C 95 -2.92 -9.90 42.84
C PRO C 95 -1.59 -10.13 43.56
N ASP C 96 -1.57 -9.71 44.83
CA ASP C 96 -0.44 -10.00 45.70
C ASP C 96 -0.75 -11.32 46.39
N LEU C 97 0.07 -12.34 46.10
CA LEU C 97 -0.26 -13.69 46.47
C LEU C 97 0.50 -14.26 47.65
N SER C 98 1.54 -13.58 48.14
CA SER C 98 2.20 -14.07 49.35
C SER C 98 1.21 -14.07 50.50
N ALA C 99 0.34 -13.06 50.55
CA ALA C 99 -0.69 -13.00 51.58
C ALA C 99 -1.61 -14.21 51.48
N SER C 100 -1.97 -14.59 50.25
CA SER C 100 -2.83 -15.75 50.08
C SER C 100 -2.14 -17.05 50.48
N ARG C 101 -0.80 -17.06 50.59
CA ARG C 101 -0.11 -18.29 50.96
C ARG C 101 -0.47 -18.72 52.38
N SER C 102 -0.50 -17.77 53.32
CA SER C 102 -0.85 -18.12 54.70
C SER C 102 -2.32 -18.51 54.83
N ALA C 103 -3.19 -17.90 54.03
CA ALA C 103 -4.60 -18.30 54.05
C ALA C 103 -4.76 -19.74 53.61
N ILE C 104 -4.07 -20.14 52.54
CA ILE C 104 -4.17 -21.50 52.03
C ILE C 104 -3.65 -22.49 53.07
N ASP C 105 -2.52 -22.20 53.70
CA ASP C 105 -2.02 -23.07 54.74
C ASP C 105 -3.04 -23.20 55.87
N SER C 106 -3.66 -22.09 56.28
CA SER C 106 -4.67 -22.16 57.31
C SER C 106 -5.88 -22.96 56.87
N LEU C 107 -6.35 -22.76 55.63
CA LEU C 107 -7.48 -23.54 55.14
C LEU C 107 -7.12 -25.02 55.00
N ASN C 108 -5.89 -25.32 54.59
CA ASN C 108 -5.50 -26.72 54.50
C ASN C 108 -5.62 -27.41 55.85
N ASN C 109 -5.12 -26.75 56.91
CA ASN C 109 -5.23 -27.33 58.24
C ASN C 109 -6.69 -27.40 58.67
N ARG C 110 -7.46 -26.34 58.38
CA ARG C 110 -8.87 -26.31 58.74
C ARG C 110 -9.60 -27.52 58.16
N MET C 111 -9.39 -27.77 56.86
CA MET C 111 -10.05 -28.91 56.22
C MET C 111 -9.57 -30.24 56.80
N LEU C 112 -8.27 -30.40 57.05
CA LEU C 112 -7.79 -31.67 57.58
C LEU C 112 -8.33 -31.94 58.97
N SER C 113 -8.39 -30.92 59.83
CA SER C 113 -8.91 -31.11 61.19
C SER C 113 -10.43 -31.24 61.20
N GLN C 114 -11.13 -30.64 60.22
CA GLN C 114 -12.56 -30.86 60.08
C GLN C 114 -12.86 -32.27 59.57
N ILE C 115 -12.04 -32.77 58.65
CA ILE C 115 -12.17 -34.16 58.19
C ILE C 115 -11.90 -35.10 59.36
N TRP C 116 -10.87 -34.81 60.15
CA TRP C 116 -10.58 -35.61 61.33
C TRP C 116 -11.71 -35.50 62.35
N SER C 117 -12.24 -34.30 62.54
CA SER C 117 -13.21 -34.09 63.62
C SER C 117 -14.53 -34.78 63.32
N HIS C 118 -14.88 -34.91 62.04
CA HIS C 118 -16.15 -35.49 61.63
C HIS C 118 -15.95 -36.78 60.84
N TRP C 119 -14.86 -37.51 61.11
CA TRP C 119 -14.59 -38.71 60.34
C TRP C 119 -15.71 -39.75 60.49
N SER C 120 -16.21 -39.93 61.70
CA SER C 120 -17.28 -40.90 61.92
C SER C 120 -18.50 -40.55 61.09
N LEU C 121 -18.89 -39.28 61.09
CA LEU C 121 -20.03 -38.86 60.27
C LEU C 121 -19.73 -39.02 58.79
N LEU C 122 -18.53 -38.63 58.34
CA LEU C 122 -18.20 -38.73 56.92
C LEU C 122 -18.23 -40.17 56.44
N SER C 123 -18.01 -41.12 57.35
CA SER C 123 -18.09 -42.54 57.02
C SER C 123 -19.48 -43.11 57.20
N ALA C 124 -20.41 -42.33 57.78
CA ALA C 124 -21.74 -42.82 58.14
C ALA C 124 -22.70 -42.73 56.97
N PRO C 125 -23.78 -43.51 57.00
CA PRO C 125 -24.80 -43.40 55.94
C PRO C 125 -25.45 -42.03 55.86
N SER C 126 -25.59 -41.35 57.01
CA SER C 126 -26.25 -40.05 57.07
C SER C 126 -25.41 -38.92 56.50
N CYS C 127 -24.19 -39.22 56.03
CA CYS C 127 -23.33 -38.16 55.53
C CYS C 127 -23.97 -37.42 54.36
N ALA C 128 -24.62 -38.16 53.46
CA ALA C 128 -25.12 -37.55 52.23
C ALA C 128 -26.15 -36.47 52.53
N ALA C 129 -27.06 -36.73 53.46
CA ALA C 129 -28.06 -35.72 53.79
C ALA C 129 -27.43 -34.53 54.50
N GLN C 130 -26.54 -34.79 55.46
CA GLN C 130 -25.88 -33.70 56.17
C GLN C 130 -24.99 -32.89 55.26
N LEU C 131 -24.44 -33.50 54.21
CA LEU C 131 -23.66 -32.73 53.25
C LEU C 131 -24.56 -31.80 52.44
N ASP C 132 -25.75 -32.26 52.08
CA ASP C 132 -26.67 -31.41 51.33
C ASP C 132 -27.15 -30.24 52.18
N ARG C 133 -27.58 -30.50 53.42
CA ARG C 133 -27.93 -29.40 54.31
C ARG C 133 -26.75 -28.44 54.46
N ALA C 134 -25.56 -28.98 54.71
CA ALA C 134 -24.38 -28.13 54.86
C ALA C 134 -24.18 -27.28 53.62
N LYS C 135 -24.21 -27.89 52.44
CA LYS C 135 -24.03 -27.13 51.21
C LYS C 135 -25.08 -26.05 51.06
N ARG C 136 -26.33 -26.36 51.43
CA ARG C 136 -27.40 -25.36 51.38
C ARG C 136 -27.14 -24.22 52.37
N ASP C 137 -26.68 -24.54 53.59
CA ASP C 137 -26.33 -23.48 54.54
C ASP C 137 -25.23 -22.58 53.97
N ILE C 138 -24.14 -23.19 53.49
CA ILE C 138 -22.98 -22.42 53.05
C ILE C 138 -23.32 -21.58 51.83
N VAL C 139 -24.08 -22.15 50.88
CA VAL C 139 -24.47 -21.40 49.69
C VAL C 139 -25.26 -20.17 50.09
N ARG C 140 -26.18 -20.33 51.05
CA ARG C 140 -26.97 -19.21 51.54
C ARG C 140 -26.12 -18.20 52.27
N SER C 141 -25.28 -18.67 53.21
CA SER C 141 -24.53 -17.76 54.05
C SER C 141 -23.44 -17.05 53.26
N ARG C 142 -22.75 -17.78 52.39
CA ARG C 142 -21.68 -17.19 51.58
C ARG C 142 -22.20 -16.51 50.32
N HIS C 143 -23.51 -16.54 50.08
CA HIS C 143 -24.09 -15.93 48.90
C HIS C 143 -23.34 -16.39 47.65
N LEU C 144 -23.34 -17.70 47.44
CA LEU C 144 -22.62 -18.29 46.32
C LEU C 144 -23.46 -18.21 45.05
N ASP C 145 -22.82 -17.81 43.95
CA ASP C 145 -23.50 -17.70 42.69
C ASP C 145 -23.60 -19.08 42.03
N SER C 146 -24.14 -19.12 40.82
CA SER C 146 -24.34 -20.39 40.14
C SER C 146 -23.02 -21.13 39.95
N LEU C 147 -21.96 -20.41 39.56
CA LEU C 147 -20.68 -21.06 39.32
C LEU C 147 -20.10 -21.70 40.57
N TYR C 148 -20.12 -20.97 41.70
CA TYR C 148 -19.51 -21.51 42.91
C TYR C 148 -20.34 -22.63 43.52
N GLN C 149 -21.66 -22.61 43.33
CA GLN C 149 -22.48 -23.72 43.80
C GLN C 149 -22.11 -25.02 43.09
N ARG C 150 -21.93 -24.95 41.77
CA ARG C 150 -21.51 -26.11 41.00
C ARG C 150 -20.10 -26.55 41.38
N ALA C 151 -19.21 -25.57 41.56
CA ALA C 151 -17.84 -25.89 41.98
C ALA C 151 -17.83 -26.56 43.34
N LEU C 152 -18.64 -26.04 44.28
CA LEU C 152 -18.70 -26.62 45.62
C LEU C 152 -19.21 -28.05 45.55
N THR C 153 -20.21 -28.30 44.70
CA THR C 153 -20.69 -29.67 44.53
C THR C 153 -19.60 -30.56 43.96
N THR C 154 -18.83 -30.05 42.99
CA THR C 154 -17.73 -30.83 42.45
C THR C 154 -16.64 -31.03 43.50
N ALA C 155 -16.31 -29.98 44.25
CA ALA C 155 -15.22 -30.07 45.22
C ALA C 155 -15.51 -31.01 46.39
N THR C 156 -16.78 -31.33 46.64
CA THR C 156 -17.16 -32.12 47.81
C THR C 156 -17.74 -33.48 47.44
N GLN C 157 -17.70 -33.88 46.18
CA GLN C 157 -18.44 -35.05 45.70
C GLN C 157 -17.87 -36.37 46.22
N SER C 158 -16.71 -36.35 46.87
CA SER C 158 -16.11 -37.55 47.42
C SER C 158 -16.12 -37.56 48.94
N TYR C 159 -16.82 -36.62 49.57
CA TYR C 159 -16.77 -36.50 51.03
C TYR C 159 -17.38 -37.70 51.74
N CYS C 160 -18.46 -38.28 51.23
CA CYS C 160 -19.17 -39.30 51.98
C CYS C 160 -18.75 -40.73 51.67
N GLN C 161 -17.84 -40.93 50.74
CA GLN C 161 -17.37 -42.28 50.44
C GLN C 161 -16.22 -42.67 51.37
N THR D 3 -32.40 -5.26 4.81
CA THR D 3 -31.31 -6.10 5.29
C THR D 3 -29.95 -5.37 5.22
N SER D 4 -29.08 -5.66 6.19
CA SER D 4 -27.81 -4.96 6.33
C SER D 4 -26.72 -5.51 5.42
N GLN D 5 -25.84 -4.60 4.97
CA GLN D 5 -24.73 -4.99 4.10
C GLN D 5 -23.64 -5.76 4.82
N LEU D 6 -23.58 -5.66 6.14
CA LEU D 6 -22.59 -6.40 6.91
C LEU D 6 -23.13 -7.76 7.34
N ALA D 7 -24.33 -8.13 6.89
CA ALA D 7 -24.91 -9.39 7.33
C ALA D 7 -24.06 -10.57 6.88
N GLU D 8 -23.57 -10.55 5.64
CA GLU D 8 -22.76 -11.66 5.15
C GLU D 8 -21.42 -11.76 5.86
N LEU D 9 -20.77 -10.63 6.13
CA LEU D 9 -19.51 -10.67 6.86
C LEU D 9 -19.71 -11.25 8.25
N VAL D 10 -20.73 -10.77 8.98
CA VAL D 10 -20.96 -11.22 10.34
C VAL D 10 -21.39 -12.69 10.36
N ASP D 11 -22.15 -13.11 9.34
CA ASP D 11 -22.54 -14.51 9.24
C ASP D 11 -21.32 -15.40 9.05
N ALA D 12 -20.35 -14.94 8.27
CA ALA D 12 -19.11 -15.70 8.13
C ALA D 12 -18.39 -15.82 9.47
N ALA D 13 -18.24 -14.71 10.19
CA ALA D 13 -17.55 -14.76 11.48
C ALA D 13 -18.28 -15.65 12.47
N ALA D 14 -19.60 -15.58 12.48
CA ALA D 14 -20.36 -16.42 13.40
C ALA D 14 -20.21 -17.90 13.06
N GLU D 15 -20.28 -18.25 11.76
CA GLU D 15 -20.09 -19.66 11.38
C GLU D 15 -18.69 -20.13 11.75
N ARG D 16 -17.68 -19.26 11.55
CA ARG D 16 -16.31 -19.62 11.89
C ARG D 16 -16.16 -19.87 13.40
N LEU D 17 -16.88 -19.09 14.22
CA LEU D 17 -16.81 -19.30 15.66
C LEU D 17 -17.16 -20.72 16.05
N GLU D 18 -17.93 -21.42 15.23
CA GLU D 18 -18.37 -22.77 15.55
C GLU D 18 -17.22 -23.77 15.51
N VAL D 19 -16.05 -23.36 15.02
CA VAL D 19 -14.86 -24.23 15.11
C VAL D 19 -14.45 -24.43 16.56
N ALA D 20 -14.89 -23.54 17.46
CA ALA D 20 -14.52 -23.67 18.86
C ALA D 20 -14.94 -25.02 19.42
N ASP D 21 -16.13 -25.50 19.05
CA ASP D 21 -16.60 -26.77 19.60
C ASP D 21 -15.71 -27.94 19.18
N PRO D 22 -15.42 -28.15 17.88
CA PRO D 22 -14.50 -29.26 17.53
C PRO D 22 -13.14 -29.15 18.19
N VAL D 23 -12.59 -27.94 18.26
CA VAL D 23 -11.27 -27.75 18.86
C VAL D 23 -11.32 -28.02 20.35
N ALA D 24 -12.36 -27.55 21.03
CA ALA D 24 -12.46 -27.82 22.45
C ALA D 24 -12.53 -29.32 22.73
N ALA D 25 -13.29 -30.05 21.92
CA ALA D 25 -13.40 -31.49 22.12
C ALA D 25 -12.05 -32.16 21.95
N PHE D 26 -11.29 -31.78 20.91
CA PHE D 26 -10.01 -32.41 20.69
C PHE D 26 -8.99 -31.99 21.75
N LYS D 27 -8.88 -30.69 22.02
CA LYS D 27 -7.92 -30.26 23.01
C LYS D 27 -8.25 -30.85 24.38
N TRP D 28 -9.53 -31.12 24.61
CA TRP D 28 -9.92 -31.75 25.86
C TRP D 28 -9.37 -33.17 25.96
N ARG D 29 -9.53 -33.95 24.88
CA ARG D 29 -9.16 -35.37 24.92
C ARG D 29 -7.65 -35.58 24.97
N ALA D 30 -6.87 -34.66 24.42
CA ALA D 30 -5.42 -34.74 24.48
C ALA D 30 -4.79 -33.87 25.56
N GLN D 31 -5.58 -33.08 26.30
CA GLN D 31 -5.06 -32.10 27.25
C GLN D 31 -4.06 -31.16 26.56
N LEU D 32 -4.55 -30.48 25.60
CA LEU D 32 -3.75 -29.44 24.98
C LEU D 32 -4.15 -28.09 25.53
N PRO D 33 -3.21 -27.15 25.68
CA PRO D 33 -3.59 -25.80 26.12
C PRO D 33 -4.49 -25.12 25.09
N ILE D 34 -5.45 -24.35 25.60
CA ILE D 34 -6.34 -23.61 24.72
C ILE D 34 -5.65 -22.36 24.18
N GLU D 35 -4.71 -21.80 24.94
CA GLU D 35 -4.07 -20.54 24.57
C GLU D 35 -3.18 -20.68 23.34
N ASP D 36 -2.60 -21.88 23.14
CA ASP D 36 -1.74 -22.16 21.98
C ASP D 36 -2.64 -22.34 20.77
N SER D 37 -3.03 -21.21 20.17
CA SER D 37 -4.07 -21.17 19.17
C SER D 37 -3.62 -20.61 17.83
N GLY D 38 -2.36 -20.17 17.70
CA GLY D 38 -1.78 -19.88 16.41
C GLY D 38 -1.39 -18.45 16.15
N ARG D 39 -1.54 -17.51 17.07
CA ARG D 39 -1.05 -16.14 16.83
C ARG D 39 0.47 -16.17 17.00
N VAL D 40 1.14 -16.58 15.93
CA VAL D 40 2.58 -16.72 15.90
C VAL D 40 3.12 -15.94 14.70
N GLU D 41 4.44 -15.80 14.66
CA GLU D 41 5.07 -14.94 13.68
C GLU D 41 4.66 -15.34 12.26
N GLN D 42 4.66 -16.64 11.97
CA GLN D 42 4.35 -17.10 10.62
C GLN D 42 2.88 -16.84 10.26
N GLN D 43 1.96 -17.10 11.20
CA GLN D 43 0.54 -16.88 10.91
C GLN D 43 0.21 -15.41 10.76
N LEU D 44 0.81 -14.54 11.57
CA LEU D 44 0.58 -13.11 11.41
C LEU D 44 1.07 -12.65 10.04
N ALA D 45 2.22 -13.17 9.61
CA ALA D 45 2.76 -12.79 8.31
C ALA D 45 1.87 -13.27 7.17
N LYS D 46 1.39 -14.52 7.22
CA LYS D 46 0.52 -15.01 6.16
C LYS D 46 -0.78 -14.21 6.11
N LEU D 47 -1.29 -13.79 7.28
CA LEU D 47 -2.49 -12.96 7.31
C LEU D 47 -2.26 -11.65 6.56
N GLY D 48 -1.11 -11.01 6.79
CA GLY D 48 -0.82 -9.78 6.07
C GLY D 48 -0.64 -10.00 4.58
N GLU D 49 -0.08 -11.15 4.20
CA GLU D 49 0.08 -11.46 2.79
C GLU D 49 -1.27 -11.61 2.10
N ASP D 50 -2.20 -12.33 2.73
CA ASP D 50 -3.54 -12.48 2.16
C ASP D 50 -4.32 -11.18 2.20
N ALA D 51 -4.10 -10.36 3.24
CA ALA D 51 -4.76 -9.06 3.31
C ALA D 51 -4.29 -8.13 2.19
N ARG D 52 -2.97 -8.00 2.01
CA ARG D 52 -2.46 -7.09 1.00
C ARG D 52 -2.92 -7.51 -0.40
N SER D 53 -2.99 -8.81 -0.65
CA SER D 53 -3.50 -9.30 -1.93
C SER D 53 -4.93 -8.84 -2.15
N GLN D 54 -5.67 -8.57 -1.07
CA GLN D 54 -7.05 -8.11 -1.13
C GLN D 54 -7.15 -6.60 -0.98
N HIS D 55 -6.02 -5.90 -0.95
CA HIS D 55 -6.01 -4.43 -0.87
C HIS D 55 -6.80 -3.94 0.33
N ILE D 56 -6.61 -4.58 1.46
CA ILE D 56 -7.16 -4.15 2.74
C ILE D 56 -5.99 -4.03 3.71
N ASP D 57 -6.12 -3.14 4.67
CA ASP D 57 -5.03 -2.83 5.57
C ASP D 57 -4.64 -4.04 6.41
N PRO D 58 -3.39 -4.49 6.38
CA PRO D 58 -3.02 -5.65 7.19
C PRO D 58 -3.24 -5.44 8.67
N ASP D 59 -3.00 -4.22 9.16
CA ASP D 59 -3.16 -3.95 10.57
C ASP D 59 -4.63 -4.08 11.00
N TYR D 60 -5.55 -3.70 10.11
CA TYR D 60 -6.98 -3.86 10.38
C TYR D 60 -7.37 -5.34 10.41
N VAL D 61 -6.89 -6.11 9.42
CA VAL D 61 -7.25 -7.53 9.35
C VAL D 61 -6.63 -8.30 10.51
N THR D 62 -5.44 -7.90 10.95
CA THR D 62 -4.87 -8.49 12.16
C THR D 62 -5.75 -8.19 13.36
N ARG D 63 -6.27 -6.96 13.43
CA ARG D 63 -7.16 -6.56 14.51
C ARG D 63 -8.43 -7.40 14.52
N VAL D 64 -8.99 -7.69 13.35
CA VAL D 64 -10.22 -8.47 13.27
C VAL D 64 -10.01 -9.87 13.81
N PHE D 65 -8.98 -10.56 13.34
CA PHE D 65 -8.77 -11.95 13.74
C PHE D 65 -8.26 -12.08 15.16
N ASP D 66 -7.73 -11.01 15.74
CA ASP D 66 -7.43 -11.03 17.17
C ASP D 66 -8.72 -11.11 17.99
N ASP D 67 -9.75 -10.37 17.58
CA ASP D 67 -11.02 -10.48 18.27
C ASP D 67 -11.62 -11.87 18.07
N GLN D 68 -11.50 -12.41 16.86
CA GLN D 68 -12.08 -13.71 16.57
C GLN D 68 -11.42 -14.80 17.42
N ILE D 69 -10.09 -14.74 17.57
CA ILE D 69 -9.41 -15.78 18.33
C ILE D 69 -9.79 -15.69 19.80
N ARG D 70 -10.00 -14.48 20.31
CA ARG D 70 -10.50 -14.33 21.66
C ARG D 70 -11.92 -14.86 21.81
N ALA D 71 -12.78 -14.56 20.84
CA ALA D 71 -14.13 -15.08 20.90
C ALA D 71 -14.14 -16.59 20.83
N THR D 72 -13.31 -17.16 19.96
CA THR D 72 -13.22 -18.61 19.86
C THR D 72 -12.65 -19.21 21.14
N GLU D 73 -11.59 -18.61 21.66
CA GLU D 73 -11.00 -19.15 22.89
C GLU D 73 -12.01 -19.12 24.02
N ALA D 74 -12.82 -18.06 24.09
CA ALA D 74 -13.82 -17.94 25.14
C ALA D 74 -14.79 -19.11 25.11
N ILE D 75 -15.23 -19.50 23.91
CA ILE D 75 -16.10 -20.67 23.80
C ILE D 75 -15.38 -21.91 24.31
N GLU D 76 -14.13 -22.10 23.86
CA GLU D 76 -13.38 -23.27 24.31
C GLU D 76 -13.21 -23.26 25.83
N TYR D 77 -12.88 -22.11 26.40
CA TYR D 77 -12.73 -22.00 27.85
C TYR D 77 -14.04 -22.31 28.58
N SER D 78 -15.18 -21.88 28.02
CA SER D 78 -16.46 -22.18 28.64
C SER D 78 -16.74 -23.68 28.66
N ARG D 79 -16.48 -24.36 27.56
CA ARG D 79 -16.68 -25.80 27.52
C ARG D 79 -15.80 -26.50 28.54
N PHE D 80 -14.53 -26.10 28.64
CA PHE D 80 -13.62 -26.72 29.58
C PHE D 80 -14.12 -26.57 31.01
N SER D 81 -14.66 -25.38 31.35
CA SER D 81 -15.20 -25.16 32.69
C SER D 81 -16.37 -26.10 32.96
N ASP D 82 -17.28 -26.23 31.99
CA ASP D 82 -18.41 -27.12 32.17
C ASP D 82 -17.95 -28.57 32.33
N TRP D 83 -16.96 -28.99 31.53
CA TRP D 83 -16.53 -30.39 31.53
C TRP D 83 -15.73 -30.73 32.78
N LYS D 84 -15.04 -29.75 33.36
CA LYS D 84 -14.43 -30.01 34.67
C LYS D 84 -15.49 -30.23 35.74
N LEU D 85 -16.64 -29.54 35.64
CA LEU D 85 -17.69 -29.68 36.64
C LEU D 85 -18.55 -30.91 36.43
N ASN D 86 -18.81 -31.28 35.18
CA ASN D 86 -19.61 -32.47 34.86
C ASN D 86 -18.86 -33.18 33.73
N PRO D 87 -17.89 -34.04 34.06
CA PRO D 87 -17.06 -34.64 33.02
C PRO D 87 -17.80 -35.57 32.07
N ALA D 88 -18.88 -36.21 32.50
CA ALA D 88 -19.58 -37.12 31.61
C ALA D 88 -20.04 -36.40 30.34
N SER D 89 -20.37 -35.12 30.45
CA SER D 89 -20.84 -34.33 29.31
C SER D 89 -19.72 -33.98 28.33
N ALA D 90 -18.47 -34.20 28.71
CA ALA D 90 -17.38 -33.95 27.77
C ALA D 90 -17.49 -34.96 26.62
N PRO D 91 -17.10 -34.56 25.41
CA PRO D 91 -17.13 -35.50 24.28
C PRO D 91 -16.25 -36.71 24.55
N PRO D 92 -16.71 -37.90 24.14
CA PRO D 92 -15.93 -39.11 24.45
C PRO D 92 -14.83 -39.38 23.44
N GLU D 93 -14.96 -38.89 22.21
CA GLU D 93 -13.98 -39.11 21.16
C GLU D 93 -13.45 -37.77 20.63
N PRO D 94 -12.21 -37.73 20.17
CA PRO D 94 -11.70 -36.53 19.49
C PRO D 94 -12.30 -36.41 18.10
N PRO D 95 -12.76 -35.23 17.70
CA PRO D 95 -13.29 -35.06 16.35
C PRO D 95 -12.17 -35.09 15.31
N ASP D 96 -12.54 -35.38 14.08
CA ASP D 96 -11.62 -35.31 12.95
C ASP D 96 -11.72 -33.92 12.33
N LEU D 97 -10.59 -33.21 12.27
CA LEU D 97 -10.59 -31.81 11.88
C LEU D 97 -10.14 -31.59 10.44
N SER D 98 -9.70 -32.64 9.73
CA SER D 98 -9.25 -32.46 8.36
C SER D 98 -10.34 -31.81 7.50
N ALA D 99 -11.60 -32.20 7.71
CA ALA D 99 -12.69 -31.58 6.97
C ALA D 99 -12.80 -30.09 7.28
N SER D 100 -12.65 -29.72 8.55
CA SER D 100 -12.79 -28.32 8.93
C SER D 100 -11.70 -27.44 8.32
N ARG D 101 -10.59 -28.03 7.87
CA ARG D 101 -9.48 -27.22 7.36
C ARG D 101 -9.90 -26.44 6.12
N SER D 102 -10.61 -27.10 5.20
CA SER D 102 -11.08 -26.42 4.01
C SER D 102 -12.21 -25.44 4.34
N ALA D 103 -13.03 -25.77 5.34
CA ALA D 103 -14.11 -24.89 5.74
C ALA D 103 -13.58 -23.54 6.24
N ILE D 104 -12.54 -23.57 7.08
CA ILE D 104 -11.96 -22.33 7.59
C ILE D 104 -11.35 -21.51 6.46
N ASP D 105 -10.64 -22.18 5.55
CA ASP D 105 -10.08 -21.46 4.40
C ASP D 105 -11.20 -20.74 3.63
N SER D 106 -12.34 -21.40 3.45
CA SER D 106 -13.47 -20.76 2.78
C SER D 106 -14.02 -19.59 3.58
N LEU D 107 -14.17 -19.78 4.90
CA LEU D 107 -14.70 -18.71 5.75
C LEU D 107 -13.74 -17.52 5.84
N ASN D 108 -12.44 -17.78 5.93
CA ASN D 108 -11.47 -16.69 5.98
C ASN D 108 -11.54 -15.83 4.71
N ASN D 109 -11.64 -16.45 3.55
CA ASN D 109 -11.70 -15.68 2.31
C ASN D 109 -12.97 -14.84 2.22
N ARG D 110 -14.12 -15.40 2.61
CA ARG D 110 -15.33 -14.59 2.56
C ARG D 110 -15.18 -13.38 3.46
N MET D 111 -14.63 -13.56 4.67
CA MET D 111 -14.49 -12.44 5.57
C MET D 111 -13.61 -11.36 4.96
N LEU D 112 -12.50 -11.75 4.32
CA LEU D 112 -11.62 -10.77 3.69
C LEU D 112 -12.31 -10.10 2.51
N SER D 113 -13.07 -10.87 1.72
CA SER D 113 -13.71 -10.30 0.54
C SER D 113 -14.89 -9.41 0.91
N GLN D 114 -15.58 -9.72 2.02
CA GLN D 114 -16.64 -8.83 2.48
C GLN D 114 -16.07 -7.57 3.11
N ILE D 115 -14.94 -7.68 3.81
CA ILE D 115 -14.26 -6.50 4.34
C ILE D 115 -13.85 -5.58 3.20
N TRP D 116 -13.27 -6.16 2.14
CA TRP D 116 -12.89 -5.35 0.99
C TRP D 116 -14.11 -4.76 0.31
N SER D 117 -15.19 -5.55 0.18
CA SER D 117 -16.34 -5.14 -0.62
C SER D 117 -17.11 -4.01 0.03
N HIS D 118 -17.12 -3.96 1.36
CA HIS D 118 -17.88 -2.98 2.13
C HIS D 118 -16.96 -2.03 2.90
N TRP D 119 -15.77 -1.80 2.36
CA TRP D 119 -14.78 -1.00 3.08
C TRP D 119 -15.30 0.40 3.36
N SER D 120 -15.97 1.02 2.38
CA SER D 120 -16.48 2.37 2.58
C SER D 120 -17.44 2.42 3.76
N LEU D 121 -18.33 1.44 3.86
CA LEU D 121 -19.22 1.38 5.02
C LEU D 121 -18.44 1.16 6.30
N LEU D 122 -17.48 0.24 6.29
CA LEU D 122 -16.72 -0.07 7.50
C LEU D 122 -15.98 1.17 8.01
N SER D 123 -15.68 2.11 7.12
CA SER D 123 -15.05 3.36 7.49
C SER D 123 -16.04 4.48 7.77
N ALA D 124 -17.34 4.26 7.49
CA ALA D 124 -18.36 5.30 7.54
C ALA D 124 -18.94 5.47 8.94
N PRO D 125 -19.54 6.64 9.21
CA PRO D 125 -20.18 6.84 10.52
C PRO D 125 -21.33 5.89 10.80
N SER D 126 -22.07 5.46 9.78
CA SER D 126 -23.21 4.58 9.97
C SER D 126 -22.81 3.14 10.25
N CYS D 127 -21.51 2.85 10.27
CA CYS D 127 -21.07 1.46 10.42
C CYS D 127 -21.63 0.85 11.70
N ALA D 128 -21.62 1.62 12.79
CA ALA D 128 -22.02 1.04 14.08
C ALA D 128 -23.48 0.58 14.04
N ALA D 129 -24.36 1.39 13.43
CA ALA D 129 -25.77 1.01 13.33
C ALA D 129 -25.95 -0.19 12.40
N GLN D 130 -25.24 -0.19 11.26
CA GLN D 130 -25.33 -1.30 10.33
C GLN D 130 -24.80 -2.60 10.92
N LEU D 131 -23.84 -2.51 11.85
CA LEU D 131 -23.32 -3.68 12.55
C LEU D 131 -24.36 -4.25 13.52
N ASP D 132 -25.14 -3.39 14.15
CA ASP D 132 -26.19 -3.85 15.06
C ASP D 132 -27.27 -4.62 14.30
N ARG D 133 -27.75 -4.06 13.18
CA ARG D 133 -28.69 -4.80 12.34
C ARG D 133 -28.13 -6.14 11.93
N ALA D 134 -26.90 -6.15 11.41
CA ALA D 134 -26.30 -7.40 10.97
C ALA D 134 -26.28 -8.42 12.10
N LYS D 135 -25.78 -8.02 13.27
CA LYS D 135 -25.71 -8.96 14.39
C LYS D 135 -27.10 -9.47 14.75
N ARG D 136 -28.10 -8.58 14.77
CA ARG D 136 -29.46 -9.00 15.09
C ARG D 136 -29.98 -9.98 14.04
N ASP D 137 -29.73 -9.72 12.75
CA ASP D 137 -30.11 -10.68 11.72
C ASP D 137 -29.41 -12.01 11.93
N ILE D 138 -28.08 -11.99 12.13
CA ILE D 138 -27.32 -13.23 12.22
C ILE D 138 -27.69 -14.00 13.48
N VAL D 139 -27.85 -13.30 14.60
CA VAL D 139 -28.23 -13.97 15.84
C VAL D 139 -29.59 -14.66 15.70
N ARG D 140 -30.54 -13.99 15.06
CA ARG D 140 -31.84 -14.61 14.84
C ARG D 140 -31.73 -15.77 13.86
N SER D 141 -31.03 -15.56 12.73
CA SER D 141 -31.01 -16.54 11.64
C SER D 141 -30.21 -17.78 12.01
N ARG D 142 -29.08 -17.61 12.72
CA ARG D 142 -28.30 -18.75 13.16
C ARG D 142 -28.77 -19.33 14.48
N HIS D 143 -29.81 -18.75 15.09
CA HIS D 143 -30.33 -19.20 16.37
C HIS D 143 -29.20 -19.37 17.39
N LEU D 144 -28.48 -18.27 17.61
CA LEU D 144 -27.31 -18.27 18.47
C LEU D 144 -27.69 -18.16 19.94
N ASP D 145 -27.06 -18.98 20.77
CA ASP D 145 -27.29 -18.98 22.21
C ASP D 145 -26.49 -17.86 22.87
N SER D 146 -26.59 -17.77 24.21
CA SER D 146 -25.99 -16.65 24.92
C SER D 146 -24.49 -16.60 24.71
N LEU D 147 -23.82 -17.76 24.77
CA LEU D 147 -22.38 -17.77 24.62
C LEU D 147 -21.95 -17.31 23.24
N TYR D 148 -22.63 -17.80 22.19
CA TYR D 148 -22.23 -17.42 20.83
C TYR D 148 -22.60 -15.96 20.52
N GLN D 149 -23.67 -15.44 21.11
CA GLN D 149 -23.98 -14.02 20.95
C GLN D 149 -22.89 -13.16 21.58
N ARG D 150 -22.43 -13.54 22.77
CA ARG D 150 -21.34 -12.79 23.38
C ARG D 150 -20.07 -12.92 22.56
N ALA D 151 -19.77 -14.14 22.11
CA ALA D 151 -18.59 -14.36 21.29
C ALA D 151 -18.68 -13.57 19.98
N LEU D 152 -19.87 -13.55 19.37
CA LEU D 152 -20.03 -12.79 18.13
C LEU D 152 -19.84 -11.30 18.37
N THR D 153 -20.35 -10.78 19.48
CA THR D 153 -20.12 -9.38 19.80
C THR D 153 -18.64 -9.10 20.01
N THR D 154 -17.93 -10.01 20.67
CA THR D 154 -16.48 -9.88 20.80
C THR D 154 -15.80 -9.98 19.44
N ALA D 155 -16.20 -10.94 18.63
CA ALA D 155 -15.53 -11.19 17.37
C ALA D 155 -15.65 -10.03 16.39
N THR D 156 -16.63 -9.14 16.59
CA THR D 156 -16.92 -8.07 15.65
C THR D 156 -16.61 -6.69 16.21
N GLN D 157 -16.00 -6.60 17.39
CA GLN D 157 -15.95 -5.30 18.07
C GLN D 157 -15.02 -4.30 17.40
N SER D 158 -14.19 -4.71 16.43
CA SER D 158 -13.29 -3.79 15.76
C SER D 158 -13.66 -3.53 14.31
N TYR D 159 -14.84 -4.00 13.87
CA TYR D 159 -15.19 -3.86 12.46
C TYR D 159 -15.30 -2.40 12.05
N CYS D 160 -15.79 -1.54 12.95
CA CYS D 160 -16.00 -0.13 12.63
C CYS D 160 -14.84 0.76 13.05
N GLN D 161 -13.78 0.18 13.62
CA GLN D 161 -12.59 0.96 13.99
C GLN D 161 -11.67 1.15 12.78
N ALA D 162 -12.22 1.62 11.67
CA ALA D 162 -11.45 1.77 10.45
C ALA D 162 -10.97 3.22 10.33
N THR E 3 -18.71 14.39 4.97
CA THR E 3 -17.52 14.68 4.17
C THR E 3 -16.85 13.42 3.65
N SER E 4 -16.29 13.49 2.44
CA SER E 4 -15.72 12.31 1.81
C SER E 4 -14.30 12.01 2.30
N GLN E 5 -13.97 10.72 2.32
CA GLN E 5 -12.66 10.30 2.79
C GLN E 5 -11.54 10.66 1.82
N LEU E 6 -11.86 10.85 0.53
CA LEU E 6 -10.89 11.24 -0.48
C LEU E 6 -10.80 12.75 -0.69
N ALA E 7 -11.49 13.54 0.13
CA ALA E 7 -11.53 14.97 -0.10
C ALA E 7 -10.15 15.61 0.01
N GLU E 8 -9.36 15.17 0.99
CA GLU E 8 -8.06 15.80 1.20
C GLU E 8 -7.12 15.56 0.02
N LEU E 9 -7.14 14.35 -0.54
CA LEU E 9 -6.33 14.05 -1.73
C LEU E 9 -6.76 14.92 -2.89
N VAL E 10 -8.08 14.98 -3.14
CA VAL E 10 -8.58 15.75 -4.27
C VAL E 10 -8.32 17.24 -4.06
N ASP E 11 -8.40 17.71 -2.81
CA ASP E 11 -8.10 19.11 -2.54
C ASP E 11 -6.65 19.42 -2.85
N ALA E 12 -5.73 18.51 -2.52
CA ALA E 12 -4.33 18.71 -2.85
C ALA E 12 -4.13 18.79 -4.36
N ALA E 13 -4.74 17.86 -5.09
CA ALA E 13 -4.63 17.85 -6.55
C ALA E 13 -5.22 19.12 -7.13
N ALA E 14 -6.33 19.58 -6.58
CA ALA E 14 -6.96 20.81 -7.06
C ALA E 14 -6.05 22.01 -6.81
N GLU E 15 -5.42 22.07 -5.64
CA GLU E 15 -4.48 23.16 -5.39
C GLU E 15 -3.27 23.06 -6.32
N ARG E 16 -2.79 21.84 -6.56
CA ARG E 16 -1.62 21.67 -7.43
C ARG E 16 -1.94 22.15 -8.84
N LEU E 17 -3.18 21.96 -9.30
CA LEU E 17 -3.56 22.40 -10.63
C LEU E 17 -3.35 23.89 -10.83
N GLU E 18 -3.34 24.68 -9.75
CA GLU E 18 -3.20 26.12 -9.86
C GLU E 18 -1.81 26.55 -10.27
N VAL E 19 -0.84 25.63 -10.29
CA VAL E 19 0.48 25.96 -10.84
C VAL E 19 0.43 26.22 -12.34
N ALA E 20 -0.57 25.70 -13.03
CA ALA E 20 -0.63 25.88 -14.47
C ALA E 20 -0.61 27.36 -14.86
N ASP E 21 -1.28 28.20 -14.08
CA ASP E 21 -1.36 29.61 -14.46
C ASP E 21 -0.01 30.31 -14.40
N PRO E 22 0.74 30.26 -13.30
CA PRO E 22 2.08 30.87 -13.31
C PRO E 22 2.98 30.34 -14.40
N VAL E 23 2.95 29.02 -14.64
CA VAL E 23 3.78 28.44 -15.69
C VAL E 23 3.34 28.94 -17.06
N ALA E 24 2.03 29.01 -17.28
CA ALA E 24 1.52 29.53 -18.56
C ALA E 24 1.96 30.97 -18.77
N ALA E 25 1.91 31.78 -17.72
CA ALA E 25 2.33 33.18 -17.83
C ALA E 25 3.80 33.30 -18.21
N PHE E 26 4.66 32.47 -17.59
CA PHE E 26 6.06 32.53 -17.93
C PHE E 26 6.32 31.98 -19.33
N LYS E 27 5.75 30.81 -19.65
CA LYS E 27 5.96 30.25 -20.98
C LYS E 27 5.36 31.14 -22.05
N TRP E 28 4.33 31.91 -21.70
CA TRP E 28 3.76 32.86 -22.66
C TRP E 28 4.75 33.97 -22.98
N ARG E 29 5.42 34.51 -21.95
CA ARG E 29 6.31 35.65 -22.14
C ARG E 29 7.56 35.28 -22.92
N ALA E 30 8.05 34.05 -22.76
CA ALA E 30 9.19 33.55 -23.52
C ALA E 30 8.80 32.68 -24.69
N GLN E 31 7.50 32.39 -24.86
CA GLN E 31 7.02 31.52 -25.93
C GLN E 31 7.81 30.20 -25.93
N LEU E 32 7.68 29.48 -24.84
CA LEU E 32 8.25 28.16 -24.64
C LEU E 32 7.20 27.09 -24.91
N PRO E 33 7.61 25.93 -25.41
CA PRO E 33 6.64 24.85 -25.63
C PRO E 33 6.01 24.39 -24.33
N ILE E 34 4.71 24.11 -24.38
CA ILE E 34 4.00 23.63 -23.20
C ILE E 34 4.27 22.16 -22.97
N GLU E 35 4.59 21.41 -24.03
CA GLU E 35 4.76 19.97 -23.90
C GLU E 35 6.01 19.63 -23.09
N ASP E 36 7.03 20.49 -23.12
CA ASP E 36 8.24 20.23 -22.34
C ASP E 36 7.92 20.49 -20.87
N SER E 37 7.37 19.50 -20.20
CA SER E 37 6.75 19.69 -18.90
C SER E 37 7.36 18.85 -17.79
N GLY E 38 8.29 17.94 -18.11
CA GLY E 38 9.10 17.30 -17.11
C GLY E 38 8.92 15.80 -17.00
N ARG E 39 8.05 15.18 -17.80
CA ARG E 39 7.91 13.73 -17.77
C ARG E 39 9.10 13.09 -18.49
N VAL E 40 10.19 12.94 -17.74
CA VAL E 40 11.42 12.39 -18.26
C VAL E 40 11.84 11.24 -17.35
N GLU E 41 12.79 10.45 -17.82
CA GLU E 41 13.19 9.24 -17.11
C GLU E 41 13.67 9.57 -15.70
N GLN E 42 14.45 10.63 -15.54
CA GLN E 42 14.99 10.98 -14.23
C GLN E 42 13.88 11.36 -13.26
N GLN E 43 12.89 12.14 -13.72
CA GLN E 43 11.76 12.50 -12.87
C GLN E 43 10.90 11.29 -12.55
N LEU E 44 10.69 10.42 -13.54
CA LEU E 44 9.97 9.17 -13.30
C LEU E 44 10.70 8.30 -12.27
N ALA E 45 12.03 8.28 -12.32
CA ALA E 45 12.79 7.53 -11.34
C ALA E 45 12.62 8.11 -9.94
N LYS E 46 12.68 9.44 -9.82
CA LYS E 46 12.46 10.07 -8.52
C LYS E 46 11.04 9.79 -8.01
N LEU E 47 10.06 9.83 -8.91
CA LEU E 47 8.68 9.55 -8.51
C LEU E 47 8.54 8.14 -7.96
N GLY E 48 9.15 7.15 -8.62
CA GLY E 48 9.09 5.79 -8.12
C GLY E 48 9.81 5.61 -6.80
N GLU E 49 10.91 6.33 -6.60
CA GLU E 49 11.62 6.26 -5.33
C GLU E 49 10.76 6.83 -4.20
N ASP E 50 10.11 7.97 -4.45
CA ASP E 50 9.23 8.55 -3.44
C ASP E 50 8.00 7.68 -3.21
N ALA E 51 7.51 7.02 -4.27
CA ALA E 51 6.40 6.09 -4.12
C ALA E 51 6.81 4.90 -3.26
N ARG E 52 7.95 4.29 -3.58
CA ARG E 52 8.41 3.15 -2.79
C ARG E 52 8.65 3.57 -1.34
N SER E 53 9.15 4.78 -1.12
CA SER E 53 9.33 5.27 0.24
C SER E 53 8.01 5.35 0.99
N GLN E 54 6.90 5.55 0.26
CA GLN E 54 5.58 5.68 0.86
C GLN E 54 4.76 4.40 0.78
N HIS E 55 5.35 3.29 0.36
CA HIS E 55 4.66 2.01 0.31
C HIS E 55 3.42 2.06 -0.57
N ILE E 56 3.54 2.70 -1.74
CA ILE E 56 2.47 2.73 -2.73
C ILE E 56 3.03 2.27 -4.06
N ASP E 57 2.17 1.71 -4.89
CA ASP E 57 2.64 1.13 -6.15
C ASP E 57 3.16 2.22 -7.08
N PRO E 58 4.42 2.16 -7.54
CA PRO E 58 4.92 3.21 -8.43
C PRO E 58 4.17 3.33 -9.74
N ASP E 59 3.77 2.21 -10.35
CA ASP E 59 3.03 2.31 -11.61
C ASP E 59 1.69 3.00 -11.40
N TYR E 60 1.07 2.79 -10.23
CA TYR E 60 -0.14 3.51 -9.90
C TYR E 60 0.13 5.00 -9.74
N VAL E 61 1.17 5.33 -8.96
CA VAL E 61 1.45 6.73 -8.66
C VAL E 61 1.88 7.47 -9.92
N THR E 62 2.62 6.79 -10.81
CA THR E 62 2.96 7.39 -12.09
C THR E 62 1.70 7.72 -12.88
N ARG E 63 0.70 6.82 -12.85
CA ARG E 63 -0.54 7.06 -13.59
C ARG E 63 -1.27 8.28 -13.07
N VAL E 64 -1.28 8.50 -11.75
CA VAL E 64 -1.93 9.66 -11.18
C VAL E 64 -1.28 10.94 -11.70
N PHE E 65 0.06 11.00 -11.66
CA PHE E 65 0.77 12.19 -12.11
C PHE E 65 0.79 12.33 -13.62
N ASP E 66 0.52 11.26 -14.36
CA ASP E 66 0.25 11.41 -15.78
C ASP E 66 -1.08 12.12 -16.00
N ASP E 67 -2.12 11.76 -15.24
CA ASP E 67 -3.37 12.50 -15.33
C ASP E 67 -3.19 13.94 -14.85
N GLN E 68 -2.42 14.13 -13.79
CA GLN E 68 -2.19 15.47 -13.28
C GLN E 68 -1.48 16.34 -14.31
N ILE E 69 -0.47 15.79 -14.99
CA ILE E 69 0.25 16.61 -15.96
C ILE E 69 -0.65 16.91 -17.15
N ARG E 70 -1.50 15.97 -17.55
CA ARG E 70 -2.41 16.21 -18.66
C ARG E 70 -3.42 17.30 -18.29
N ALA E 71 -3.91 17.25 -17.06
CA ALA E 71 -4.81 18.30 -16.59
C ALA E 71 -4.10 19.65 -16.56
N THR E 72 -2.85 19.66 -16.12
CA THR E 72 -2.13 20.94 -16.05
C THR E 72 -1.89 21.51 -17.43
N GLU E 73 -1.46 20.68 -18.38
CA GLU E 73 -1.19 21.19 -19.72
C GLU E 73 -2.46 21.76 -20.36
N ALA E 74 -3.61 21.12 -20.10
CA ALA E 74 -4.87 21.60 -20.66
C ALA E 74 -5.19 23.02 -20.21
N ILE E 75 -4.96 23.32 -18.93
CA ILE E 75 -5.17 24.69 -18.47
C ILE E 75 -4.23 25.63 -19.20
N GLU E 76 -2.94 25.25 -19.29
CA GLU E 76 -1.95 26.09 -19.97
C GLU E 76 -2.31 26.29 -21.44
N TYR E 77 -2.73 25.21 -22.12
CA TYR E 77 -3.11 25.33 -23.52
C TYR E 77 -4.29 26.28 -23.70
N SER E 78 -5.25 26.21 -22.78
CA SER E 78 -6.41 27.11 -22.87
C SER E 78 -5.99 28.57 -22.76
N ARG E 79 -5.10 28.86 -21.81
CA ARG E 79 -4.59 30.22 -21.68
C ARG E 79 -3.88 30.67 -22.96
N PHE E 80 -3.06 29.79 -23.54
CA PHE E 80 -2.38 30.14 -24.78
C PHE E 80 -3.38 30.45 -25.88
N SER E 81 -4.43 29.63 -25.99
CA SER E 81 -5.45 29.88 -27.00
C SER E 81 -6.13 31.22 -26.77
N ASP E 82 -6.48 31.53 -25.52
CA ASP E 82 -7.10 32.82 -25.23
C ASP E 82 -6.16 33.97 -25.57
N TRP E 83 -4.88 33.85 -25.18
CA TRP E 83 -3.93 34.95 -25.32
C TRP E 83 -3.49 35.15 -26.76
N LYS E 84 -3.43 34.08 -27.55
CA LYS E 84 -3.16 34.24 -28.99
C LYS E 84 -4.27 35.02 -29.66
N LEU E 85 -5.51 34.85 -29.20
CA LEU E 85 -6.65 35.56 -29.77
C LEU E 85 -6.80 36.97 -29.21
N ASN E 86 -6.45 37.17 -27.94
CA ASN E 86 -6.45 38.50 -27.34
C ASN E 86 -5.23 38.63 -26.44
N PRO E 87 -4.08 39.06 -27.01
CA PRO E 87 -2.86 39.12 -26.20
C PRO E 87 -2.98 40.08 -25.03
N ALA E 88 -3.92 41.04 -25.09
CA ALA E 88 -4.06 42.00 -24.01
C ALA E 88 -4.32 41.34 -22.67
N SER E 89 -5.05 40.21 -22.65
CA SER E 89 -5.37 39.56 -21.40
C SER E 89 -4.19 38.80 -20.79
N ALA E 90 -3.11 38.59 -21.54
CA ALA E 90 -1.98 37.86 -20.98
C ALA E 90 -1.33 38.68 -19.87
N PRO E 91 -0.77 38.02 -18.86
CA PRO E 91 -0.02 38.77 -17.83
C PRO E 91 1.15 39.51 -18.45
N PRO E 92 1.43 40.73 -17.98
CA PRO E 92 2.45 41.54 -18.67
C PRO E 92 3.89 41.21 -18.25
N GLU E 93 4.10 40.66 -17.06
CA GLU E 93 5.40 40.35 -16.51
C GLU E 93 5.50 38.85 -16.28
N PRO E 94 6.68 38.25 -16.45
CA PRO E 94 6.83 36.83 -16.12
C PRO E 94 6.81 36.63 -14.62
N PRO E 95 6.00 35.71 -14.10
CA PRO E 95 5.97 35.51 -12.65
C PRO E 95 7.24 34.81 -12.18
N ASP E 96 7.54 35.01 -10.91
CA ASP E 96 8.65 34.33 -10.26
C ASP E 96 8.13 33.08 -9.60
N LEU E 97 8.59 31.93 -10.08
CA LEU E 97 8.05 30.65 -9.65
C LEU E 97 8.97 29.91 -8.69
N SER E 98 10.18 30.42 -8.45
CA SER E 98 11.10 29.75 -7.55
C SER E 98 10.49 29.57 -6.16
N ALA E 99 9.69 30.56 -5.71
CA ALA E 99 9.05 30.44 -4.40
C ALA E 99 8.09 29.25 -4.34
N SER E 100 7.34 29.04 -5.42
CA SER E 100 6.35 27.97 -5.49
C SER E 100 6.98 26.58 -5.42
N ARG E 101 8.30 26.48 -5.55
CA ARG E 101 8.95 25.18 -5.65
C ARG E 101 8.70 24.33 -4.40
N SER E 102 8.75 24.95 -3.21
CA SER E 102 8.47 24.21 -1.98
C SER E 102 6.99 23.87 -1.85
N ALA E 103 6.11 24.72 -2.37
CA ALA E 103 4.68 24.42 -2.31
C ALA E 103 4.37 23.13 -3.06
N ILE E 104 4.97 22.94 -4.24
CA ILE E 104 4.74 21.73 -5.00
C ILE E 104 5.22 20.52 -4.22
N ASP E 105 6.38 20.62 -3.58
CA ASP E 105 6.85 19.49 -2.78
C ASP E 105 5.83 19.11 -1.71
N SER E 106 5.28 20.11 -1.02
CA SER E 106 4.30 19.81 0.01
C SER E 106 3.06 19.18 -0.60
N LEU E 107 2.60 19.70 -1.74
CA LEU E 107 1.45 19.13 -2.41
C LEU E 107 1.75 17.72 -2.91
N ASN E 108 2.94 17.51 -3.47
CA ASN E 108 3.33 16.19 -3.93
C ASN E 108 3.35 15.20 -2.78
N ASN E 109 3.95 15.60 -1.67
CA ASN E 109 4.04 14.70 -0.53
C ASN E 109 2.66 14.40 0.04
N ARG E 110 1.80 15.42 0.14
CA ARG E 110 0.44 15.19 0.63
C ARG E 110 -0.31 14.22 -0.25
N MET E 111 -0.21 14.38 -1.57
CA MET E 111 -0.91 13.47 -2.47
C MET E 111 -0.45 12.02 -2.28
N LEU E 112 0.85 11.80 -2.13
CA LEU E 112 1.34 10.43 -1.95
C LEU E 112 0.89 9.84 -0.61
N SER E 113 0.91 10.64 0.46
CA SER E 113 0.55 10.09 1.77
C SER E 113 -0.95 9.86 1.87
N GLN E 114 -1.75 10.64 1.14
CA GLN E 114 -3.18 10.39 1.10
C GLN E 114 -3.48 9.14 0.29
N ILE E 115 -2.72 8.90 -0.78
CA ILE E 115 -2.89 7.66 -1.52
C ILE E 115 -2.58 6.47 -0.62
N TRP E 116 -1.49 6.55 0.16
CA TRP E 116 -1.17 5.46 1.07
C TRP E 116 -2.22 5.31 2.16
N SER E 117 -2.70 6.44 2.70
CA SER E 117 -3.59 6.39 3.85
C SER E 117 -4.95 5.85 3.49
N HIS E 118 -5.40 6.09 2.25
CA HIS E 118 -6.70 5.66 1.76
C HIS E 118 -6.56 4.63 0.65
N TRP E 119 -5.46 3.87 0.68
CA TRP E 119 -5.20 2.91 -0.39
C TRP E 119 -6.31 1.88 -0.48
N SER E 120 -6.76 1.37 0.68
CA SER E 120 -7.83 0.38 0.67
C SER E 120 -9.09 0.93 0.00
N LEU E 121 -9.47 2.17 0.32
CA LEU E 121 -10.64 2.77 -0.31
C LEU E 121 -10.45 2.93 -1.81
N LEU E 122 -9.27 3.37 -2.24
CA LEU E 122 -9.04 3.59 -3.67
C LEU E 122 -9.19 2.30 -4.46
N SER E 123 -8.96 1.15 -3.83
CA SER E 123 -9.14 -0.14 -4.47
C SER E 123 -10.54 -0.72 -4.29
N ALA E 124 -11.39 -0.10 -3.48
CA ALA E 124 -12.67 -0.70 -3.15
C ALA E 124 -13.70 -0.42 -4.24
N PRO E 125 -14.77 -1.22 -4.29
CA PRO E 125 -15.82 -0.98 -5.30
C PRO E 125 -16.47 0.38 -5.19
N SER E 126 -16.58 0.92 -3.97
CA SER E 126 -17.21 2.21 -3.68
C SER E 126 -16.34 3.41 -4.04
N CYS E 127 -15.13 3.20 -4.55
CA CYS E 127 -14.21 4.32 -4.76
C CYS E 127 -14.84 5.37 -5.68
N ALA E 128 -15.54 4.95 -6.72
CA ALA E 128 -16.03 5.91 -7.71
C ALA E 128 -16.99 6.92 -7.08
N ALA E 129 -17.90 6.46 -6.21
CA ALA E 129 -18.83 7.39 -5.59
C ALA E 129 -18.13 8.32 -4.62
N GLN E 130 -17.20 7.79 -3.82
CA GLN E 130 -16.45 8.63 -2.88
C GLN E 130 -15.60 9.67 -3.61
N LEU E 131 -15.22 9.40 -4.85
CA LEU E 131 -14.52 10.41 -5.64
C LEU E 131 -15.47 11.54 -6.06
N ASP E 132 -16.73 11.22 -6.37
CA ASP E 132 -17.70 12.26 -6.71
C ASP E 132 -17.99 13.17 -5.51
N ARG E 133 -18.23 12.57 -4.34
CA ARG E 133 -18.40 13.37 -3.12
C ARG E 133 -17.23 14.34 -2.96
N ALA E 134 -16.00 13.83 -3.05
CA ALA E 134 -14.83 14.66 -2.90
C ALA E 134 -14.80 15.77 -3.94
N LYS E 135 -15.00 15.43 -5.21
CA LYS E 135 -14.95 16.45 -6.25
C LYS E 135 -16.00 17.53 -6.03
N ARG E 136 -17.21 17.12 -5.64
CA ARG E 136 -18.26 18.10 -5.39
C ARG E 136 -17.90 19.01 -4.23
N ASP E 137 -17.32 18.46 -3.15
CA ASP E 137 -16.89 19.29 -2.04
C ASP E 137 -15.87 20.32 -2.49
N ILE E 138 -14.83 19.85 -3.19
CA ILE E 138 -13.71 20.73 -3.56
C ILE E 138 -14.15 21.76 -4.58
N VAL E 139 -14.96 21.35 -5.56
CA VAL E 139 -15.43 22.28 -6.59
C VAL E 139 -16.21 23.42 -5.95
N ARG E 140 -17.09 23.11 -5.02
CA ARG E 140 -17.80 24.16 -4.30
C ARG E 140 -16.85 24.90 -3.37
N SER E 141 -16.05 24.16 -2.60
CA SER E 141 -15.25 24.79 -1.56
C SER E 141 -14.12 25.66 -2.14
N ARG E 142 -13.44 25.19 -3.18
CA ARG E 142 -12.39 26.01 -3.81
C ARG E 142 -12.94 26.95 -4.86
N HIS E 143 -14.25 26.94 -5.09
CA HIS E 143 -14.92 27.78 -6.09
C HIS E 143 -14.25 27.66 -7.45
N LEU E 144 -14.21 26.42 -7.95
CA LEU E 144 -13.53 26.12 -9.21
C LEU E 144 -14.43 26.44 -10.40
N ASP E 145 -13.87 27.10 -11.41
CA ASP E 145 -14.63 27.42 -12.61
C ASP E 145 -14.67 26.20 -13.54
N SER E 146 -15.30 26.38 -14.71
CA SER E 146 -15.51 25.26 -15.61
C SER E 146 -14.18 24.64 -16.02
N LEU E 147 -13.17 25.48 -16.30
CA LEU E 147 -11.88 24.96 -16.73
C LEU E 147 -11.25 24.13 -15.63
N TYR E 148 -11.28 24.63 -14.39
CA TYR E 148 -10.68 23.88 -13.29
C TYR E 148 -11.52 22.66 -12.90
N GLN E 149 -12.84 22.72 -13.09
CA GLN E 149 -13.66 21.53 -12.85
C GLN E 149 -13.31 20.41 -13.82
N ARG E 150 -13.12 20.75 -15.09
CA ARG E 150 -12.74 19.75 -16.08
C ARG E 150 -11.35 19.19 -15.79
N ALA E 151 -10.40 20.06 -15.43
CA ALA E 151 -9.04 19.62 -15.13
C ALA E 151 -9.01 18.67 -13.95
N LEU E 152 -9.79 18.96 -12.91
CA LEU E 152 -9.85 18.08 -11.73
C LEU E 152 -10.43 16.71 -12.10
N THR E 153 -11.43 16.69 -12.97
CA THR E 153 -11.95 15.40 -13.43
C THR E 153 -10.86 14.62 -14.16
N THR E 154 -10.05 15.31 -14.98
CA THR E 154 -8.92 14.66 -15.64
C THR E 154 -7.86 14.21 -14.65
N ALA E 155 -7.51 15.05 -13.68
CA ALA E 155 -6.41 14.74 -12.78
C ALA E 155 -6.71 13.56 -11.85
N THR E 156 -7.97 13.20 -11.68
CA THR E 156 -8.36 12.16 -10.74
C THR E 156 -8.94 10.94 -11.42
N GLN E 157 -8.89 10.87 -12.75
CA GLN E 157 -9.62 9.84 -13.47
C GLN E 157 -9.00 8.46 -13.30
N SER E 158 -7.82 8.37 -12.68
CA SER E 158 -7.17 7.10 -12.43
C SER E 158 -7.11 6.73 -10.95
N TYR E 159 -7.81 7.47 -10.09
CA TYR E 159 -7.72 7.21 -8.65
C TYR E 159 -8.26 5.82 -8.30
N CYS E 160 -9.29 5.37 -9.01
CA CYS E 160 -10.00 4.13 -8.70
C CYS E 160 -9.48 2.93 -9.52
N GLN E 161 -8.35 3.08 -10.22
CA GLN E 161 -7.83 1.98 -11.03
C GLN E 161 -7.25 0.83 -10.21
N ALA E 162 -7.01 1.02 -8.92
CA ALA E 162 -6.45 -0.04 -8.10
C ALA E 162 -7.35 -1.27 -8.10
N THR F 3 -22.19 44.30 -51.36
CA THR F 3 -21.16 43.42 -50.80
C THR F 3 -19.85 44.17 -50.58
N SER F 4 -19.10 43.76 -49.57
CA SER F 4 -17.87 44.45 -49.21
C SER F 4 -16.74 44.03 -50.14
N GLN F 5 -15.83 44.98 -50.39
CA GLN F 5 -14.70 44.71 -51.28
C GLN F 5 -13.65 43.83 -50.62
N LEU F 6 -13.63 43.75 -49.30
CA LEU F 6 -12.70 42.88 -48.60
C LEU F 6 -13.28 41.50 -48.32
N ALA F 7 -14.49 41.22 -48.81
CA ALA F 7 -15.13 39.94 -48.50
C ALA F 7 -14.31 38.78 -49.05
N GLU F 8 -13.79 38.90 -50.27
CA GLU F 8 -13.02 37.82 -50.86
C GLU F 8 -11.72 37.56 -50.09
N LEU F 9 -11.06 38.63 -49.67
CA LEU F 9 -9.83 38.48 -48.88
C LEU F 9 -10.12 37.76 -47.57
N VAL F 10 -11.16 38.21 -46.86
CA VAL F 10 -11.50 37.64 -45.56
C VAL F 10 -11.99 36.20 -45.71
N ASP F 11 -12.71 35.89 -46.79
CA ASP F 11 -13.16 34.51 -47.00
C ASP F 11 -11.97 33.57 -47.19
N ALA F 12 -10.92 34.03 -47.86
CA ALA F 12 -9.72 33.21 -48.01
C ALA F 12 -9.07 32.93 -46.66
N ALA F 13 -8.87 33.97 -45.85
CA ALA F 13 -8.25 33.77 -44.55
C ALA F 13 -9.11 32.87 -43.67
N ALA F 14 -10.43 33.01 -43.77
CA ALA F 14 -11.32 32.16 -43.00
C ALA F 14 -11.20 30.70 -43.42
N GLU F 15 -11.17 30.45 -44.73
CA GLU F 15 -10.97 29.08 -45.19
C GLU F 15 -9.60 28.57 -44.79
N ARG F 16 -8.57 29.41 -44.90
CA ARG F 16 -7.22 28.99 -44.55
C ARG F 16 -7.13 28.60 -43.09
N LEU F 17 -7.87 29.27 -42.21
CA LEU F 17 -7.86 28.94 -40.79
C LEU F 17 -8.26 27.48 -40.56
N GLU F 18 -9.02 26.89 -41.48
CA GLU F 18 -9.51 25.53 -41.28
C GLU F 18 -8.40 24.48 -41.33
N VAL F 19 -7.19 24.86 -41.75
CA VAL F 19 -6.06 23.94 -41.70
C VAL F 19 -5.71 23.61 -40.25
N ALA F 20 -6.13 24.46 -39.30
CA ALA F 20 -5.80 24.22 -37.90
C ALA F 20 -6.30 22.87 -37.44
N ASP F 21 -7.51 22.48 -37.86
CA ASP F 21 -8.07 21.21 -37.41
C ASP F 21 -7.26 20.02 -37.93
N PRO F 22 -7.00 19.89 -39.23
CA PRO F 22 -6.16 18.76 -39.65
C PRO F 22 -4.81 18.76 -38.98
N VAL F 23 -4.19 19.93 -38.85
CA VAL F 23 -2.87 20.02 -38.23
C VAL F 23 -2.95 19.64 -36.76
N ALA F 24 -3.99 20.10 -36.07
CA ALA F 24 -4.15 19.75 -34.67
C ALA F 24 -4.29 18.24 -34.52
N ALA F 25 -5.06 17.61 -35.41
CA ALA F 25 -5.26 16.17 -35.34
C ALA F 25 -3.95 15.42 -35.52
N PHE F 26 -3.11 15.85 -36.48
CA PHE F 26 -1.86 15.14 -36.68
C PHE F 26 -0.90 15.36 -35.52
N LYS F 27 -0.71 16.61 -35.10
CA LYS F 27 0.18 16.88 -34.00
C LYS F 27 -0.33 16.24 -32.72
N TRP F 28 -1.65 16.07 -32.59
CA TRP F 28 -2.18 15.41 -31.40
C TRP F 28 -1.76 13.95 -31.35
N ARG F 29 -1.86 13.24 -32.48
CA ARG F 29 -1.55 11.82 -32.52
C ARG F 29 -0.06 11.58 -32.34
N ALA F 30 0.78 12.51 -32.79
CA ALA F 30 2.21 12.38 -32.59
C ALA F 30 2.72 13.19 -31.42
N GLN F 31 1.86 14.01 -30.80
CA GLN F 31 2.25 14.86 -29.68
C GLN F 31 3.51 15.65 -30.01
N LEU F 32 3.37 16.45 -31.03
CA LEU F 32 4.37 17.41 -31.48
C LEU F 32 4.05 18.79 -30.92
N PRO F 33 5.05 19.61 -30.62
CA PRO F 33 4.74 20.96 -30.15
C PRO F 33 3.97 21.75 -31.21
N ILE F 34 3.01 22.54 -30.74
CA ILE F 34 2.21 23.35 -31.65
C ILE F 34 2.98 24.58 -32.12
N GLU F 35 3.93 25.07 -31.32
CA GLU F 35 4.61 26.31 -31.67
C GLU F 35 5.47 26.17 -32.91
N ASP F 36 6.00 24.98 -33.18
CA ASP F 36 6.88 24.76 -34.32
C ASP F 36 6.02 24.70 -35.58
N SER F 37 5.72 25.88 -36.12
CA SER F 37 4.72 26.04 -37.18
C SER F 37 5.26 26.67 -38.47
N GLY F 38 6.52 27.09 -38.50
CA GLY F 38 7.16 27.43 -39.76
C GLY F 38 7.64 28.86 -39.90
N ARG F 39 7.50 29.72 -38.89
CA ARG F 39 8.03 31.08 -38.98
C ARG F 39 9.55 30.98 -38.80
N VAL F 40 10.23 30.69 -39.91
CA VAL F 40 11.67 30.53 -39.95
C VAL F 40 12.20 31.44 -41.06
N GLU F 41 13.53 31.60 -41.07
CA GLU F 41 14.14 32.56 -41.98
C GLU F 41 13.78 32.27 -43.43
N GLN F 42 13.83 31.00 -43.83
CA GLN F 42 13.56 30.66 -45.22
C GLN F 42 12.11 30.97 -45.58
N GLN F 43 11.16 30.66 -44.70
CA GLN F 43 9.76 30.96 -45.00
C GLN F 43 9.50 32.45 -45.02
N LEU F 44 10.10 33.18 -44.08
CA LEU F 44 10.00 34.63 -44.08
C LEU F 44 10.63 35.22 -45.35
N ALA F 45 11.76 34.66 -45.77
CA ALA F 45 12.37 35.14 -47.00
C ALA F 45 11.47 34.83 -48.20
N LYS F 46 10.99 33.59 -48.30
CA LYS F 46 10.12 33.24 -49.42
C LYS F 46 8.87 34.11 -49.43
N LEU F 47 8.30 34.38 -48.25
CA LEU F 47 7.13 35.23 -48.17
C LEU F 47 7.39 36.61 -48.74
N GLY F 48 8.52 37.21 -48.36
CA GLY F 48 8.86 38.53 -48.90
C GLY F 48 9.15 38.49 -50.38
N GLU F 49 9.75 37.40 -50.87
CA GLU F 49 10.03 37.28 -52.29
C GLU F 49 8.74 37.23 -53.10
N ASP F 50 7.73 36.49 -52.61
CA ASP F 50 6.44 36.44 -53.29
C ASP F 50 5.71 37.77 -53.21
N ALA F 51 5.84 38.50 -52.09
CA ALA F 51 5.24 39.82 -52.00
C ALA F 51 5.92 40.79 -52.95
N ARG F 52 7.25 40.84 -52.91
CA ARG F 52 8.00 41.73 -53.78
C ARG F 52 7.76 41.38 -55.24
N SER F 53 7.64 40.08 -55.53
CA SER F 53 7.39 39.65 -56.90
C SER F 53 6.11 40.26 -57.45
N GLN F 54 5.15 40.54 -56.58
CA GLN F 54 3.85 41.05 -57.00
C GLN F 54 3.63 42.52 -56.67
N HIS F 55 4.70 43.24 -56.30
CA HIS F 55 4.60 44.66 -55.97
C HIS F 55 3.72 44.89 -54.74
N ILE F 56 3.94 44.10 -53.71
CA ILE F 56 3.25 44.27 -52.43
C ILE F 56 4.29 44.48 -51.35
N ASP F 57 3.93 45.26 -50.33
CA ASP F 57 4.88 45.60 -49.28
C ASP F 57 5.19 44.34 -48.49
N PRO F 58 6.45 43.90 -48.42
CA PRO F 58 6.74 42.66 -47.68
C PRO F 58 6.42 42.73 -46.20
N ASP F 59 6.73 43.84 -45.54
CA ASP F 59 6.47 43.94 -44.11
C ASP F 59 4.98 43.91 -43.81
N TYR F 60 4.16 44.47 -44.70
CA TYR F 60 2.72 44.36 -44.53
C TYR F 60 2.27 42.92 -44.62
N VAL F 61 2.74 42.20 -45.63
CA VAL F 61 2.33 40.81 -45.82
C VAL F 61 2.88 39.92 -44.71
N THR F 62 4.09 40.21 -44.24
CA THR F 62 4.63 39.43 -43.13
C THR F 62 3.77 39.60 -41.89
N ARG F 63 3.34 40.84 -41.61
CA ARG F 63 2.48 41.10 -40.45
C ARG F 63 1.14 40.40 -40.60
N VAL F 64 0.59 40.38 -41.80
CA VAL F 64 -0.68 39.70 -42.02
C VAL F 64 -0.54 38.21 -41.73
N PHE F 65 0.51 37.57 -42.26
CA PHE F 65 0.72 36.15 -42.00
C PHE F 65 1.21 35.88 -40.58
N ASP F 66 1.74 36.89 -39.89
CA ASP F 66 1.97 36.76 -38.46
C ASP F 66 0.65 36.67 -37.69
N ASP F 67 -0.32 37.50 -38.05
CA ASP F 67 -1.64 37.37 -37.44
C ASP F 67 -2.29 36.05 -37.80
N GLN F 68 -2.14 35.62 -39.06
CA GLN F 68 -2.77 34.38 -39.49
C GLN F 68 -2.22 33.19 -38.72
N ILE F 69 -0.91 33.14 -38.49
CA ILE F 69 -0.37 31.99 -37.78
C ILE F 69 -0.81 32.02 -36.32
N ARG F 70 -0.90 33.22 -35.72
CA ARG F 70 -1.38 33.31 -34.36
C ARG F 70 -2.83 32.85 -34.25
N ALA F 71 -3.67 33.25 -35.19
CA ALA F 71 -5.04 32.77 -35.18
C ALA F 71 -5.09 31.27 -35.36
N THR F 72 -4.27 30.73 -36.27
CA THR F 72 -4.27 29.29 -36.50
C THR F 72 -3.79 28.55 -35.26
N GLU F 73 -2.72 29.00 -34.63
CA GLU F 73 -2.22 28.33 -33.44
C GLU F 73 -3.28 28.34 -32.35
N ALA F 74 -4.04 29.43 -32.26
CA ALA F 74 -5.07 29.50 -31.23
C ALA F 74 -6.08 28.36 -31.36
N ILE F 75 -6.52 28.07 -32.59
CA ILE F 75 -7.44 26.94 -32.77
C ILE F 75 -6.76 25.66 -32.33
N GLU F 76 -5.52 25.45 -32.76
CA GLU F 76 -4.81 24.23 -32.41
C GLU F 76 -4.65 24.10 -30.90
N TYR F 77 -4.33 25.22 -30.25
CA TYR F 77 -4.21 25.23 -28.79
C TYR F 77 -5.54 24.88 -28.12
N SER F 78 -6.64 25.39 -28.66
CA SER F 78 -7.95 25.08 -28.09
C SER F 78 -8.28 23.60 -28.18
N ARG F 79 -8.00 22.97 -29.33
CA ARG F 79 -8.26 21.54 -29.48
C ARG F 79 -7.44 20.73 -28.48
N PHE F 80 -6.16 21.09 -28.33
CA PHE F 80 -5.31 20.36 -27.40
C PHE F 80 -5.85 20.46 -25.98
N SER F 81 -6.33 21.64 -25.58
CA SER F 81 -6.91 21.79 -24.25
C SER F 81 -8.13 20.89 -24.11
N ASP F 82 -9.01 20.89 -25.13
CA ASP F 82 -10.18 20.04 -25.07
C ASP F 82 -9.81 18.56 -25.05
N TRP F 83 -8.86 18.16 -25.90
CA TRP F 83 -8.54 16.74 -26.03
C TRP F 83 -7.75 16.22 -24.83
N LYS F 84 -6.95 17.07 -24.17
CA LYS F 84 -6.31 16.65 -22.92
C LYS F 84 -7.35 16.35 -21.85
N LEU F 85 -8.45 17.11 -21.86
CA LEU F 85 -9.50 16.96 -20.87
C LEU F 85 -10.46 15.83 -21.23
N ASN F 86 -10.74 15.66 -22.53
CA ASN F 86 -11.59 14.57 -23.01
C ASN F 86 -10.98 14.00 -24.29
N PRO F 87 -10.09 13.02 -24.18
CA PRO F 87 -9.41 12.51 -25.37
C PRO F 87 -10.34 11.81 -26.34
N ALA F 88 -11.47 11.31 -25.84
CA ALA F 88 -12.39 10.57 -26.69
C ALA F 88 -12.82 11.41 -27.89
N SER F 89 -12.97 12.72 -27.71
CA SER F 89 -13.37 13.59 -28.80
C SER F 89 -12.22 13.85 -29.78
N ALA F 90 -10.99 13.50 -29.42
CA ALA F 90 -9.87 13.70 -30.32
C ALA F 90 -9.98 12.77 -31.52
N PRO F 91 -9.48 13.19 -32.68
CA PRO F 91 -9.49 12.30 -33.86
C PRO F 91 -8.66 11.05 -33.59
N PRO F 92 -9.10 9.89 -34.05
CA PRO F 92 -8.39 8.65 -33.69
C PRO F 92 -7.21 8.36 -34.62
N GLU F 93 -7.27 8.87 -35.85
CA GLU F 93 -6.22 8.63 -36.82
C GLU F 93 -5.64 9.95 -37.31
N PRO F 94 -4.35 10.00 -37.63
CA PRO F 94 -3.77 11.21 -38.22
C PRO F 94 -4.22 11.39 -39.64
N PRO F 95 -4.67 12.59 -40.02
CA PRO F 95 -5.11 12.81 -41.40
C PRO F 95 -3.93 12.85 -42.36
N ASP F 96 -4.24 12.65 -43.64
CA ASP F 96 -3.25 12.78 -44.71
C ASP F 96 -3.30 14.20 -45.25
N LEU F 97 -2.21 14.94 -45.06
CA LEU F 97 -2.19 16.37 -45.34
C LEU F 97 -1.49 16.73 -46.63
N SER F 98 -0.90 15.77 -47.33
CA SER F 98 -0.25 16.06 -48.60
C SER F 98 -1.21 16.75 -49.55
N ALA F 99 -2.48 16.35 -49.52
CA ALA F 99 -3.47 16.96 -50.40
C ALA F 99 -3.62 18.45 -50.13
N SER F 100 -3.63 18.84 -48.86
CA SER F 100 -3.85 20.22 -48.50
C SER F 100 -2.76 21.17 -48.98
N ARG F 101 -1.61 20.65 -49.41
CA ARG F 101 -0.51 21.56 -49.78
C ARG F 101 -0.93 22.48 -50.92
N SER F 102 -1.61 21.94 -51.94
CA SER F 102 -2.03 22.77 -53.05
C SER F 102 -3.13 23.74 -52.65
N ALA F 103 -4.00 23.34 -51.72
CA ALA F 103 -5.05 24.25 -51.26
C ALA F 103 -4.43 25.46 -50.57
N ILE F 104 -3.45 25.22 -49.69
CA ILE F 104 -2.83 26.33 -48.97
C ILE F 104 -2.14 27.27 -49.94
N ASP F 105 -1.41 26.71 -50.91
CA ASP F 105 -0.77 27.55 -51.92
C ASP F 105 -1.80 28.40 -52.65
N SER F 106 -2.94 27.80 -53.01
CA SER F 106 -3.98 28.55 -53.69
C SER F 106 -4.51 29.67 -52.79
N LEU F 107 -4.76 29.35 -51.51
CA LEU F 107 -5.27 30.36 -50.58
C LEU F 107 -4.26 31.48 -50.35
N ASN F 108 -2.98 31.13 -50.22
CA ASN F 108 -1.96 32.17 -50.06
C ASN F 108 -1.96 33.12 -51.26
N ASN F 109 -2.05 32.56 -52.46
CA ASN F 109 -2.09 33.41 -53.66
C ASN F 109 -3.35 34.27 -53.68
N ARG F 110 -4.50 33.68 -53.34
CA ARG F 110 -5.73 34.47 -53.27
C ARG F 110 -5.57 35.64 -52.31
N MET F 111 -5.02 35.38 -51.12
CA MET F 111 -4.85 36.46 -50.15
C MET F 111 -3.92 37.54 -50.68
N LEU F 112 -2.82 37.16 -51.32
CA LEU F 112 -1.90 38.16 -51.86
C LEU F 112 -2.55 38.93 -53.00
N SER F 113 -3.34 38.25 -53.84
CA SER F 113 -3.93 38.92 -54.99
C SER F 113 -5.05 39.87 -54.57
N GLN F 114 -5.77 39.56 -53.49
CA GLN F 114 -6.77 40.48 -52.99
C GLN F 114 -6.12 41.67 -52.29
N ILE F 115 -5.02 41.44 -51.59
CA ILE F 115 -4.26 42.54 -50.98
C ILE F 115 -3.75 43.49 -52.05
N TRP F 116 -3.20 42.95 -53.13
CA TRP F 116 -2.72 43.83 -54.19
C TRP F 116 -3.90 44.57 -54.83
N SER F 117 -5.01 43.86 -55.03
CA SER F 117 -6.13 44.39 -55.78
C SER F 117 -6.90 45.44 -55.00
N HIS F 118 -6.92 45.36 -53.67
CA HIS F 118 -7.66 46.28 -52.84
C HIS F 118 -6.72 47.08 -51.95
N TRP F 119 -5.49 47.30 -52.41
CA TRP F 119 -4.53 48.02 -51.59
C TRP F 119 -5.02 49.43 -51.28
N SER F 120 -5.62 50.09 -52.27
CA SER F 120 -6.11 51.44 -52.07
C SER F 120 -7.11 51.49 -50.92
N LEU F 121 -8.06 50.55 -50.91
CA LEU F 121 -9.02 50.48 -49.82
C LEU F 121 -8.32 50.17 -48.49
N LEU F 122 -7.39 49.20 -48.51
CA LEU F 122 -6.72 48.81 -47.27
C LEU F 122 -5.94 49.96 -46.65
N SER F 123 -5.49 50.91 -47.47
CA SER F 123 -4.78 52.08 -46.97
C SER F 123 -5.71 53.24 -46.65
N ALA F 124 -6.99 53.12 -46.98
CA ALA F 124 -7.93 54.22 -46.87
C ALA F 124 -8.51 54.32 -45.47
N PRO F 125 -9.06 55.48 -45.11
CA PRO F 125 -9.74 55.58 -43.81
C PRO F 125 -10.92 54.63 -43.69
N SER F 126 -11.57 54.31 -44.81
CA SER F 126 -12.77 53.47 -44.84
C SER F 126 -12.48 51.99 -44.62
N CYS F 127 -11.21 51.60 -44.52
CA CYS F 127 -10.88 50.18 -44.44
C CYS F 127 -11.53 49.52 -43.23
N ALA F 128 -11.48 50.18 -42.08
CA ALA F 128 -11.93 49.53 -40.85
C ALA F 128 -13.40 49.15 -40.92
N ALA F 129 -14.24 50.05 -41.44
CA ALA F 129 -15.67 49.73 -41.54
C ALA F 129 -15.91 48.65 -42.57
N GLN F 130 -15.23 48.72 -43.72
CA GLN F 130 -15.41 47.71 -44.76
C GLN F 130 -14.91 46.35 -44.31
N LEU F 131 -13.93 46.31 -43.40
CA LEU F 131 -13.53 45.03 -42.84
C LEU F 131 -14.62 44.43 -41.95
N ASP F 132 -15.38 45.28 -41.24
CA ASP F 132 -16.50 44.80 -40.44
C ASP F 132 -17.60 44.17 -41.30
N ARG F 133 -17.98 44.84 -42.39
CA ARG F 133 -18.95 44.25 -43.31
C ARG F 133 -18.46 42.87 -43.77
N ALA F 134 -17.21 42.81 -44.23
CA ALA F 134 -16.65 41.56 -44.72
C ALA F 134 -16.69 40.48 -43.65
N LYS F 135 -16.19 40.79 -42.44
CA LYS F 135 -16.20 39.79 -41.38
C LYS F 135 -17.61 39.33 -41.07
N ARG F 136 -18.56 40.27 -41.05
CA ARG F 136 -19.95 39.89 -40.83
C ARG F 136 -20.46 39.02 -41.97
N ASP F 137 -20.11 39.36 -43.21
CA ASP F 137 -20.51 38.55 -44.35
C ASP F 137 -19.97 37.13 -44.24
N ILE F 138 -18.66 37.00 -43.99
CA ILE F 138 -18.02 35.70 -44.01
C ILE F 138 -18.51 34.85 -42.84
N VAL F 139 -18.65 35.46 -41.66
CA VAL F 139 -19.12 34.71 -40.50
C VAL F 139 -20.50 34.13 -40.76
N ARG F 140 -21.38 34.91 -41.38
CA ARG F 140 -22.70 34.38 -41.73
C ARG F 140 -22.60 33.32 -42.80
N SER F 141 -21.86 33.59 -43.88
CA SER F 141 -21.85 32.67 -45.01
C SER F 141 -21.14 31.36 -44.67
N ARG F 142 -20.04 31.43 -43.93
CA ARG F 142 -19.30 30.23 -43.52
C ARG F 142 -19.84 29.61 -42.24
N HIS F 143 -20.85 30.21 -41.61
CA HIS F 143 -21.45 29.70 -40.37
C HIS F 143 -20.39 29.38 -39.32
N LEU F 144 -19.61 30.41 -38.96
CA LEU F 144 -18.46 30.24 -38.08
C LEU F 144 -18.89 30.22 -36.61
N ASP F 145 -18.32 29.28 -35.86
CA ASP F 145 -18.62 29.12 -34.45
C ASP F 145 -17.81 30.16 -33.66
N SER F 146 -17.87 30.08 -32.32
CA SER F 146 -17.25 31.09 -31.49
C SER F 146 -15.74 31.16 -31.71
N LEU F 147 -15.09 30.00 -31.77
CA LEU F 147 -13.63 29.96 -31.88
C LEU F 147 -13.15 30.58 -33.19
N TYR F 148 -13.82 30.25 -34.29
CA TYR F 148 -13.39 30.73 -35.60
C TYR F 148 -13.67 32.21 -35.81
N GLN F 149 -14.76 32.73 -35.22
CA GLN F 149 -15.02 34.15 -35.29
C GLN F 149 -13.92 34.95 -34.61
N ARG F 150 -13.46 34.46 -33.45
CA ARG F 150 -12.37 35.10 -32.76
C ARG F 150 -11.09 34.99 -33.56
N ALA F 151 -10.84 33.80 -34.13
CA ALA F 151 -9.63 33.61 -34.93
C ALA F 151 -9.64 34.53 -36.15
N LEU F 152 -10.79 34.67 -36.81
CA LEU F 152 -10.87 35.53 -37.99
C LEU F 152 -10.58 36.98 -37.64
N THR F 153 -11.08 37.44 -36.50
CA THR F 153 -10.77 38.80 -36.07
C THR F 153 -9.28 38.96 -35.80
N THR F 154 -8.66 37.94 -35.19
CA THR F 154 -7.22 37.97 -34.96
C THR F 154 -6.47 37.97 -36.27
N ALA F 155 -6.88 37.12 -37.21
CA ALA F 155 -6.16 36.98 -38.48
C ALA F 155 -6.24 38.24 -39.34
N THR F 156 -7.19 39.12 -39.08
CA THR F 156 -7.44 40.26 -39.95
C THR F 156 -7.11 41.60 -39.30
N GLN F 157 -6.52 41.59 -38.11
CA GLN F 157 -6.40 42.83 -37.35
C GLN F 157 -5.39 43.81 -37.92
N SER F 158 -4.57 43.42 -38.89
CA SER F 158 -3.59 44.32 -39.47
C SER F 158 -3.93 44.73 -40.89
N TYR F 159 -5.13 44.39 -41.38
CA TYR F 159 -5.44 44.68 -42.77
C TYR F 159 -5.44 46.18 -43.05
N CYS F 160 -5.88 46.98 -42.09
CA CYS F 160 -6.04 48.41 -42.29
C CYS F 160 -4.82 49.21 -41.87
N GLN F 161 -3.75 48.56 -41.42
CA GLN F 161 -2.51 49.24 -41.05
C GLN F 161 -1.60 49.51 -42.25
N ALA F 162 -2.11 49.53 -43.47
CA ALA F 162 -1.30 49.76 -44.66
C ALA F 162 -1.15 51.25 -44.94
N LEU F 163 -0.21 51.56 -45.85
CA LEU F 163 0.20 52.94 -46.12
C LEU F 163 -0.06 53.32 -47.58
N THR G 3 19.49 -8.16 -0.47
CA THR G 3 19.47 -8.82 0.83
C THR G 3 20.88 -8.93 1.41
N SER G 4 21.00 -8.83 2.73
CA SER G 4 22.29 -8.93 3.40
C SER G 4 22.54 -10.35 3.90
N GLN G 5 23.83 -10.68 4.08
CA GLN G 5 24.21 -11.95 4.67
C GLN G 5 23.98 -11.99 6.18
N LEU G 6 23.94 -10.84 6.85
CA LEU G 6 23.60 -10.77 8.26
C LEU G 6 22.13 -10.44 8.49
N ALA G 7 21.33 -10.38 7.43
CA ALA G 7 19.94 -9.94 7.56
C ALA G 7 19.18 -10.79 8.58
N GLU G 8 19.37 -12.11 8.56
CA GLU G 8 18.61 -12.96 9.47
C GLU G 8 19.07 -12.80 10.91
N LEU G 9 20.37 -12.60 11.14
CA LEU G 9 20.82 -12.37 12.51
C LEU G 9 20.19 -11.10 13.06
N VAL G 10 20.14 -10.06 12.24
CA VAL G 10 19.54 -8.80 12.68
C VAL G 10 18.04 -8.95 12.85
N ASP G 11 17.38 -9.69 11.96
CA ASP G 11 15.94 -9.91 12.09
C ASP G 11 15.63 -10.67 13.37
N ALA G 12 16.46 -11.65 13.73
CA ALA G 12 16.26 -12.36 14.99
C ALA G 12 16.40 -11.42 16.18
N ALA G 13 17.37 -10.51 16.14
CA ALA G 13 17.51 -9.53 17.22
C ALA G 13 16.31 -8.58 17.25
N ALA G 14 15.84 -8.14 16.08
CA ALA G 14 14.71 -7.20 16.05
C ALA G 14 13.43 -7.83 16.59
N GLU G 15 13.13 -9.07 16.19
CA GLU G 15 11.95 -9.74 16.73
C GLU G 15 12.09 -9.92 18.23
N ARG G 16 13.31 -10.23 18.69
CA ARG G 16 13.53 -10.38 20.13
C ARG G 16 13.37 -9.05 20.87
N LEU G 17 13.67 -7.92 20.23
CA LEU G 17 13.48 -6.62 20.88
C LEU G 17 12.01 -6.36 21.20
N GLU G 18 11.10 -6.88 20.38
CA GLU G 18 9.68 -6.66 20.59
C GLU G 18 9.16 -7.35 21.84
N VAL G 19 9.95 -8.23 22.45
CA VAL G 19 9.57 -8.81 23.73
C VAL G 19 9.43 -7.72 24.79
N ALA G 20 10.02 -6.54 24.54
CA ALA G 20 9.94 -5.46 25.51
C ALA G 20 8.51 -5.02 25.77
N ASP G 21 7.68 -5.00 24.72
CA ASP G 21 6.31 -4.53 24.88
C ASP G 21 5.48 -5.39 25.82
N PRO G 22 5.37 -6.71 25.63
CA PRO G 22 4.66 -7.52 26.65
C PRO G 22 5.29 -7.42 28.02
N VAL G 23 6.62 -7.35 28.11
CA VAL G 23 7.27 -7.27 29.41
C VAL G 23 6.97 -5.92 30.07
N ALA G 24 7.06 -4.84 29.29
CA ALA G 24 6.72 -3.53 29.83
C ALA G 24 5.27 -3.50 30.28
N ALA G 25 4.36 -4.06 29.48
CA ALA G 25 2.96 -4.08 29.84
C ALA G 25 2.74 -4.85 31.14
N PHE G 26 3.41 -5.98 31.31
CA PHE G 26 3.24 -6.75 32.54
C PHE G 26 3.88 -6.04 33.73
N LYS G 27 5.12 -5.59 33.58
CA LYS G 27 5.79 -4.95 34.70
C LYS G 27 5.07 -3.68 35.13
N TRP G 28 4.47 -2.96 34.18
CA TRP G 28 3.68 -1.79 34.53
C TRP G 28 2.55 -2.15 35.47
N ARG G 29 1.73 -3.15 35.11
CA ARG G 29 0.61 -3.51 35.95
C ARG G 29 1.07 -4.15 37.26
N ALA G 30 2.17 -4.88 37.23
CA ALA G 30 2.67 -5.57 38.42
C ALA G 30 3.63 -4.73 39.24
N GLN G 31 3.95 -3.51 38.80
CA GLN G 31 4.89 -2.63 39.49
C GLN G 31 6.24 -3.32 39.72
N LEU G 32 6.76 -3.96 38.68
CA LEU G 32 8.08 -4.59 38.78
C LEU G 32 9.15 -3.63 38.27
N PRO G 33 10.34 -3.65 38.88
CA PRO G 33 11.44 -2.81 38.37
C PRO G 33 11.94 -3.27 37.02
N ILE G 34 12.13 -2.31 36.12
CA ILE G 34 12.68 -2.62 34.81
C ILE G 34 14.10 -3.12 34.91
N GLU G 35 14.87 -2.63 35.89
CA GLU G 35 16.28 -3.01 35.99
C GLU G 35 16.47 -4.48 36.38
N ASP G 36 15.49 -5.06 37.08
CA ASP G 36 15.57 -6.47 37.46
C ASP G 36 15.22 -7.31 36.24
N SER G 37 16.23 -7.52 35.38
CA SER G 37 16.01 -8.06 34.06
C SER G 37 16.70 -9.41 33.80
N GLY G 38 17.50 -9.91 34.73
CA GLY G 38 17.96 -11.28 34.66
C GLY G 38 19.45 -11.49 34.44
N ARG G 39 20.25 -10.43 34.38
CA ARG G 39 21.69 -10.63 34.21
C ARG G 39 22.26 -11.17 35.52
N VAL G 40 21.99 -12.44 35.81
CA VAL G 40 22.42 -13.10 37.03
C VAL G 40 23.39 -14.23 36.66
N GLU G 41 24.10 -14.74 37.67
CA GLU G 41 25.15 -15.71 37.40
C GLU G 41 24.61 -16.95 36.70
N GLN G 42 23.48 -17.48 37.18
CA GLN G 42 22.92 -18.69 36.58
C GLN G 42 22.55 -18.44 35.12
N GLN G 43 22.01 -17.27 34.81
CA GLN G 43 21.69 -16.96 33.42
C GLN G 43 22.94 -16.72 32.60
N LEU G 44 23.94 -16.03 33.17
CA LEU G 44 25.19 -15.82 32.45
C LEU G 44 25.87 -17.15 32.14
N ALA G 45 25.93 -18.04 33.12
CA ALA G 45 26.55 -19.34 32.91
C ALA G 45 25.80 -20.14 31.86
N LYS G 46 24.47 -20.13 31.91
CA LYS G 46 23.71 -20.79 30.87
C LYS G 46 23.99 -20.18 29.51
N LEU G 47 24.05 -18.85 29.44
CA LEU G 47 24.37 -18.19 28.17
C LEU G 47 25.75 -18.61 27.68
N GLY G 48 26.73 -18.65 28.58
CA GLY G 48 28.07 -19.05 28.19
C GLY G 48 28.16 -20.52 27.82
N GLU G 49 27.46 -21.38 28.58
CA GLU G 49 27.51 -22.81 28.27
C GLU G 49 26.83 -23.11 26.94
N ASP G 50 25.72 -22.42 26.64
CA ASP G 50 25.10 -22.59 25.34
C ASP G 50 25.97 -22.01 24.23
N ALA G 51 26.74 -20.97 24.54
CA ALA G 51 27.66 -20.43 23.54
C ALA G 51 28.77 -21.43 23.24
N ARG G 52 29.42 -21.95 24.28
CA ARG G 52 30.44 -22.98 24.06
C ARG G 52 29.84 -24.21 23.39
N SER G 53 28.58 -24.52 23.67
CA SER G 53 27.94 -25.66 23.01
C SER G 53 27.79 -25.43 21.51
N GLN G 54 27.68 -24.18 21.08
CA GLN G 54 27.63 -23.82 19.66
C GLN G 54 29.00 -23.41 19.09
N HIS G 55 30.08 -23.50 19.87
CA HIS G 55 31.43 -23.22 19.41
C HIS G 55 31.59 -21.76 18.99
N ILE G 56 31.08 -20.86 19.83
CA ILE G 56 31.26 -19.42 19.71
C ILE G 56 31.78 -18.88 21.03
N ASP G 57 32.49 -17.76 20.97
CA ASP G 57 33.17 -17.22 22.15
C ASP G 57 32.12 -16.75 23.16
N PRO G 58 32.15 -17.26 24.40
CA PRO G 58 31.16 -16.77 25.39
C PRO G 58 31.26 -15.28 25.67
N ASP G 59 32.46 -14.72 25.66
CA ASP G 59 32.61 -13.28 25.89
C ASP G 59 31.89 -12.49 24.82
N TYR G 60 32.04 -12.90 23.56
CA TYR G 60 31.33 -12.26 22.45
C TYR G 60 29.83 -12.41 22.61
N VAL G 61 29.37 -13.63 22.86
CA VAL G 61 27.93 -13.88 22.99
C VAL G 61 27.37 -13.10 24.16
N THR G 62 28.09 -13.09 25.29
CA THR G 62 27.64 -12.28 26.43
C THR G 62 27.62 -10.80 26.07
N ARG G 63 28.65 -10.34 25.34
CA ARG G 63 28.67 -8.93 24.91
C ARG G 63 27.52 -8.63 23.98
N VAL G 64 27.15 -9.57 23.13
CA VAL G 64 25.98 -9.36 22.26
C VAL G 64 24.73 -9.20 23.11
N PHE G 65 24.53 -10.11 24.07
CA PHE G 65 23.32 -10.09 24.90
C PHE G 65 23.33 -8.97 25.93
N ASP G 66 24.51 -8.50 26.35
CA ASP G 66 24.54 -7.30 27.15
C ASP G 66 24.04 -6.10 26.35
N ASP G 67 24.38 -6.04 25.06
CA ASP G 67 23.82 -5.00 24.22
C ASP G 67 22.32 -5.18 24.05
N GLN G 68 21.86 -6.43 23.90
CA GLN G 68 20.44 -6.66 23.66
C GLN G 68 19.61 -6.23 24.86
N ILE G 69 20.06 -6.56 26.07
CA ILE G 69 19.25 -6.27 27.25
C ILE G 69 19.14 -4.76 27.46
N ARG G 70 20.21 -4.02 27.17
CA ARG G 70 20.15 -2.57 27.31
C ARG G 70 19.17 -1.96 26.33
N ALA G 71 19.13 -2.45 25.08
CA ALA G 71 18.14 -1.98 24.13
C ALA G 71 16.73 -2.36 24.56
N THR G 72 16.57 -3.57 25.10
CA THR G 72 15.26 -4.02 25.56
C THR G 72 14.78 -3.16 26.72
N GLU G 73 15.67 -2.91 27.69
CA GLU G 73 15.30 -2.03 28.80
C GLU G 73 14.93 -0.64 28.29
N ALA G 74 15.64 -0.17 27.26
CA ALA G 74 15.36 1.17 26.74
C ALA G 74 13.95 1.26 26.18
N ILE G 75 13.49 0.23 25.48
CA ILE G 75 12.12 0.25 24.95
C ILE G 75 11.11 0.26 26.09
N GLU G 76 11.32 -0.58 27.10
CA GLU G 76 10.41 -0.63 28.23
C GLU G 76 10.35 0.72 28.96
N TYR G 77 11.50 1.39 29.12
CA TYR G 77 11.53 2.69 29.76
C TYR G 77 10.72 3.70 28.95
N SER G 78 10.84 3.65 27.62
CA SER G 78 10.09 4.55 26.77
C SER G 78 8.59 4.30 26.89
N ARG G 79 8.19 3.03 27.03
CA ARG G 79 6.78 2.73 27.25
C ARG G 79 6.30 3.32 28.57
N PHE G 80 7.10 3.16 29.64
CA PHE G 80 6.71 3.73 30.92
C PHE G 80 6.59 5.26 30.83
N SER G 81 7.48 5.90 30.08
CA SER G 81 7.35 7.34 29.90
C SER G 81 6.03 7.68 29.21
N ASP G 82 5.68 6.92 28.15
CA ASP G 82 4.44 7.16 27.43
C ASP G 82 3.21 6.90 28.30
N TRP G 83 3.23 5.80 29.07
CA TRP G 83 2.05 5.43 29.85
C TRP G 83 1.85 6.34 31.05
N LYS G 84 2.92 6.93 31.57
CA LYS G 84 2.77 7.92 32.63
C LYS G 84 2.07 9.16 32.10
N LEU G 85 2.45 9.61 30.90
CA LEU G 85 1.85 10.80 30.33
C LEU G 85 0.39 10.55 29.96
N ASN G 86 0.11 9.43 29.31
CA ASN G 86 -1.26 9.07 28.92
C ASN G 86 -1.52 7.60 29.28
N PRO G 87 -2.13 7.32 30.43
CA PRO G 87 -2.33 5.91 30.80
C PRO G 87 -3.16 5.13 29.79
N ALA G 88 -4.14 5.78 29.16
CA ALA G 88 -5.04 5.07 28.27
C ALA G 88 -4.29 4.44 27.10
N SER G 89 -3.13 5.00 26.73
CA SER G 89 -2.38 4.46 25.60
C SER G 89 -1.70 3.13 25.93
N ALA G 90 -1.69 2.72 27.20
CA ALA G 90 -1.14 1.43 27.55
C ALA G 90 -2.00 0.33 26.93
N PRO G 91 -1.42 -0.77 26.49
CA PRO G 91 -2.23 -1.84 25.89
C PRO G 91 -3.30 -2.29 26.86
N PRO G 92 -4.55 -2.46 26.39
CA PRO G 92 -5.63 -2.92 27.26
C PRO G 92 -5.58 -4.42 27.50
N GLU G 93 -5.09 -5.16 26.50
CA GLU G 93 -5.09 -6.63 26.53
C GLU G 93 -3.91 -7.13 27.36
N PRO G 94 -4.09 -8.24 28.13
CA PRO G 94 -2.93 -8.75 28.85
C PRO G 94 -1.90 -9.34 27.92
N PRO G 95 -0.62 -9.14 28.18
CA PRO G 95 0.40 -9.76 27.33
C PRO G 95 0.48 -11.26 27.57
N ASP G 96 0.82 -11.98 26.51
CA ASP G 96 0.93 -13.44 26.57
C ASP G 96 2.39 -13.81 26.81
N LEU G 97 2.72 -14.06 28.08
CA LEU G 97 4.10 -14.36 28.44
C LEU G 97 4.45 -15.84 28.22
N SER G 98 3.46 -16.74 28.20
CA SER G 98 3.77 -18.11 27.81
C SER G 98 4.20 -18.17 26.35
N ALA G 99 3.51 -17.44 25.48
CA ALA G 99 3.92 -17.36 24.08
C ALA G 99 5.30 -16.76 23.94
N SER G 100 5.59 -15.71 24.73
CA SER G 100 6.89 -15.04 24.63
C SER G 100 8.03 -15.96 25.04
N ARG G 101 7.82 -16.81 26.04
CA ARG G 101 8.91 -17.68 26.50
C ARG G 101 9.38 -18.59 25.39
N SER G 102 8.46 -19.19 24.64
CA SER G 102 8.84 -20.06 23.55
C SER G 102 9.41 -19.27 22.38
N ALA G 103 8.90 -18.06 22.13
CA ALA G 103 9.46 -17.21 21.08
C ALA G 103 10.91 -16.84 21.40
N ILE G 104 11.18 -16.48 22.65
CA ILE G 104 12.54 -16.10 23.03
C ILE G 104 13.50 -17.26 22.86
N ASP G 105 13.07 -18.47 23.24
CA ASP G 105 13.95 -19.63 23.18
C ASP G 105 14.38 -19.90 21.74
N SER G 106 13.43 -19.87 20.80
CA SER G 106 13.79 -20.04 19.39
C SER G 106 14.63 -18.87 18.89
N LEU G 107 14.29 -17.65 19.27
CA LEU G 107 15.08 -16.49 18.82
C LEU G 107 16.49 -16.56 19.37
N ASN G 108 16.64 -17.00 20.63
CA ASN G 108 17.97 -17.21 21.18
C ASN G 108 18.73 -18.24 20.35
N ASN G 109 18.10 -19.40 20.08
CA ASN G 109 18.76 -20.43 19.28
C ASN G 109 19.03 -19.93 17.87
N ARG G 110 18.06 -19.21 17.28
CA ARG G 110 18.28 -18.64 15.95
C ARG G 110 19.47 -17.68 15.95
N MET G 111 19.58 -16.83 16.97
CA MET G 111 20.69 -15.89 17.03
C MET G 111 22.03 -16.60 17.17
N LEU G 112 22.12 -17.57 18.08
CA LEU G 112 23.40 -18.21 18.35
C LEU G 112 23.89 -19.00 17.14
N SER G 113 23.01 -19.76 16.48
CA SER G 113 23.43 -20.53 15.32
C SER G 113 23.82 -19.63 14.16
N GLN G 114 23.19 -18.46 14.04
CA GLN G 114 23.58 -17.51 13.00
C GLN G 114 24.98 -16.96 13.27
N ILE G 115 25.31 -16.74 14.55
CA ILE G 115 26.64 -16.24 14.88
C ILE G 115 27.68 -17.25 14.42
N TRP G 116 27.43 -18.54 14.61
CA TRP G 116 28.33 -19.55 14.09
C TRP G 116 28.30 -19.58 12.57
N SER G 117 27.10 -19.54 11.98
CA SER G 117 26.98 -19.68 10.54
C SER G 117 27.62 -18.52 9.78
N HIS G 118 27.81 -17.37 10.42
CA HIS G 118 28.36 -16.19 9.77
C HIS G 118 29.55 -15.60 10.52
N TRP G 119 30.29 -16.43 11.25
CA TRP G 119 31.42 -15.90 12.02
C TRP G 119 32.46 -15.27 11.09
N SER G 120 32.70 -15.88 9.93
CA SER G 120 33.72 -15.35 9.02
C SER G 120 33.38 -13.93 8.59
N LEU G 121 32.11 -13.67 8.27
CA LEU G 121 31.72 -12.30 7.91
C LEU G 121 31.73 -11.40 9.14
N LEU G 122 31.30 -11.92 10.30
CA LEU G 122 31.30 -11.09 11.50
C LEU G 122 32.70 -10.69 11.92
N SER G 123 33.71 -11.50 11.61
CA SER G 123 35.09 -11.19 11.94
C SER G 123 35.83 -10.41 10.87
N ALA G 124 35.22 -10.18 9.71
CA ALA G 124 35.92 -9.58 8.59
C ALA G 124 35.73 -8.08 8.59
N PRO G 125 36.62 -7.34 7.92
CA PRO G 125 36.45 -5.88 7.84
C PRO G 125 35.15 -5.46 7.17
N SER G 126 34.58 -6.32 6.32
CA SER G 126 33.33 -6.00 5.64
C SER G 126 32.12 -6.18 6.53
N CYS G 127 32.30 -6.59 7.79
CA CYS G 127 31.17 -6.75 8.69
C CYS G 127 30.38 -5.45 8.81
N ALA G 128 31.08 -4.33 8.99
CA ALA G 128 30.40 -3.07 9.28
C ALA G 128 29.45 -2.69 8.16
N ALA G 129 29.91 -2.81 6.90
CA ALA G 129 29.05 -2.48 5.78
C ALA G 129 27.87 -3.45 5.68
N GLN G 130 28.14 -4.75 5.86
CA GLN G 130 27.08 -5.74 5.75
C GLN G 130 26.04 -5.56 6.86
N LEU G 131 26.49 -5.19 8.07
CA LEU G 131 25.56 -4.96 9.16
C LEU G 131 24.66 -3.78 8.87
N ASP G 132 25.20 -2.69 8.33
CA ASP G 132 24.39 -1.51 8.09
C ASP G 132 23.26 -1.79 7.11
N ARG G 133 23.55 -2.45 5.98
CA ARG G 133 22.47 -2.85 5.09
C ARG G 133 21.54 -3.84 5.77
N ALA G 134 22.10 -4.79 6.54
CA ALA G 134 21.25 -5.74 7.24
C ALA G 134 20.25 -5.01 8.12
N LYS G 135 20.74 -4.04 8.91
CA LYS G 135 19.83 -3.25 9.74
C LYS G 135 18.83 -2.48 8.89
N ARG G 136 19.30 -1.87 7.81
CA ARG G 136 18.42 -1.06 6.96
C ARG G 136 17.33 -1.93 6.32
N ASP G 137 17.67 -3.14 5.87
CA ASP G 137 16.66 -4.04 5.35
C ASP G 137 15.63 -4.38 6.43
N ILE G 138 16.08 -4.72 7.63
CA ILE G 138 15.17 -5.16 8.68
C ILE G 138 14.31 -4.00 9.15
N VAL G 139 14.87 -2.80 9.23
CA VAL G 139 14.09 -1.64 9.61
C VAL G 139 12.95 -1.44 8.62
N ARG G 140 13.22 -1.68 7.34
CA ARG G 140 12.18 -1.55 6.31
C ARG G 140 11.13 -2.63 6.44
N SER G 141 11.54 -3.90 6.48
CA SER G 141 10.59 -5.00 6.40
C SER G 141 9.74 -5.12 7.67
N ARG G 142 10.31 -4.81 8.83
CA ARG G 142 9.58 -4.89 10.09
C ARG G 142 8.87 -3.58 10.45
N HIS G 143 8.95 -2.55 9.62
CA HIS G 143 8.35 -1.26 9.92
C HIS G 143 8.76 -0.77 11.31
N LEU G 144 10.08 -0.68 11.51
CA LEU G 144 10.61 -0.27 12.80
C LEU G 144 10.55 1.25 12.88
N ASP G 145 10.02 1.76 13.98
CA ASP G 145 9.91 3.19 14.21
C ASP G 145 11.21 3.72 14.81
N SER G 146 11.23 5.03 15.10
CA SER G 146 12.46 5.68 15.54
C SER G 146 13.02 5.00 16.79
N LEU G 147 12.15 4.63 17.73
CA LEU G 147 12.62 3.99 18.95
C LEU G 147 13.28 2.65 18.64
N TYR G 148 12.62 1.80 17.84
CA TYR G 148 13.17 0.48 17.57
C TYR G 148 14.40 0.57 16.69
N GLN G 149 14.46 1.55 15.79
CA GLN G 149 15.67 1.74 15.00
C GLN G 149 16.87 1.95 15.91
N ARG G 150 16.74 2.86 16.88
CA ARG G 150 17.85 3.12 17.77
C ARG G 150 18.16 1.89 18.62
N ALA G 151 17.12 1.17 19.06
CA ALA G 151 17.34 -0.03 19.86
C ALA G 151 18.02 -1.12 19.04
N LEU G 152 17.67 -1.24 17.75
CA LEU G 152 18.34 -2.24 16.92
C LEU G 152 19.83 -1.92 16.76
N THR G 153 20.16 -0.63 16.64
CA THR G 153 21.57 -0.23 16.61
C THR G 153 22.27 -0.57 17.91
N THR G 154 21.64 -0.29 19.04
CA THR G 154 22.25 -0.61 20.33
C THR G 154 22.44 -2.12 20.49
N ALA G 155 21.47 -2.90 20.03
CA ALA G 155 21.51 -4.36 20.23
C ALA G 155 22.53 -5.05 19.33
N THR G 156 22.94 -4.40 18.23
CA THR G 156 23.82 -5.02 17.26
C THR G 156 25.21 -4.38 17.22
N GLN G 157 25.50 -3.48 18.17
CA GLN G 157 26.71 -2.67 18.04
C GLN G 157 27.99 -3.47 18.31
N SER G 158 27.88 -4.69 18.83
CA SER G 158 29.05 -5.51 19.08
C SER G 158 29.16 -6.67 18.10
N TYR G 159 28.31 -6.68 17.06
CA TYR G 159 28.34 -7.76 16.09
C TYR G 159 29.70 -7.83 15.40
N CYS G 160 30.28 -6.67 15.08
CA CYS G 160 31.54 -6.59 14.36
C CYS G 160 32.74 -6.52 15.30
N GLN G 161 32.56 -6.83 16.59
CA GLN G 161 33.65 -6.91 17.54
C GLN G 161 34.23 -8.32 17.62
N ALA G 162 34.07 -9.12 16.57
CA ALA G 162 34.58 -10.48 16.48
C ALA G 162 35.98 -10.49 15.89
N LEU G 163 36.70 -11.59 16.13
CA LEU G 163 38.11 -11.69 15.79
C LEU G 163 38.43 -12.88 14.91
N THR H 3 -1.83 37.37 27.47
CA THR H 3 -1.46 36.43 28.52
C THR H 3 -2.70 35.84 29.18
N SER H 4 -2.57 34.61 29.65
CA SER H 4 -3.67 33.93 30.33
C SER H 4 -3.59 34.22 31.82
N GLN H 5 -4.75 34.12 32.47
CA GLN H 5 -4.80 34.33 33.92
C GLN H 5 -4.15 33.19 34.67
N LEU H 6 -4.01 32.01 34.05
CA LEU H 6 -3.32 30.88 34.64
C LEU H 6 -1.86 30.79 34.22
N ALA H 7 -1.37 31.76 33.43
CA ALA H 7 -0.03 31.65 32.87
C ALA H 7 1.03 31.48 33.96
N GLU H 8 0.90 32.22 35.06
CA GLU H 8 1.90 32.14 36.12
C GLU H 8 1.85 30.79 36.83
N LEU H 9 0.65 30.23 37.01
CA LEU H 9 0.52 28.90 37.58
C LEU H 9 1.16 27.85 36.66
N VAL H 10 0.92 27.97 35.36
CA VAL H 10 1.47 27.00 34.41
C VAL H 10 2.98 27.15 34.30
N ASP H 11 3.50 28.38 34.34
CA ASP H 11 4.94 28.57 34.26
C ASP H 11 5.65 27.92 35.45
N ALA H 12 5.07 28.04 36.63
CA ALA H 12 5.63 27.36 37.79
C ALA H 12 5.58 25.85 37.61
N ALA H 13 4.48 25.33 37.08
CA ALA H 13 4.38 23.89 36.85
C ALA H 13 5.40 23.43 35.82
N ALA H 14 5.57 24.19 34.73
CA ALA H 14 6.54 23.81 33.71
C ALA H 14 7.96 23.86 34.26
N GLU H 15 8.29 24.91 35.01
CA GLU H 15 9.62 24.98 35.63
C GLU H 15 9.83 23.84 36.60
N ARG H 16 8.81 23.47 37.36
CA ARG H 16 8.94 22.38 38.33
C ARG H 16 9.23 21.04 37.64
N LEU H 17 8.78 20.89 36.39
CA LEU H 17 9.04 19.65 35.66
C LEU H 17 10.52 19.42 35.45
N GLU H 18 11.31 20.50 35.37
CA GLU H 18 12.74 20.40 35.07
C GLU H 18 13.53 19.75 36.20
N VAL H 19 12.94 19.56 37.37
CA VAL H 19 13.56 18.77 38.42
C VAL H 19 13.80 17.33 37.97
N ALA H 20 13.11 16.89 36.92
CA ALA H 20 13.28 15.52 36.45
C ALA H 20 14.72 15.26 36.02
N ASP H 21 15.36 16.25 35.39
CA ASP H 21 16.72 16.05 34.89
C ASP H 21 17.74 15.84 36.00
N PRO H 22 17.87 16.71 36.99
CA PRO H 22 18.80 16.42 38.09
C PRO H 22 18.46 15.12 38.82
N VAL H 23 17.16 14.84 39.01
CA VAL H 23 16.77 13.64 39.73
C VAL H 23 17.13 12.40 38.93
N ALA H 24 16.86 12.43 37.62
CA ALA H 24 17.24 11.31 36.76
C ALA H 24 18.75 11.10 36.77
N ALA H 25 19.52 12.18 36.69
CA ALA H 25 20.98 12.05 36.68
C ALA H 25 21.47 11.39 37.98
N PHE H 26 20.91 11.79 39.11
CA PHE H 26 21.35 11.20 40.37
C PHE H 26 20.92 9.74 40.46
N LYS H 27 19.65 9.46 40.15
CA LYS H 27 19.14 8.10 40.25
C LYS H 27 19.84 7.16 39.28
N TRP H 28 20.21 7.66 38.10
CA TRP H 28 20.97 6.84 37.15
C TRP H 28 22.27 6.34 37.77
N ARG H 29 23.04 7.27 38.35
CA ARG H 29 24.32 6.90 38.96
C ARG H 29 24.11 6.07 40.22
N ALA H 30 23.07 6.37 40.98
CA ALA H 30 22.82 5.71 42.25
C ALA H 30 21.97 4.46 42.12
N GLN H 31 21.51 4.12 40.91
CA GLN H 31 20.68 2.94 40.70
C GLN H 31 19.46 2.94 41.62
N LEU H 32 18.81 4.10 41.71
CA LEU H 32 17.58 4.25 42.48
C LEU H 32 16.35 4.09 41.60
N PRO H 33 15.28 3.51 42.12
CA PRO H 33 14.05 3.38 41.33
C PRO H 33 13.41 4.73 41.06
N ILE H 34 12.98 4.93 39.82
CA ILE H 34 12.23 6.14 39.49
C ILE H 34 10.89 6.18 40.20
N GLU H 35 10.27 5.02 40.44
CA GLU H 35 8.93 5.01 41.02
C GLU H 35 8.94 5.50 42.47
N ASP H 36 10.04 5.30 43.19
CA ASP H 36 10.14 5.74 44.59
C ASP H 36 10.38 7.25 44.59
N SER H 37 9.28 7.99 44.46
CA SER H 37 9.31 9.43 44.22
C SER H 37 8.63 10.26 45.29
N GLY H 38 8.05 9.66 46.33
CA GLY H 38 7.63 10.41 47.49
C GLY H 38 6.15 10.49 47.78
N ARG H 39 5.29 9.82 47.01
CA ARG H 39 3.88 9.84 47.33
C ARG H 39 3.59 8.94 48.52
N VAL H 40 3.99 9.38 49.72
CA VAL H 40 3.80 8.61 50.94
C VAL H 40 2.89 9.39 51.88
N GLU H 41 2.46 8.72 52.95
CA GLU H 41 1.48 9.33 53.84
C GLU H 41 1.98 10.64 54.43
N GLN H 42 3.24 10.66 54.87
CA GLN H 42 3.74 11.88 55.49
C GLN H 42 3.75 13.03 54.48
N GLN H 43 4.15 12.74 53.24
CA GLN H 43 4.16 13.79 52.23
C GLN H 43 2.75 14.17 51.81
N LEU H 44 1.86 13.18 51.69
CA LEU H 44 0.46 13.49 51.40
C LEU H 44 -0.15 14.35 52.51
N ALA H 45 0.11 13.98 53.77
CA ALA H 45 -0.38 14.78 54.88
C ALA H 45 0.22 16.18 54.87
N LYS H 46 1.52 16.28 54.62
CA LYS H 46 2.15 17.60 54.54
C LYS H 46 1.51 18.45 53.47
N LEU H 47 1.24 17.87 52.29
CA LEU H 47 0.61 18.62 51.22
C LEU H 47 -0.76 19.13 51.64
N GLY H 48 -1.53 18.29 52.34
CA GLY H 48 -2.86 18.69 52.76
C GLY H 48 -2.86 19.83 53.75
N GLU H 49 -1.91 19.82 54.69
CA GLU H 49 -1.82 20.92 55.65
C GLU H 49 -1.39 22.22 54.98
N ASP H 50 -0.48 22.15 54.01
CA ASP H 50 -0.09 23.37 53.30
C ASP H 50 -1.23 23.89 52.43
N ALA H 51 -2.07 23.00 51.89
CA ALA H 51 -3.23 23.44 51.11
C ALA H 51 -4.26 24.12 52.00
N ARG H 52 -4.60 23.50 53.14
CA ARG H 52 -5.53 24.13 54.07
C ARG H 52 -5.00 25.47 54.58
N SER H 53 -3.69 25.59 54.74
CA SER H 53 -3.11 26.86 55.13
C SER H 53 -3.26 27.92 54.05
N GLN H 54 -3.37 27.50 52.78
CA GLN H 54 -3.61 28.43 51.68
C GLN H 54 -5.09 28.55 51.32
N HIS H 55 -5.97 27.89 52.05
CA HIS H 55 -7.42 28.01 51.85
C HIS H 55 -7.83 27.54 50.46
N ILE H 56 -7.29 26.38 50.07
CA ILE H 56 -7.68 25.66 48.87
C ILE H 56 -7.96 24.21 49.25
N ASP H 57 -8.79 23.55 48.46
CA ASP H 57 -9.23 22.18 48.80
C ASP H 57 -8.05 21.21 48.72
N PRO H 58 -7.75 20.47 49.79
CA PRO H 58 -6.61 19.52 49.70
C PRO H 58 -6.77 18.44 48.64
N ASP H 59 -7.99 17.95 48.42
CA ASP H 59 -8.18 16.90 47.42
C ASP H 59 -7.82 17.39 46.04
N TYR H 60 -8.21 18.62 45.71
CA TYR H 60 -7.84 19.19 44.42
C TYR H 60 -6.33 19.35 44.31
N VAL H 61 -5.69 19.91 45.33
CA VAL H 61 -4.25 20.11 45.29
C VAL H 61 -3.52 18.78 45.16
N THR H 62 -3.98 17.77 45.90
CA THR H 62 -3.38 16.46 45.79
C THR H 62 -3.53 15.91 44.38
N ARG H 63 -4.70 16.11 43.77
CA ARG H 63 -4.91 15.65 42.40
C ARG H 63 -3.96 16.36 41.46
N VAL H 64 -3.67 17.64 41.71
CA VAL H 64 -2.70 18.37 40.88
C VAL H 64 -1.32 17.75 41.03
N PHE H 65 -0.89 17.48 42.27
CA PHE H 65 0.46 16.96 42.48
C PHE H 65 0.58 15.50 42.08
N ASP H 66 -0.51 14.75 42.07
CA ASP H 66 -0.51 13.41 41.49
C ASP H 66 -0.24 13.48 39.99
N ASP H 67 -0.83 14.46 39.31
CA ASP H 67 -0.54 14.70 37.90
C ASP H 67 0.91 15.19 37.72
N GLN H 68 1.38 16.04 38.63
CA GLN H 68 2.73 16.59 38.49
C GLN H 68 3.79 15.51 38.59
N ILE H 69 3.63 14.59 39.55
CA ILE H 69 4.69 13.60 39.79
C ILE H 69 4.77 12.64 38.61
N ARG H 70 3.65 12.24 38.02
CA ARG H 70 3.67 11.33 36.89
C ARG H 70 4.29 12.00 35.67
N ALA H 71 4.00 13.29 35.47
CA ALA H 71 4.69 14.00 34.38
C ALA H 71 6.18 14.08 34.65
N THR H 72 6.56 14.24 35.93
CA THR H 72 7.98 14.26 36.28
C THR H 72 8.60 12.88 36.09
N GLU H 73 7.93 11.84 36.58
CA GLU H 73 8.43 10.48 36.39
C GLU H 73 8.56 10.15 34.92
N ALA H 74 7.62 10.63 34.09
CA ALA H 74 7.67 10.34 32.66
C ALA H 74 8.92 10.91 32.02
N ILE H 75 9.32 12.12 32.41
CA ILE H 75 10.55 12.71 31.87
C ILE H 75 11.75 11.88 32.30
N GLU H 76 11.81 11.50 33.57
CA GLU H 76 12.93 10.70 34.05
C GLU H 76 13.02 9.38 33.28
N TYR H 77 11.87 8.76 33.00
CA TYR H 77 11.86 7.52 32.24
C TYR H 77 12.39 7.74 30.83
N SER H 78 12.04 8.86 30.20
CA SER H 78 12.56 9.13 28.87
C SER H 78 14.08 9.32 28.90
N ARG H 79 14.59 9.96 29.95
CA ARG H 79 16.04 10.09 30.07
C ARG H 79 16.69 8.73 30.22
N PHE H 80 16.13 7.87 31.08
CA PHE H 80 16.69 6.53 31.24
C PHE H 80 16.65 5.77 29.93
N SER H 81 15.58 5.95 29.14
CA SER H 81 15.52 5.31 27.84
C SER H 81 16.66 5.79 26.95
N ASP H 82 16.92 7.11 26.94
CA ASP H 82 18.01 7.66 26.14
C ASP H 82 19.36 7.16 26.62
N TRP H 83 19.56 7.10 27.95
CA TRP H 83 20.87 6.74 28.49
C TRP H 83 21.18 5.26 28.32
N LYS H 84 20.15 4.41 28.24
CA LYS H 84 20.38 3.01 27.94
C LYS H 84 20.89 2.83 26.51
N LEU H 85 20.32 3.58 25.57
CA LEU H 85 20.74 3.45 24.18
C LEU H 85 22.17 3.96 23.98
N ASN H 86 22.51 5.11 24.58
CA ASN H 86 23.82 5.74 24.45
C ASN H 86 24.36 6.07 25.83
N PRO H 87 25.22 5.20 26.39
CA PRO H 87 25.64 5.42 27.78
C PRO H 87 26.28 6.77 28.02
N ALA H 88 27.05 7.27 27.05
CA ALA H 88 27.82 8.49 27.26
C ALA H 88 26.93 9.70 27.47
N SER H 89 25.70 9.68 26.97
CA SER H 89 24.86 10.88 27.05
C SER H 89 24.35 11.16 28.47
N ALA H 90 24.49 10.24 29.42
CA ALA H 90 24.10 10.53 30.79
C ALA H 90 25.04 11.59 31.36
N PRO H 91 24.53 12.55 32.15
CA PRO H 91 25.40 13.56 32.73
C PRO H 91 26.47 12.95 33.60
N PRO H 92 27.74 13.35 33.44
CA PRO H 92 28.79 12.87 34.34
C PRO H 92 28.84 13.70 35.62
N GLU H 93 28.42 14.94 35.51
CA GLU H 93 28.54 15.91 36.58
C GLU H 93 27.49 15.65 37.66
N PRO H 94 27.84 15.82 38.93
CA PRO H 94 26.84 15.63 39.98
C PRO H 94 25.82 16.76 39.97
N PRO H 95 24.54 16.45 40.13
CA PRO H 95 23.52 17.50 40.18
C PRO H 95 23.51 18.20 41.53
N ASP H 96 23.13 19.48 41.50
CA ASP H 96 23.10 20.28 42.73
C ASP H 96 21.68 20.17 43.30
N LEU H 97 21.52 19.24 44.24
CA LEU H 97 20.21 18.94 44.80
C LEU H 97 19.81 19.90 45.90
N SER H 98 20.79 20.51 46.59
CA SER H 98 20.45 21.53 47.57
C SER H 98 19.78 22.73 46.90
N ALA H 99 20.30 23.14 45.74
CA ALA H 99 19.63 24.18 44.97
C ALA H 99 18.24 23.72 44.53
N SER H 100 18.13 22.48 44.08
CA SER H 100 16.83 21.99 43.62
C SER H 100 15.81 21.95 44.74
N ARG H 101 16.26 21.64 45.96
CA ARG H 101 15.33 21.52 47.09
C ARG H 101 14.61 22.83 47.34
N SER H 102 15.34 23.94 47.33
CA SER H 102 14.72 25.24 47.54
C SER H 102 13.90 25.66 46.32
N ALA H 103 14.32 25.28 45.12
CA ALA H 103 13.54 25.58 43.93
C ALA H 103 12.16 24.94 44.01
N ILE H 104 12.13 23.66 44.39
CA ILE H 104 10.86 22.95 44.49
C ILE H 104 9.98 23.58 45.55
N ASP H 105 10.56 23.96 46.70
CA ASP H 105 9.76 24.54 47.78
C ASP H 105 9.12 25.84 47.35
N SER H 106 9.89 26.72 46.70
CA SER H 106 9.36 27.98 46.20
C SER H 106 8.30 27.76 45.13
N LEU H 107 8.56 26.82 44.21
CA LEU H 107 7.58 26.52 43.17
C LEU H 107 6.31 25.92 43.78
N ASN H 108 6.46 25.09 44.81
CA ASN H 108 5.28 24.55 45.48
C ASN H 108 4.37 25.66 45.99
N ASN H 109 4.94 26.60 46.74
CA ASN H 109 4.14 27.70 47.26
C ASN H 109 3.56 28.55 46.14
N ARG H 110 4.34 28.83 45.10
CA ARG H 110 3.81 29.63 43.99
C ARG H 110 2.61 28.93 43.36
N MET H 111 2.69 27.60 43.19
CA MET H 111 1.54 26.88 42.66
C MET H 111 0.36 26.96 43.62
N LEU H 112 0.61 26.73 44.92
CA LEU H 112 -0.48 26.74 45.88
C LEU H 112 -1.11 28.13 45.99
N SER H 113 -0.29 29.17 46.05
CA SER H 113 -0.84 30.52 46.15
C SER H 113 -1.56 30.93 44.86
N GLN H 114 -1.09 30.45 43.71
CA GLN H 114 -1.78 30.75 42.46
C GLN H 114 -3.14 30.05 42.39
N ILE H 115 -3.24 28.83 42.93
CA ILE H 115 -4.53 28.14 42.91
C ILE H 115 -5.56 28.93 43.68
N TRP H 116 -5.17 29.49 44.84
CA TRP H 116 -6.09 30.36 45.57
C TRP H 116 -6.35 31.64 44.78
N SER H 117 -5.30 32.26 44.24
CA SER H 117 -5.44 33.54 43.56
C SER H 117 -6.29 33.45 42.31
N HIS H 118 -6.43 32.26 41.72
CA HIS H 118 -7.24 32.07 40.52
C HIS H 118 -8.24 30.93 40.71
N TRP H 119 -8.60 30.65 41.97
CA TRP H 119 -9.54 29.56 42.25
C TRP H 119 -10.87 29.75 41.56
N SER H 120 -11.37 30.99 41.51
CA SER H 120 -12.65 31.25 40.86
C SER H 120 -12.58 30.86 39.39
N LEU H 121 -11.46 31.17 38.73
CA LEU H 121 -11.30 30.81 37.32
C LEU H 121 -11.17 29.30 37.13
N LEU H 122 -10.45 28.62 38.01
CA LEU H 122 -10.26 27.19 37.85
C LEU H 122 -11.59 26.44 37.99
N SER H 123 -12.55 27.02 38.69
CA SER H 123 -13.88 26.43 38.84
C SER H 123 -14.86 26.89 37.75
N ALA H 124 -14.44 27.77 36.85
CA ALA H 124 -15.36 28.40 35.91
C ALA H 124 -15.44 27.62 34.59
N PRO H 125 -16.53 27.81 33.84
CA PRO H 125 -16.63 27.15 32.52
C PRO H 125 -15.56 27.59 31.53
N SER H 126 -15.06 28.82 31.65
CA SER H 126 -14.05 29.37 30.76
C SER H 126 -12.64 28.91 31.12
N CYS H 127 -12.50 28.04 32.13
CA CYS H 127 -11.18 27.59 32.54
C CYS H 127 -10.41 26.98 31.38
N ALA H 128 -11.08 26.14 30.58
CA ALA H 128 -10.36 25.41 29.54
C ALA H 128 -9.66 26.35 28.56
N ALA H 129 -10.34 27.41 28.14
CA ALA H 129 -9.72 28.35 27.21
C ALA H 129 -8.51 29.05 27.82
N GLN H 130 -8.63 29.49 29.08
CA GLN H 130 -7.51 30.19 29.71
C GLN H 130 -6.34 29.25 29.94
N LEU H 131 -6.60 27.98 30.26
CA LEU H 131 -5.51 27.02 30.42
C LEU H 131 -4.79 26.80 29.10
N ASP H 132 -5.54 26.70 28.00
CA ASP H 132 -4.94 26.51 26.68
C ASP H 132 -4.02 27.67 26.33
N ARG H 133 -4.49 28.91 26.57
CA ARG H 133 -3.64 30.06 26.35
C ARG H 133 -2.39 29.99 27.22
N ALA H 134 -2.55 29.60 28.48
CA ALA H 134 -1.41 29.48 29.38
C ALA H 134 -0.41 28.46 28.85
N LYS H 135 -0.89 27.28 28.47
CA LYS H 135 0.01 26.23 27.98
C LYS H 135 0.76 26.71 26.74
N ARG H 136 0.03 27.30 25.79
CA ARG H 136 0.64 27.77 24.55
C ARG H 136 1.64 28.89 24.79
N ASP H 137 1.30 29.84 25.65
CA ASP H 137 2.24 30.92 25.96
C ASP H 137 3.50 30.37 26.62
N ILE H 138 3.33 29.46 27.59
CA ILE H 138 4.48 28.96 28.34
C ILE H 138 5.37 28.10 27.45
N VAL H 139 4.77 27.31 26.55
CA VAL H 139 5.59 26.49 25.66
C VAL H 139 6.50 27.35 24.80
N ARG H 140 5.98 28.49 24.29
CA ARG H 140 6.82 29.39 23.50
C ARG H 140 7.88 30.07 24.36
N SER H 141 7.47 30.66 25.48
CA SER H 141 8.41 31.50 26.23
C SER H 141 9.51 30.66 26.86
N ARG H 142 9.17 29.45 27.31
CA ARG H 142 10.16 28.54 27.87
C ARG H 142 10.79 27.63 26.82
N HIS H 143 10.37 27.74 25.56
CA HIS H 143 10.93 26.93 24.47
C HIS H 143 10.96 25.45 24.87
N LEU H 144 9.79 24.94 25.23
CA LEU H 144 9.67 23.57 25.70
C LEU H 144 9.68 22.60 24.54
N ASP H 145 10.44 21.52 24.68
CA ASP H 145 10.54 20.51 23.63
C ASP H 145 9.36 19.54 23.69
N SER H 146 9.34 18.56 22.78
CA SER H 146 8.19 17.68 22.67
C SER H 146 7.92 16.96 23.98
N LEU H 147 8.96 16.45 24.63
CA LEU H 147 8.75 15.75 25.88
C LEU H 147 8.17 16.66 26.95
N TYR H 148 8.73 17.87 27.09
CA TYR H 148 8.24 18.77 28.12
C TYR H 148 6.83 19.28 27.79
N GLN H 149 6.51 19.45 26.51
CA GLN H 149 5.15 19.82 26.12
C GLN H 149 4.14 18.78 26.59
N ARG H 150 4.43 17.49 26.32
CA ARG H 150 3.52 16.43 26.74
C ARG H 150 3.46 16.31 28.26
N ALA H 151 4.59 16.51 28.94
CA ALA H 151 4.59 16.44 30.39
C ALA H 151 3.76 17.56 31.01
N LEU H 152 3.79 18.76 30.41
CA LEU H 152 2.98 19.86 30.94
C LEU H 152 1.49 19.60 30.77
N THR H 153 1.10 18.98 29.65
CA THR H 153 -0.30 18.60 29.47
C THR H 153 -0.75 17.62 30.55
N THR H 154 0.09 16.62 30.85
CA THR H 154 -0.24 15.66 31.89
C THR H 154 -0.33 16.33 33.25
N ALA H 155 0.55 17.29 33.52
CA ALA H 155 0.59 17.91 34.83
C ALA H 155 -0.58 18.85 35.08
N THR H 156 -1.23 19.35 34.03
CA THR H 156 -2.28 20.34 34.14
C THR H 156 -3.66 19.80 33.79
N GLN H 157 -3.79 18.49 33.61
CA GLN H 157 -5.04 17.93 33.10
C GLN H 157 -6.17 17.96 34.10
N SER H 158 -5.87 18.23 35.37
CA SER H 158 -6.91 18.38 36.39
C SER H 158 -7.01 19.82 36.91
N TYR H 159 -6.35 20.78 36.25
CA TYR H 159 -6.45 22.16 36.71
C TYR H 159 -7.89 22.66 36.64
N CYS H 160 -8.61 22.32 35.57
CA CYS H 160 -9.99 22.77 35.38
C CYS H 160 -11.02 21.79 35.95
N GLN H 161 -10.59 20.84 36.78
CA GLN H 161 -11.52 19.93 37.43
C GLN H 161 -11.99 20.43 38.78
N ALA H 162 -12.03 21.75 38.98
CA ALA H 162 -12.58 22.25 40.22
C ALA H 162 -14.10 22.28 40.10
N LEU H 163 -14.78 22.21 41.23
CA LEU H 163 -16.22 21.98 41.22
C LEU H 163 -16.99 22.99 42.05
N TYR I 2 6.28 8.39 -42.65
CA TYR I 2 7.10 7.31 -42.10
C TYR I 2 7.60 7.67 -40.71
N LEU I 3 7.90 6.63 -39.93
CA LEU I 3 8.44 6.77 -38.58
C LEU I 3 9.57 5.76 -38.43
N TRP I 4 10.79 6.24 -38.25
CA TRP I 4 11.98 5.40 -38.24
C TRP I 4 12.56 5.25 -36.84
N THR I 5 13.16 4.09 -36.58
CA THR I 5 13.86 3.87 -35.32
C THR I 5 15.22 3.21 -35.51
N TYR I 6 15.73 3.14 -36.74
CA TYR I 6 16.95 2.37 -36.98
C TYR I 6 18.13 2.98 -36.22
N TYR I 7 18.49 4.23 -36.56
CA TYR I 7 19.48 4.98 -35.80
C TYR I 7 18.86 6.17 -35.08
N GLU I 8 18.29 7.11 -35.82
CA GLU I 8 17.61 8.25 -35.22
C GLU I 8 16.10 8.03 -35.29
N LEU I 9 15.38 8.53 -34.29
CA LEU I 9 13.93 8.53 -34.37
C LEU I 9 13.54 9.67 -35.29
N ILE I 10 13.27 9.35 -36.54
CA ILE I 10 12.96 10.33 -37.56
C ILE I 10 11.49 10.15 -37.91
N PHE I 11 10.83 11.27 -38.15
CA PHE I 11 9.38 11.27 -38.30
C PHE I 11 8.99 12.25 -39.39
N LYS I 12 8.44 11.74 -40.48
CA LYS I 12 7.91 12.58 -41.53
C LYS I 12 6.40 12.50 -41.52
N PRO I 13 5.69 13.62 -41.46
CA PRO I 13 4.24 13.56 -41.61
C PRO I 13 3.86 13.13 -43.02
N CYS I 14 2.84 12.30 -43.12
CA CYS I 14 2.42 11.74 -44.39
C CYS I 14 1.31 12.56 -45.03
N TYR J 2 -0.59 -9.42 -54.00
CA TYR J 2 -1.30 -9.49 -52.72
C TYR J 2 -1.79 -10.90 -52.41
N LEU J 3 -2.02 -11.16 -51.12
CA LEU J 3 -2.54 -12.45 -50.67
C LEU J 3 -3.63 -12.19 -49.64
N TRP J 4 -4.87 -12.56 -49.96
CA TRP J 4 -6.04 -12.25 -49.16
C TRP J 4 -6.55 -13.50 -48.46
N THR J 5 -7.12 -13.31 -47.27
CA THR J 5 -7.79 -14.40 -46.58
C THR J 5 -9.11 -13.99 -45.93
N TYR J 6 -9.68 -12.83 -46.27
CA TYR J 6 -10.85 -12.38 -45.54
C TYR J 6 -12.01 -13.36 -45.74
N TYR J 7 -12.42 -13.56 -46.98
CA TYR J 7 -13.37 -14.61 -47.31
C TYR J 7 -12.74 -15.70 -48.16
N GLU J 8 -12.30 -15.37 -49.36
CA GLU J 8 -11.64 -16.35 -50.21
C GLU J 8 -10.13 -16.15 -50.10
N LEU J 9 -9.39 -17.24 -50.18
CA LEU J 9 -7.95 -17.13 -50.28
C LEU J 9 -7.65 -16.79 -51.73
N ILE J 10 -7.45 -15.50 -51.99
CA ILE J 10 -7.24 -14.98 -53.34
C ILE J 10 -5.82 -14.49 -53.41
N PHE J 11 -5.19 -14.68 -54.56
CA PHE J 11 -3.76 -14.48 -54.69
C PHE J 11 -3.45 -13.84 -56.03
N LYS J 12 -2.88 -12.62 -55.99
CA LYS J 12 -2.40 -11.98 -57.20
C LYS J 12 -0.87 -11.95 -57.20
N PRO J 13 -0.21 -12.43 -58.25
CA PRO J 13 1.24 -12.25 -58.35
C PRO J 13 1.60 -10.80 -58.58
N CYS J 14 2.67 -10.36 -57.93
CA CYS J 14 3.08 -8.97 -58.05
C CYS J 14 4.11 -8.86 -59.16
N TYR K 2 5.37 -20.76 37.38
CA TYR K 2 4.43 -21.70 37.96
C TYR K 2 3.75 -21.12 39.19
N LEU K 3 2.43 -21.18 39.17
CA LEU K 3 1.58 -20.75 40.28
C LEU K 3 0.67 -21.91 40.64
N TRP K 4 0.93 -22.52 41.80
CA TRP K 4 0.35 -23.80 42.16
C TRP K 4 -0.57 -23.67 43.37
N THR K 5 -1.68 -24.43 43.35
CA THR K 5 -2.62 -24.43 44.47
C THR K 5 -3.15 -25.81 44.85
N TYR K 6 -2.54 -26.90 44.38
CA TYR K 6 -3.13 -28.22 44.62
C TYR K 6 -3.33 -28.47 46.11
N TYR K 7 -2.24 -28.41 46.88
CA TYR K 7 -2.31 -28.44 48.34
C TYR K 7 -1.74 -27.16 48.94
N GLU K 8 -0.48 -26.84 48.69
CA GLU K 8 0.13 -25.63 49.18
C GLU K 8 0.21 -24.61 48.05
N LEU K 9 0.14 -23.34 48.41
CA LEU K 9 0.38 -22.29 47.43
C LEU K 9 1.89 -22.23 47.21
N ILE K 10 2.31 -22.64 46.01
CA ILE K 10 3.70 -22.82 45.66
C ILE K 10 4.05 -21.83 44.56
N PHE K 11 5.25 -21.26 44.67
CA PHE K 11 5.73 -20.22 43.78
C PHE K 11 7.04 -20.66 43.14
N LYS K 12 7.00 -21.00 41.86
CA LYS K 12 8.22 -21.37 41.15
C LYS K 12 8.41 -20.45 39.94
N PRO K 13 9.66 -20.23 39.52
CA PRO K 13 9.95 -19.21 38.51
C PRO K 13 9.79 -19.54 37.03
N CYS K 14 9.06 -20.57 36.65
CA CYS K 14 8.90 -20.83 35.21
C CYS K 14 10.24 -21.11 34.53
N TYR L 2 -0.05 -29.23 18.22
CA TYR L 2 -0.55 -27.90 17.91
C TYR L 2 -1.79 -27.99 17.05
N LEU L 3 -2.85 -27.38 17.57
CA LEU L 3 -4.13 -27.24 16.88
C LEU L 3 -4.48 -25.77 16.92
N TRP L 4 -4.40 -25.11 15.77
CA TRP L 4 -4.44 -23.66 15.68
C TRP L 4 -5.62 -23.21 14.83
N THR L 5 -6.23 -22.09 15.23
CA THR L 5 -7.33 -21.51 14.47
C THR L 5 -7.21 -20.01 14.31
N TYR L 6 -6.06 -19.40 14.65
CA TYR L 6 -5.96 -17.94 14.64
C TYR L 6 -6.30 -17.39 13.27
N TYR L 7 -5.59 -17.84 12.24
CA TYR L 7 -5.97 -17.56 10.86
C TYR L 7 -6.27 -18.84 10.08
N GLU L 8 -5.32 -19.75 9.97
CA GLU L 8 -5.48 -21.00 9.24
C GLU L 8 -5.70 -22.13 10.24
N LEU L 9 -6.44 -23.16 9.82
CA LEU L 9 -6.56 -24.36 10.65
C LEU L 9 -5.27 -25.15 10.45
N ILE L 10 -4.42 -25.19 11.48
CA ILE L 10 -3.08 -25.73 11.36
C ILE L 10 -2.93 -26.90 12.32
N PHE L 11 -2.31 -27.98 11.84
CA PHE L 11 -2.11 -29.20 12.63
C PHE L 11 -0.63 -29.55 12.58
N LYS L 12 0.08 -29.38 13.71
CA LYS L 12 1.50 -29.66 13.82
C LYS L 12 1.75 -30.72 14.88
N PRO L 13 2.87 -31.45 14.77
CA PRO L 13 3.05 -32.69 15.54
C PRO L 13 3.42 -32.59 17.01
N CYS L 14 3.52 -31.43 17.64
CA CYS L 14 3.82 -31.43 19.07
C CYS L 14 5.06 -32.21 19.49
N TYR M 2 13.97 25.27 -19.36
CA TYR M 2 13.06 24.33 -18.74
C TYR M 2 12.31 24.79 -17.51
N LEU M 3 10.98 24.71 -17.61
CA LEU M 3 10.08 24.98 -16.49
C LEU M 3 9.14 23.78 -16.42
N TRP M 4 9.31 22.94 -15.41
CA TRP M 4 8.69 21.62 -15.35
C TRP M 4 7.74 21.49 -14.17
N THR M 5 6.66 20.74 -14.36
CA THR M 5 5.71 20.46 -13.30
C THR M 5 5.28 19.00 -13.22
N TYR M 6 5.96 18.08 -13.91
CA TYR M 6 5.47 16.71 -13.91
C TYR M 6 5.41 16.13 -12.49
N TYR M 7 6.57 16.10 -11.81
CA TYR M 7 6.60 15.74 -10.39
C TYR M 7 7.14 16.88 -9.54
N GLU M 8 8.37 17.30 -9.76
CA GLU M 8 8.97 18.39 -9.00
C GLU M 8 8.95 19.66 -9.86
N LEU M 9 8.80 20.80 -9.19
CA LEU M 9 8.92 22.09 -9.86
C LEU M 9 10.39 22.37 -10.09
N ILE M 10 10.83 22.30 -11.34
CA ILE M 10 12.24 22.35 -11.69
C ILE M 10 12.50 23.52 -12.63
N PHE M 11 13.58 24.25 -12.38
CA PHE M 11 14.00 25.40 -13.18
C PHE M 11 15.43 25.11 -13.62
N LYS M 12 15.58 24.75 -14.88
CA LYS M 12 16.90 24.48 -15.45
C LYS M 12 17.09 25.36 -16.67
N PRO M 13 18.32 25.69 -17.02
CA PRO M 13 18.53 26.56 -18.17
C PRO M 13 18.30 25.78 -19.45
N CYS M 14 17.86 26.50 -20.47
CA CYS M 14 17.70 25.92 -21.79
C CYS M 14 19.05 25.92 -22.47
N TYR N 2 8.40 17.98 -38.79
CA TYR N 2 7.90 19.31 -39.07
C TYR N 2 6.66 19.34 -39.93
N LEU N 3 5.64 19.96 -39.37
CA LEU N 3 4.36 20.22 -40.03
C LEU N 3 4.11 21.71 -39.84
N TRP N 4 4.24 22.48 -40.91
CA TRP N 4 4.29 23.93 -40.85
C TRP N 4 3.14 24.53 -41.64
N THR N 5 2.59 25.64 -41.14
CA THR N 5 1.54 26.33 -41.87
C THR N 5 1.77 27.85 -41.92
N TYR N 6 2.93 28.34 -41.51
CA TYR N 6 3.12 29.79 -41.44
C TYR N 6 2.86 30.45 -42.79
N TYR N 7 3.60 30.03 -43.81
CA TYR N 7 3.29 30.44 -45.18
C TYR N 7 2.96 29.26 -46.09
N GLU N 8 3.88 28.33 -46.27
CA GLU N 8 3.66 27.19 -47.15
C GLU N 8 3.36 25.97 -46.28
N LEU N 9 2.53 25.07 -46.81
CA LEU N 9 2.29 23.81 -46.13
C LEU N 9 3.48 22.90 -46.40
N ILE N 10 4.29 22.68 -45.38
CA ILE N 10 5.57 21.99 -45.52
C ILE N 10 5.59 20.77 -44.61
N PHE N 11 6.04 19.64 -45.15
CA PHE N 11 6.15 18.38 -44.43
C PHE N 11 7.56 17.86 -44.62
N LYS N 12 8.40 18.01 -43.61
CA LYS N 12 9.75 17.49 -43.68
C LYS N 12 10.00 16.65 -42.44
N PRO N 13 10.92 15.71 -42.51
CA PRO N 13 11.09 14.79 -41.38
C PRO N 13 11.79 15.46 -40.21
N CYS N 14 11.35 15.08 -39.01
CA CYS N 14 11.90 15.55 -37.76
C CYS N 14 13.29 15.01 -37.51
N TYR O 2 9.48 -11.36 39.92
CA TYR O 2 10.42 -10.80 38.95
C TYR O 2 10.13 -11.34 37.57
N LEU O 3 10.52 -10.57 36.55
CA LEU O 3 10.35 -10.98 35.15
C LEU O 3 11.63 -10.67 34.39
N TRP O 4 12.30 -11.72 33.92
CA TRP O 4 13.61 -11.62 33.29
C TRP O 4 13.56 -11.85 31.79
N THR O 5 14.43 -11.14 31.06
CA THR O 5 14.60 -11.34 29.62
C THR O 5 16.06 -11.36 29.19
N TYR O 6 17.01 -11.49 30.11
CA TYR O 6 18.41 -11.35 29.72
C TYR O 6 18.80 -12.43 28.71
N TYR O 7 18.67 -13.70 29.08
CA TYR O 7 18.82 -14.78 28.12
C TYR O 7 17.51 -15.53 27.88
N GLU O 8 16.96 -16.19 28.89
CA GLU O 8 15.66 -16.83 28.74
C GLU O 8 14.61 -16.03 29.50
N LEU O 9 13.39 -16.05 28.99
CA LEU O 9 12.28 -15.37 29.64
C LEU O 9 11.88 -16.19 30.86
N ILE O 10 12.32 -15.73 32.03
CA ILE O 10 12.04 -16.39 33.30
C ILE O 10 11.08 -15.52 34.08
N PHE O 11 10.14 -16.16 34.76
CA PHE O 11 9.01 -15.44 35.33
C PHE O 11 8.69 -16.03 36.70
N LYS O 12 8.87 -15.24 37.75
CA LYS O 12 8.43 -15.70 39.05
C LYS O 12 7.27 -14.86 39.54
N PRO O 13 6.16 -15.47 39.95
CA PRO O 13 5.08 -14.71 40.58
C PRO O 13 5.49 -14.19 41.95
N CYS O 14 5.08 -12.96 42.25
CA CYS O 14 5.44 -12.35 43.52
C CYS O 14 4.35 -12.53 44.57
N TYR P 2 16.83 6.85 48.80
CA TYR P 2 15.75 7.32 47.95
C TYR P 2 15.84 8.82 47.68
N LEU P 3 15.25 9.25 46.56
CA LEU P 3 15.21 10.65 46.17
C LEU P 3 13.78 10.93 45.73
N TRP P 4 13.09 11.78 46.50
CA TRP P 4 11.68 12.03 46.31
C TRP P 4 11.47 13.37 45.66
N THR P 5 10.45 13.44 44.83
CA THR P 5 10.06 14.69 44.18
C THR P 5 8.57 14.91 44.18
N TYR P 6 7.79 14.14 44.96
CA TYR P 6 6.34 14.24 44.89
C TYR P 6 5.84 15.59 45.35
N TYR P 7 6.09 15.95 46.60
CA TYR P 7 5.80 17.28 47.11
C TYR P 7 7.08 18.04 47.45
N GLU P 8 7.87 17.53 48.39
CA GLU P 8 9.13 18.14 48.75
C GLU P 8 10.27 17.38 48.10
N LEU P 9 11.35 18.08 47.79
CA LEU P 9 12.55 17.40 47.33
C LEU P 9 13.22 16.82 48.57
N ILE P 10 12.98 15.54 48.82
CA ILE P 10 13.51 14.85 49.99
C ILE P 10 14.56 13.85 49.51
N PHE P 11 15.63 13.71 50.28
CA PHE P 11 16.81 12.98 49.85
C PHE P 11 17.40 12.20 51.01
N LYS P 12 17.35 10.87 50.94
CA LYS P 12 18.01 10.06 51.95
C LYS P 12 19.17 9.27 51.38
N PRO P 13 20.36 9.32 51.98
CA PRO P 13 21.43 8.44 51.52
C PRO P 13 21.12 6.98 51.82
N CYS P 14 21.49 6.11 50.88
CA CYS P 14 21.20 4.70 51.03
C CYS P 14 22.37 3.96 51.66
#